data_6D50
#
_entry.id   6D50
#
_cell.length_a   74.489
_cell.length_b   141.880
_cell.length_c   180.803
_cell.angle_alpha   90.00
_cell.angle_beta   90.00
_cell.angle_gamma   90.00
#
_symmetry.space_group_name_H-M   'P 21 21 21'
#
loop_
_entity.id
_entity.type
_entity.pdbx_description
1 polymer 'Glycosyl hydrolases family 2, sugar binding domain protein'
2 non-polymer 'CALCIUM ION'
3 non-polymer 'SODIUM ION'
4 non-polymer '(2S,3S,4S,5R)-3,4,5-trihydroxy-6-oxo-oxane-2-carboxylic acid'
5 water water
#
_entity_poly.entity_id   1
_entity_poly.type   'polypeptide(L)'
_entity_poly.pdbx_seq_one_letter_code
;MEREKNTLPQKACHWMAAVIISLFVLPPVHAQRQTQTINDSWKFLKGECTAAADSAFDDSKWTSIHLPHTWNTDAYTEKD
YYRGTGWYRRQLTLPQGWKEKQIILRLDAAGKSATIYINGKNVGEHAGGYTACSFNITPFLSFDTPNTLAVCVDNARQDI
APISGDFTFFGGIYRDVWLTAVPNQHFNLTNHGSDGLFISTPQVSEEQATLSIRGEVKNDAPEKATLELTHTIYRPDGTL
LQTLKKNIQLKAGETYAFSNEATPVLKPELWTPETPRLYRVETTLRNRKTKTLLDQSNHYTAFRWFRFDGDEGFFLNGKP
YKLRGICRHQDQKPIGPALTDEMHRRDFLLMKEMGANFIRISHYPQDDALLEMCDKLGMLAWEEIPIIDIVPNTPGYGDN
CERNLREMIRQHYNHPSIITWGYMNEILLVTQRKYKTEAELKPVLERTLALANRLERVLKEEDSTRISTMAFHGSNSYNE
TGLSKITDIVGWNLYQGWYGGDLTGFEKFLAQQHQNHPTHPMIVSEYGAGSDKRLHSLHPRAFDFSIEYQQKYLEHYLPV
LEDTPYICGGTHWNFIDFSSALRDESMPRINNKGLVYADRTPKDVYHYYQAAWRKDIPVLHIASRDWTDRAGVQQGNAPV
YLPVKIYTNLSEVELFIDGISLGKQKTENYTATFEVPFSNRNPFLFAQGNYQGKTVQDGLRINFTPIPACLDANNLKGLE
LAVNVGSQCFFTSDESQLTWLPDQPYAAGSWGYIGGKEGTAQTEIQNTADGPLFQTLRNEIEGYRFDAPQGVYEIELLFT
DIFRRNAGIAYQLDRNGQQENRESTFGISINGEVVEESLSPCKESGYFRALRKKYYITNDKEYIDIRFHSTSGTCFLNGI
KLRNIY
;
_entity_poly.pdbx_strand_id   A,B
#
# COMPACT_ATOMS: atom_id res chain seq x y z
N GLN A 32 18.08 -42.59 -9.94
CA GLN A 32 17.11 -41.82 -10.72
C GLN A 32 17.10 -40.30 -10.45
N ARG A 33 16.05 -39.61 -10.91
CA ARG A 33 16.06 -38.16 -11.06
C ARG A 33 15.59 -37.48 -9.78
N GLN A 34 16.34 -36.47 -9.33
CA GLN A 34 15.97 -35.56 -8.26
C GLN A 34 15.97 -34.11 -8.77
N THR A 35 14.82 -33.45 -8.71
CA THR A 35 14.72 -32.02 -9.03
C THR A 35 14.38 -31.24 -7.76
N GLN A 36 15.18 -30.23 -7.43
CA GLN A 36 14.90 -29.33 -6.31
C GLN A 36 15.44 -27.94 -6.64
N THR A 37 14.97 -26.92 -5.89
CA THR A 37 15.36 -25.54 -6.15
C THR A 37 16.64 -25.17 -5.42
N ILE A 38 17.33 -24.16 -5.95
CA ILE A 38 18.41 -23.48 -5.25
C ILE A 38 18.11 -21.98 -5.24
N ASN A 39 16.87 -21.63 -4.91
CA ASN A 39 16.44 -20.24 -4.85
C ASN A 39 17.00 -19.50 -3.65
N ASP A 40 17.54 -20.22 -2.67
CA ASP A 40 17.86 -19.65 -1.36
C ASP A 40 19.35 -19.39 -1.21
N SER A 41 19.67 -18.58 -0.20
CA SER A 41 21.02 -18.37 0.29
C SER A 41 21.93 -17.75 -0.76
N TRP A 42 21.43 -16.74 -1.47
CA TRP A 42 22.24 -15.99 -2.42
C TRP A 42 22.79 -14.73 -1.78
N LYS A 43 23.91 -14.25 -2.33
CA LYS A 43 24.39 -12.89 -2.15
C LYS A 43 24.25 -12.17 -3.49
N PHE A 44 24.12 -10.84 -3.44
CA PHE A 44 23.86 -10.06 -4.65
C PHE A 44 24.50 -8.69 -4.54
N LEU A 45 24.95 -8.18 -5.69
CA LEU A 45 25.65 -6.90 -5.79
C LEU A 45 25.21 -6.23 -7.08
N LYS A 46 24.70 -5.01 -6.97
CA LYS A 46 24.30 -4.26 -8.15
C LYS A 46 25.54 -3.66 -8.81
N GLY A 47 25.67 -3.84 -10.11
CA GLY A 47 26.76 -3.24 -10.86
C GLY A 47 27.81 -4.26 -11.27
N GLU A 48 28.85 -3.73 -11.93
CA GLU A 48 30.00 -4.53 -12.35
C GLU A 48 30.89 -4.80 -11.14
N CYS A 49 31.62 -5.91 -11.18
CA CYS A 49 32.56 -6.22 -10.11
C CYS A 49 33.74 -7.03 -10.63
N THR A 50 34.94 -6.51 -10.35
CA THR A 50 36.18 -7.25 -10.49
C THR A 50 36.12 -8.58 -9.74
N ALA A 51 36.38 -9.67 -10.45
CA ALA A 51 36.65 -10.96 -9.80
C ALA A 51 35.44 -11.52 -9.06
N ALA A 52 34.23 -11.21 -9.52
CA ALA A 52 33.04 -11.66 -8.81
C ALA A 52 32.82 -13.16 -8.92
N ALA A 53 33.26 -13.80 -10.01
CA ALA A 53 33.04 -15.24 -10.13
C ALA A 53 34.05 -16.06 -9.35
N ASP A 54 35.08 -15.45 -8.76
CA ASP A 54 36.13 -16.22 -8.07
C ASP A 54 35.57 -16.97 -6.87
N SER A 55 35.91 -18.27 -6.78
CA SER A 55 35.43 -19.09 -5.67
C SER A 55 35.75 -18.47 -4.32
N ALA A 56 36.87 -17.75 -4.22
CA ALA A 56 37.31 -17.17 -2.96
C ALA A 56 37.08 -15.66 -2.88
N PHE A 57 36.33 -15.08 -3.84
CA PHE A 57 35.90 -13.69 -3.70
C PHE A 57 35.20 -13.51 -2.36
N ASP A 58 35.40 -12.35 -1.73
CA ASP A 58 34.72 -12.04 -0.47
C ASP A 58 33.41 -11.32 -0.76
N ASP A 59 32.29 -12.03 -0.61
CA ASP A 59 31.00 -11.41 -0.83
C ASP A 59 30.26 -11.18 0.49
N SER A 60 30.99 -11.17 1.60
CA SER A 60 30.37 -11.03 2.91
C SER A 60 29.49 -9.78 2.97
N LYS A 61 30.01 -8.66 2.50
CA LYS A 61 29.28 -7.40 2.56
C LYS A 61 28.27 -7.23 1.42
N TRP A 62 28.01 -8.26 0.63
CA TRP A 62 26.94 -8.24 -0.36
C TRP A 62 25.56 -8.34 0.32
N THR A 63 24.51 -8.02 -0.43
CA THR A 63 23.16 -8.07 0.11
C THR A 63 22.63 -9.51 0.04
N SER A 64 22.19 -10.03 1.19
CA SER A 64 21.53 -11.33 1.22
C SER A 64 20.17 -11.22 0.53
N ILE A 65 19.91 -12.14 -0.41
CA ILE A 65 18.63 -12.19 -1.12
C ILE A 65 18.22 -13.64 -1.34
N HIS A 66 16.96 -13.81 -1.72
CA HIS A 66 16.35 -15.10 -1.96
C HIS A 66 15.61 -15.00 -3.28
N LEU A 67 15.83 -15.93 -4.19
CA LEU A 67 15.11 -15.83 -5.45
C LEU A 67 13.66 -16.24 -5.25
N PRO A 68 12.74 -15.75 -6.11
CA PRO A 68 13.12 -14.88 -7.23
C PRO A 68 13.39 -13.44 -6.80
N HIS A 69 14.03 -12.70 -7.71
CA HIS A 69 14.57 -11.42 -7.34
C HIS A 69 14.65 -10.52 -8.57
N THR A 70 14.50 -9.22 -8.33
CA THR A 70 14.76 -8.17 -9.31
C THR A 70 15.49 -7.02 -8.63
N TRP A 71 16.35 -6.34 -9.36
CA TRP A 71 16.98 -5.15 -8.81
C TRP A 71 16.27 -3.88 -9.24
N ASN A 72 15.09 -3.99 -9.85
CA ASN A 72 14.36 -2.86 -10.40
C ASN A 72 13.05 -2.58 -9.68
N THR A 73 13.04 -2.65 -8.34
N THR A 73 13.05 -2.66 -8.35
CA THR A 73 11.90 -2.09 -7.62
CA THR A 73 11.92 -2.10 -7.61
C THR A 73 11.84 -0.58 -7.77
C THR A 73 11.83 -0.60 -7.84
N ASP A 74 12.97 0.05 -8.10
CA ASP A 74 12.99 1.48 -8.33
C ASP A 74 12.00 1.89 -9.42
N ALA A 75 11.81 1.02 -10.42
CA ALA A 75 10.94 1.31 -11.56
C ALA A 75 9.51 1.66 -11.13
N TYR A 76 9.12 1.37 -9.88
CA TYR A 76 7.79 1.78 -9.46
C TYR A 76 7.74 3.23 -8.98
N THR A 77 8.87 3.90 -8.85
CA THR A 77 8.83 5.35 -8.65
C THR A 77 9.69 6.10 -9.66
N GLU A 78 10.88 5.59 -10.00
CA GLU A 78 11.80 6.26 -10.91
C GLU A 78 11.53 5.85 -12.35
N LYS A 79 11.33 6.84 -13.22
CA LYS A 79 11.24 6.55 -14.64
C LYS A 79 12.58 6.08 -15.22
N ASP A 80 13.70 6.58 -14.69
CA ASP A 80 15.00 6.16 -15.21
C ASP A 80 15.55 4.99 -14.38
N TYR A 81 14.92 3.83 -14.55
CA TYR A 81 15.29 2.69 -13.73
C TYR A 81 16.64 2.13 -14.13
N TYR A 82 17.33 1.54 -13.15
CA TYR A 82 18.71 1.11 -13.39
C TYR A 82 18.77 -0.02 -14.41
N ARG A 83 19.44 0.23 -15.54
N ARG A 83 19.43 0.25 -15.54
CA ARG A 83 19.67 -0.79 -16.56
CA ARG A 83 19.70 -0.76 -16.56
C ARG A 83 21.17 -1.02 -16.68
C ARG A 83 21.20 -1.00 -16.60
N GLY A 84 21.61 -2.24 -16.37
CA GLY A 84 23.01 -2.56 -16.37
C GLY A 84 23.27 -3.95 -15.83
N THR A 85 24.31 -4.09 -14.99
CA THR A 85 24.87 -5.37 -14.62
C THR A 85 24.58 -5.68 -13.16
N GLY A 86 24.35 -6.96 -12.86
CA GLY A 86 24.23 -7.40 -11.48
C GLY A 86 24.83 -8.78 -11.30
N TRP A 87 25.30 -9.04 -10.08
CA TRP A 87 26.03 -10.26 -9.74
C TRP A 87 25.36 -11.06 -8.62
N TYR A 88 25.22 -12.37 -8.84
CA TYR A 88 24.60 -13.29 -7.89
C TYR A 88 25.60 -14.40 -7.55
N ARG A 89 25.78 -14.67 -6.26
CA ARG A 89 26.65 -15.75 -5.79
C ARG A 89 25.91 -16.63 -4.82
N ARG A 90 26.04 -17.96 -5.00
CA ARG A 90 25.52 -18.95 -4.06
C ARG A 90 26.47 -20.13 -4.00
N GLN A 91 26.65 -20.68 -2.80
CA GLN A 91 27.45 -21.88 -2.62
C GLN A 91 26.66 -23.12 -2.99
N LEU A 92 27.33 -24.06 -3.68
CA LEU A 92 26.80 -25.39 -3.95
C LEU A 92 27.59 -26.42 -3.15
N THR A 93 26.91 -27.08 -2.22
CA THR A 93 27.47 -28.18 -1.46
C THR A 93 26.77 -29.44 -1.91
N LEU A 94 27.45 -30.24 -2.72
CA LEU A 94 26.79 -31.35 -3.40
C LEU A 94 26.57 -32.51 -2.43
N PRO A 95 25.38 -33.11 -2.43
CA PRO A 95 25.18 -34.33 -1.65
C PRO A 95 26.08 -35.44 -2.16
N GLN A 96 26.50 -36.32 -1.24
CA GLN A 96 27.35 -37.44 -1.63
C GLN A 96 26.63 -38.41 -2.55
N GLY A 97 25.29 -38.51 -2.43
CA GLY A 97 24.52 -39.35 -3.33
C GLY A 97 24.52 -38.91 -4.79
N TRP A 98 25.05 -37.73 -5.10
CA TRP A 98 25.12 -37.27 -6.47
C TRP A 98 26.46 -37.56 -7.13
N LYS A 99 27.37 -38.21 -6.40
CA LYS A 99 28.76 -38.37 -6.84
C LYS A 99 28.85 -38.90 -8.27
N GLU A 100 27.99 -39.86 -8.64
CA GLU A 100 28.04 -40.47 -9.95
C GLU A 100 26.87 -40.04 -10.84
N LYS A 101 26.25 -38.90 -10.55
CA LYS A 101 25.13 -38.42 -11.35
C LYS A 101 25.54 -37.20 -12.16
N GLN A 102 24.76 -36.91 -13.21
CA GLN A 102 24.88 -35.69 -13.99
C GLN A 102 24.05 -34.59 -13.33
N ILE A 103 24.66 -33.42 -13.12
CA ILE A 103 24.01 -32.25 -12.53
C ILE A 103 23.62 -31.30 -13.65
N ILE A 104 22.35 -30.93 -13.71
CA ILE A 104 21.82 -30.00 -14.72
C ILE A 104 21.31 -28.75 -14.01
N LEU A 105 21.93 -27.61 -14.31
CA LEU A 105 21.48 -26.33 -13.78
C LEU A 105 20.41 -25.77 -14.69
N ARG A 106 19.35 -25.21 -14.10
CA ARG A 106 18.29 -24.60 -14.89
C ARG A 106 17.97 -23.23 -14.30
N LEU A 107 18.05 -22.20 -15.13
CA LEU A 107 17.56 -20.88 -14.80
C LEU A 107 16.32 -20.68 -15.63
N ASP A 108 15.15 -20.70 -14.98
CA ASP A 108 13.89 -20.53 -15.70
C ASP A 108 13.75 -19.13 -16.31
N ALA A 109 14.42 -18.13 -15.75
CA ALA A 109 14.38 -16.81 -16.38
C ALA A 109 15.37 -15.90 -15.69
N ALA A 110 16.03 -15.07 -16.50
CA ALA A 110 16.89 -14.00 -16.00
C ALA A 110 16.89 -12.90 -17.06
N GLY A 111 16.71 -11.65 -16.65
CA GLY A 111 16.52 -10.56 -17.59
C GLY A 111 17.68 -9.58 -17.54
N LYS A 112 18.26 -9.29 -18.71
CA LYS A 112 17.84 -9.80 -20.02
C LYS A 112 18.73 -10.95 -20.50
N SER A 113 19.91 -11.05 -19.89
CA SER A 113 20.91 -12.02 -20.29
C SER A 113 21.68 -12.46 -19.05
N ALA A 114 22.25 -13.66 -19.12
CA ALA A 114 22.97 -14.20 -17.96
C ALA A 114 24.16 -15.04 -18.41
N THR A 115 25.21 -14.96 -17.63
CA THR A 115 26.40 -15.79 -17.82
C THR A 115 26.70 -16.53 -16.52
N ILE A 116 27.01 -17.81 -16.63
CA ILE A 116 27.08 -18.71 -15.48
C ILE A 116 28.52 -19.14 -15.26
N TYR A 117 29.02 -18.91 -14.05
CA TYR A 117 30.33 -19.38 -13.62
C TYR A 117 30.15 -20.44 -12.55
N ILE A 118 30.93 -21.52 -12.67
CA ILE A 118 31.10 -22.50 -11.60
C ILE A 118 32.57 -22.48 -11.20
N ASN A 119 32.84 -22.12 -9.94
CA ASN A 119 34.21 -22.08 -9.42
C ASN A 119 35.12 -21.21 -10.28
N GLY A 120 34.56 -20.16 -10.88
CA GLY A 120 35.34 -19.20 -11.63
C GLY A 120 35.39 -19.45 -13.12
N LYS A 121 34.87 -20.58 -13.61
CA LYS A 121 34.96 -20.96 -15.02
C LYS A 121 33.64 -20.68 -15.74
N ASN A 122 33.72 -19.93 -16.84
CA ASN A 122 32.56 -19.68 -17.68
C ASN A 122 32.00 -20.98 -18.24
N VAL A 123 30.75 -21.29 -17.89
CA VAL A 123 30.07 -22.51 -18.31
C VAL A 123 29.14 -22.26 -19.48
N GLY A 124 28.51 -21.09 -19.50
CA GLY A 124 27.49 -20.80 -20.50
C GLY A 124 26.93 -19.41 -20.31
N GLU A 125 26.10 -19.02 -21.26
CA GLU A 125 25.41 -17.75 -21.20
C GLU A 125 24.09 -17.91 -21.93
N HIS A 126 23.18 -16.97 -21.69
CA HIS A 126 21.88 -17.01 -22.36
C HIS A 126 21.34 -15.61 -22.59
N ALA A 127 20.66 -15.44 -23.72
CA ALA A 127 20.13 -14.16 -24.19
C ALA A 127 18.61 -14.28 -24.33
N GLY A 128 17.89 -13.44 -23.57
CA GLY A 128 16.45 -13.54 -23.46
C GLY A 128 16.03 -13.56 -22.01
N GLY A 129 15.15 -12.66 -21.60
CA GLY A 129 14.76 -12.55 -20.22
C GLY A 129 13.50 -13.28 -19.81
N TYR A 130 12.91 -14.12 -20.69
CA TYR A 130 11.63 -14.77 -20.42
C TYR A 130 11.61 -16.23 -20.84
N THR A 131 12.71 -16.80 -21.29
CA THR A 131 12.83 -18.22 -21.59
C THR A 131 13.88 -18.83 -20.69
N ALA A 132 13.81 -20.15 -20.55
CA ALA A 132 14.72 -20.87 -19.66
C ALA A 132 16.02 -21.21 -20.37
N CYS A 133 17.02 -21.54 -19.57
CA CYS A 133 18.28 -22.07 -20.10
C CYS A 133 18.79 -23.13 -19.12
N SER A 134 19.52 -24.13 -19.65
CA SER A 134 20.06 -25.20 -18.83
C SER A 134 21.46 -25.57 -19.31
N PHE A 135 22.27 -26.06 -18.36
CA PHE A 135 23.66 -26.42 -18.59
C PHE A 135 24.02 -27.63 -17.77
N ASN A 136 24.59 -28.65 -18.40
CA ASN A 136 25.22 -29.74 -17.67
C ASN A 136 26.49 -29.20 -17.03
N ILE A 137 26.45 -28.96 -15.72
CA ILE A 137 27.57 -28.35 -15.00
C ILE A 137 28.48 -29.41 -14.33
N THR A 138 28.26 -30.70 -14.61
CA THR A 138 29.04 -31.74 -13.92
C THR A 138 30.55 -31.59 -14.07
N PRO A 139 31.09 -31.32 -15.25
CA PRO A 139 32.56 -31.27 -15.38
C PRO A 139 33.22 -30.25 -14.49
N PHE A 140 32.55 -29.16 -14.10
CA PHE A 140 33.20 -28.10 -13.33
C PHE A 140 33.03 -28.25 -11.82
N LEU A 141 32.25 -29.21 -11.36
CA LEU A 141 31.95 -29.33 -9.94
C LEU A 141 32.91 -30.29 -9.25
N SER A 142 33.19 -30.00 -7.99
CA SER A 142 33.87 -30.91 -7.07
C SER A 142 32.86 -31.55 -6.12
N PHE A 143 33.25 -32.69 -5.54
CA PHE A 143 32.48 -33.27 -4.46
C PHE A 143 33.28 -33.35 -3.17
N ASP A 144 34.54 -32.90 -3.18
CA ASP A 144 35.36 -32.85 -1.98
C ASP A 144 35.35 -31.47 -1.32
N THR A 145 34.98 -30.43 -2.05
CA THR A 145 34.95 -29.06 -1.55
C THR A 145 33.72 -28.33 -2.06
N PRO A 146 33.26 -27.31 -1.33
CA PRO A 146 32.11 -26.53 -1.81
C PRO A 146 32.40 -25.90 -3.16
N ASN A 147 31.37 -25.80 -3.97
CA ASN A 147 31.45 -25.14 -5.25
C ASN A 147 30.83 -23.76 -5.18
N THR A 148 31.37 -22.82 -5.95
CA THR A 148 30.83 -21.48 -6.02
C THR A 148 30.03 -21.31 -7.30
N LEU A 149 28.77 -20.90 -7.17
CA LEU A 149 27.93 -20.55 -8.32
C LEU A 149 27.81 -19.03 -8.38
N ALA A 150 28.28 -18.44 -9.48
CA ALA A 150 28.15 -17.00 -9.67
C ALA A 150 27.45 -16.72 -10.98
N VAL A 151 26.49 -15.80 -10.98
CA VAL A 151 25.77 -15.45 -12.20
C VAL A 151 25.86 -13.95 -12.41
N CYS A 152 26.32 -13.56 -13.60
CA CYS A 152 26.39 -12.17 -14.01
C CYS A 152 25.21 -11.89 -14.94
N VAL A 153 24.37 -10.93 -14.57
CA VAL A 153 23.13 -10.64 -15.28
C VAL A 153 23.15 -9.20 -15.76
N ASP A 154 22.43 -8.92 -16.84
CA ASP A 154 22.54 -7.66 -17.57
C ASP A 154 21.19 -7.36 -18.21
N ASN A 155 20.53 -6.26 -17.80
CA ASN A 155 19.32 -5.81 -18.50
C ASN A 155 19.58 -4.53 -19.30
N ALA A 156 20.85 -4.22 -19.58
CA ALA A 156 21.23 -3.10 -20.44
C ALA A 156 21.31 -3.47 -21.92
N ARG A 157 21.46 -4.74 -22.25
CA ARG A 157 21.82 -5.14 -23.61
C ARG A 157 20.71 -4.82 -24.61
N GLN A 158 21.07 -4.08 -25.65
CA GLN A 158 20.15 -3.63 -26.68
C GLN A 158 20.05 -4.59 -27.86
N ASP A 159 20.77 -5.71 -27.81
CA ASP A 159 20.69 -6.71 -28.86
C ASP A 159 19.73 -7.84 -28.51
N ILE A 160 18.91 -7.66 -27.47
CA ILE A 160 18.03 -8.68 -26.94
C ILE A 160 16.62 -8.11 -26.83
N ALA A 161 15.65 -8.85 -27.35
CA ALA A 161 14.26 -8.42 -27.29
C ALA A 161 13.76 -8.38 -25.83
N PRO A 162 12.94 -7.38 -25.46
CA PRO A 162 12.52 -6.24 -26.29
C PRO A 162 13.53 -5.13 -26.17
N ILE A 163 13.66 -4.30 -27.21
CA ILE A 163 14.45 -3.08 -27.08
C ILE A 163 13.55 -1.88 -26.90
N SER A 164 12.25 -2.04 -27.12
CA SER A 164 11.28 -0.99 -26.95
C SER A 164 9.93 -1.67 -26.71
N GLY A 165 9.09 -1.03 -25.90
CA GLY A 165 7.77 -1.56 -25.61
C GLY A 165 7.24 -1.02 -24.29
N ASP A 166 5.91 -1.14 -24.12
CA ASP A 166 5.20 -0.44 -23.06
C ASP A 166 5.23 -1.20 -21.72
N PHE A 167 6.44 -1.46 -21.24
CA PHE A 167 6.60 -2.11 -19.95
C PHE A 167 8.07 -2.02 -19.53
N THR A 168 8.31 -2.35 -18.26
CA THR A 168 9.64 -2.25 -17.67
C THR A 168 10.48 -3.47 -18.01
N PHE A 169 11.75 -3.23 -18.39
CA PHE A 169 12.65 -4.33 -18.71
C PHE A 169 13.41 -4.75 -17.44
N PHE A 170 12.66 -5.35 -16.51
CA PHE A 170 13.17 -5.73 -15.20
C PHE A 170 14.43 -6.59 -15.32
N GLY A 171 15.38 -6.35 -14.43
CA GLY A 171 16.64 -7.08 -14.41
C GLY A 171 16.74 -8.00 -13.19
N GLY A 172 17.32 -9.19 -13.40
CA GLY A 172 17.62 -10.10 -12.31
C GLY A 172 17.12 -11.51 -12.57
N ILE A 173 17.25 -12.34 -11.54
CA ILE A 173 16.85 -13.75 -11.62
C ILE A 173 15.50 -13.84 -10.93
N TYR A 174 14.42 -13.74 -11.72
CA TYR A 174 13.07 -13.59 -11.18
CA TYR A 174 13.07 -13.58 -11.18
C TYR A 174 12.17 -14.78 -11.44
N ARG A 175 12.74 -15.93 -11.79
CA ARG A 175 11.97 -17.17 -11.78
C ARG A 175 12.81 -18.22 -11.08
N ASP A 176 12.25 -19.41 -10.94
CA ASP A 176 12.93 -20.48 -10.21
C ASP A 176 14.27 -20.87 -10.84
N VAL A 177 15.18 -21.33 -9.98
CA VAL A 177 16.45 -21.91 -10.38
C VAL A 177 16.51 -23.33 -9.81
N TRP A 178 16.91 -24.30 -10.64
CA TRP A 178 16.84 -25.70 -10.26
C TRP A 178 18.18 -26.42 -10.40
N LEU A 179 18.38 -27.39 -9.51
CA LEU A 179 19.31 -28.48 -9.71
C LEU A 179 18.54 -29.77 -9.96
N THR A 180 18.83 -30.43 -11.09
CA THR A 180 18.32 -31.76 -11.41
C THR A 180 19.52 -32.71 -11.54
N ALA A 181 19.55 -33.74 -10.70
CA ALA A 181 20.57 -34.76 -10.79
C ALA A 181 19.92 -36.00 -11.43
N VAL A 182 20.61 -36.60 -12.41
CA VAL A 182 20.09 -37.79 -13.09
C VAL A 182 21.18 -38.83 -13.28
N PRO A 183 20.80 -40.07 -13.62
CA PRO A 183 21.81 -41.08 -13.96
C PRO A 183 22.45 -40.78 -15.31
N ASN A 184 23.62 -41.40 -15.53
CA ASN A 184 24.36 -41.16 -16.77
C ASN A 184 23.53 -41.46 -18.02
N GLN A 185 22.43 -42.20 -17.89
CA GLN A 185 21.51 -42.45 -19.01
C GLN A 185 20.17 -41.81 -18.67
N HIS A 186 19.87 -40.69 -19.33
CA HIS A 186 18.82 -39.77 -18.95
C HIS A 186 18.25 -39.12 -20.20
N PHE A 187 17.01 -38.64 -20.09
CA PHE A 187 16.45 -37.83 -21.16
C PHE A 187 17.24 -36.53 -21.31
N ASN A 188 17.41 -36.07 -22.56
CA ASN A 188 18.14 -34.84 -22.83
C ASN A 188 17.47 -33.66 -22.14
N LEU A 189 18.23 -32.96 -21.29
CA LEU A 189 17.76 -31.77 -20.60
C LEU A 189 18.55 -30.53 -20.98
N THR A 190 19.26 -30.55 -22.10
CA THR A 190 20.01 -29.36 -22.50
C THR A 190 19.73 -28.99 -23.96
N ASN A 191 18.54 -29.37 -24.44
CA ASN A 191 17.99 -28.93 -25.72
C ASN A 191 17.17 -27.66 -25.48
N HIS A 192 17.83 -26.52 -25.62
CA HIS A 192 17.17 -25.22 -25.48
C HIS A 192 16.40 -25.11 -24.16
N GLY A 193 17.01 -25.61 -23.08
CA GLY A 193 16.41 -25.54 -21.75
C GLY A 193 15.04 -26.16 -21.61
N SER A 194 14.64 -27.06 -22.53
CA SER A 194 13.34 -27.70 -22.48
C SER A 194 13.45 -29.03 -21.73
N ASP A 195 12.40 -29.84 -21.78
CA ASP A 195 12.42 -31.18 -21.19
C ASP A 195 12.98 -32.24 -22.12
N GLY A 196 13.24 -31.92 -23.39
CA GLY A 196 13.73 -32.91 -24.32
C GLY A 196 12.69 -33.88 -24.84
N LEU A 197 11.42 -33.72 -24.49
CA LEU A 197 10.37 -34.58 -25.00
C LEU A 197 9.30 -33.71 -25.65
N PHE A 198 8.58 -34.29 -26.61
CA PHE A 198 7.65 -33.52 -27.43
C PHE A 198 6.52 -34.44 -27.87
N ILE A 199 5.31 -34.15 -27.40
CA ILE A 199 4.17 -35.03 -27.56
C ILE A 199 3.10 -34.27 -28.33
N SER A 200 2.55 -34.91 -29.36
CA SER A 200 1.59 -34.26 -30.24
C SER A 200 0.58 -35.29 -30.72
N THR A 201 -0.52 -34.78 -31.27
CA THR A 201 -1.58 -35.64 -31.78
C THR A 201 -1.80 -35.33 -33.25
N PRO A 202 -1.30 -36.16 -34.17
CA PRO A 202 -1.42 -35.82 -35.60
C PRO A 202 -2.86 -35.75 -36.07
N GLN A 203 -3.73 -36.67 -35.66
CA GLN A 203 -5.13 -36.66 -36.07
C GLN A 203 -6.01 -36.69 -34.83
N VAL A 204 -7.04 -35.86 -34.82
CA VAL A 204 -8.01 -35.82 -33.73
C VAL A 204 -9.40 -35.65 -34.34
N SER A 205 -10.30 -36.57 -34.04
CA SER A 205 -11.71 -36.44 -34.38
C SER A 205 -12.53 -36.95 -33.22
N GLU A 206 -13.86 -36.84 -33.36
CA GLU A 206 -14.73 -37.35 -32.31
C GLU A 206 -14.56 -38.84 -32.10
N GLU A 207 -14.20 -39.57 -33.16
CA GLU A 207 -14.13 -41.02 -33.16
C GLU A 207 -12.74 -41.54 -32.79
N GLN A 208 -11.68 -40.90 -33.27
CA GLN A 208 -10.36 -41.41 -32.96
C GLN A 208 -9.34 -40.29 -33.01
N ALA A 209 -8.22 -40.54 -32.34
CA ALA A 209 -7.09 -39.63 -32.33
C ALA A 209 -5.81 -40.45 -32.37
N THR A 210 -4.77 -39.89 -32.99
CA THR A 210 -3.45 -40.49 -33.01
C THR A 210 -2.52 -39.72 -32.06
N LEU A 211 -1.50 -40.41 -31.56
CA LEU A 211 -0.63 -39.85 -30.54
C LEU A 211 0.80 -40.19 -30.86
N SER A 212 1.68 -39.20 -30.74
CA SER A 212 3.07 -39.32 -31.14
C SER A 212 3.94 -38.78 -30.03
N ILE A 213 4.94 -39.57 -29.63
CA ILE A 213 5.74 -39.30 -28.44
C ILE A 213 7.21 -39.31 -28.87
N ARG A 214 7.85 -38.15 -28.84
CA ARG A 214 9.22 -38.02 -29.32
C ARG A 214 10.11 -37.47 -28.22
N GLY A 215 11.41 -37.59 -28.43
CA GLY A 215 12.34 -37.07 -27.45
C GLY A 215 13.74 -37.58 -27.73
N GLU A 216 14.64 -37.27 -26.79
CA GLU A 216 16.04 -37.63 -26.90
C GLU A 216 16.54 -38.22 -25.60
N VAL A 217 17.38 -39.24 -25.72
CA VAL A 217 18.08 -39.88 -24.62
C VAL A 217 19.57 -39.66 -24.83
N LYS A 218 20.24 -39.19 -23.80
CA LYS A 218 21.67 -38.96 -23.83
C LYS A 218 22.34 -39.95 -22.89
N ASN A 219 23.61 -40.24 -23.15
CA ASN A 219 24.35 -41.24 -22.40
C ASN A 219 25.69 -40.64 -22.08
N ASP A 220 25.83 -40.08 -20.90
CA ASP A 220 27.09 -39.45 -20.52
C ASP A 220 28.06 -40.42 -19.86
N ALA A 221 27.73 -41.72 -19.80
CA ALA A 221 28.67 -42.71 -19.30
C ALA A 221 29.88 -42.77 -20.22
N PRO A 222 31.02 -43.26 -19.71
CA PRO A 222 32.21 -43.42 -20.57
C PRO A 222 32.20 -44.66 -21.46
N GLU A 223 31.21 -45.55 -21.38
CA GLU A 223 31.07 -46.66 -22.34
C GLU A 223 29.59 -46.81 -22.68
N LYS A 224 29.26 -47.80 -23.51
CA LYS A 224 27.91 -47.96 -24.04
C LYS A 224 26.92 -48.38 -22.95
N ALA A 225 25.65 -48.51 -23.33
CA ALA A 225 24.62 -48.95 -22.39
C ALA A 225 23.39 -49.37 -23.16
N THR A 226 22.67 -50.35 -22.61
CA THR A 226 21.47 -50.91 -23.24
C THR A 226 20.26 -50.62 -22.38
N LEU A 227 19.21 -50.07 -22.98
CA LEU A 227 18.12 -49.50 -22.23
C LEU A 227 16.78 -50.01 -22.74
N GLU A 228 15.78 -49.91 -21.86
CA GLU A 228 14.38 -50.08 -22.21
C GLU A 228 13.69 -48.75 -21.99
N LEU A 229 13.15 -48.19 -23.07
CA LEU A 229 12.38 -46.96 -23.04
C LEU A 229 10.91 -47.35 -23.03
N THR A 230 10.14 -46.77 -22.10
CA THR A 230 8.73 -47.12 -21.95
C THR A 230 7.86 -45.87 -21.89
N HIS A 231 6.74 -45.89 -22.61
CA HIS A 231 5.71 -44.85 -22.52
C HIS A 231 4.44 -45.47 -21.95
N THR A 232 3.99 -44.95 -20.80
CA THR A 232 2.73 -45.35 -20.21
C THR A 232 1.72 -44.22 -20.35
N ILE A 233 0.54 -44.53 -20.86
CA ILE A 233 -0.46 -43.52 -21.19
C ILE A 233 -1.72 -43.78 -20.37
N TYR A 234 -2.13 -42.76 -19.61
CA TYR A 234 -3.26 -42.89 -18.69
C TYR A 234 -4.44 -42.03 -19.15
N ARG A 235 -5.65 -42.61 -19.09
CA ARG A 235 -6.90 -41.89 -19.27
C ARG A 235 -7.06 -40.75 -18.27
N PRO A 236 -8.03 -39.85 -18.50
CA PRO A 236 -8.28 -38.79 -17.50
C PRO A 236 -8.58 -39.34 -16.11
N ASP A 237 -9.34 -40.44 -16.02
CA ASP A 237 -9.70 -41.00 -14.71
C ASP A 237 -8.56 -41.78 -14.04
N GLY A 238 -7.36 -41.79 -14.60
CA GLY A 238 -6.21 -42.38 -13.96
C GLY A 238 -5.88 -43.81 -14.33
N THR A 239 -6.68 -44.42 -15.20
CA THR A 239 -6.48 -45.82 -15.60
C THR A 239 -5.49 -45.95 -16.76
N LEU A 240 -4.75 -47.06 -16.76
CA LEU A 240 -3.80 -47.36 -17.83
C LEU A 240 -4.53 -47.60 -19.16
N LEU A 241 -4.20 -46.81 -20.18
CA LEU A 241 -4.77 -47.05 -21.50
C LEU A 241 -3.88 -47.88 -22.40
N GLN A 242 -2.57 -47.92 -22.12
CA GLN A 242 -1.65 -48.46 -23.13
C GLN A 242 -0.21 -48.32 -22.66
N THR A 243 0.64 -49.26 -23.08
CA THR A 243 2.06 -49.25 -22.74
C THR A 243 2.86 -49.54 -24.00
N LEU A 244 3.67 -48.56 -24.43
CA LEU A 244 4.65 -48.78 -25.47
C LEU A 244 6.01 -49.11 -24.83
N LYS A 245 6.73 -50.03 -25.47
CA LYS A 245 8.09 -50.35 -25.05
C LYS A 245 8.94 -50.59 -26.28
N LYS A 246 10.18 -50.10 -26.23
CA LYS A 246 11.13 -50.15 -27.32
C LYS A 246 12.53 -50.27 -26.72
N ASN A 247 13.34 -51.18 -27.22
CA ASN A 247 14.71 -51.34 -26.73
C ASN A 247 15.64 -50.46 -27.53
N ILE A 248 16.67 -49.94 -26.87
CA ILE A 248 17.60 -49.03 -27.52
C ILE A 248 18.97 -49.09 -26.86
N GLN A 249 20.02 -48.95 -27.67
CA GLN A 249 21.41 -48.98 -27.22
C GLN A 249 22.11 -47.68 -27.64
N LEU A 250 23.01 -47.20 -26.79
CA LEU A 250 23.70 -45.94 -27.04
C LEU A 250 25.18 -46.07 -26.73
N LYS A 251 26.03 -45.66 -27.67
CA LYS A 251 27.47 -45.66 -27.43
C LYS A 251 27.84 -44.54 -26.47
N ALA A 252 28.97 -44.71 -25.78
CA ALA A 252 29.42 -43.69 -24.83
C ALA A 252 29.32 -42.30 -25.42
N GLY A 253 28.56 -41.42 -24.74
CA GLY A 253 28.44 -40.03 -25.15
C GLY A 253 27.49 -39.76 -26.30
N GLU A 254 26.72 -40.75 -26.74
CA GLU A 254 25.77 -40.59 -27.83
C GLU A 254 24.43 -40.08 -27.32
N THR A 255 23.79 -39.22 -28.10
CA THR A 255 22.41 -38.85 -27.87
C THR A 255 21.54 -39.55 -28.91
N TYR A 256 20.30 -39.86 -28.54
CA TYR A 256 19.47 -40.75 -29.33
C TYR A 256 18.05 -40.22 -29.46
N ALA A 257 17.58 -40.13 -30.70
CA ALA A 257 16.25 -39.60 -30.98
C ALA A 257 15.26 -40.73 -31.19
N PHE A 258 14.12 -40.65 -30.51
CA PHE A 258 13.06 -41.64 -30.65
C PHE A 258 11.76 -40.92 -31.03
N SER A 259 10.86 -41.65 -31.68
CA SER A 259 9.54 -41.12 -32.03
C SER A 259 8.62 -42.32 -32.17
N ASN A 260 7.77 -42.53 -31.17
CA ASN A 260 7.03 -43.78 -31.03
C ASN A 260 5.54 -43.50 -31.17
N GLU A 261 4.97 -43.88 -32.31
CA GLU A 261 3.54 -43.76 -32.48
C GLU A 261 2.83 -44.64 -31.47
N ALA A 262 1.58 -44.30 -31.18
CA ALA A 262 0.80 -45.03 -30.19
C ALA A 262 -0.44 -45.60 -30.87
N THR A 263 -0.99 -46.64 -30.27
CA THR A 263 -2.24 -47.19 -30.79
C THR A 263 -3.28 -46.08 -30.83
N PRO A 264 -3.93 -45.86 -31.96
CA PRO A 264 -4.95 -44.80 -32.00
C PRO A 264 -5.92 -44.94 -30.84
N VAL A 265 -6.26 -43.80 -30.25
CA VAL A 265 -7.18 -43.70 -29.13
C VAL A 265 -8.59 -43.55 -29.67
N LEU A 266 -9.51 -44.37 -29.18
CA LEU A 266 -10.86 -44.46 -29.73
C LEU A 266 -11.85 -43.73 -28.84
N LYS A 267 -12.80 -43.05 -29.47
CA LYS A 267 -13.78 -42.23 -28.77
C LYS A 267 -13.08 -41.40 -27.69
N PRO A 268 -12.12 -40.57 -28.08
CA PRO A 268 -11.28 -39.89 -27.10
C PRO A 268 -11.99 -38.76 -26.38
N GLU A 269 -11.61 -38.56 -25.12
CA GLU A 269 -12.18 -37.48 -24.31
C GLU A 269 -11.55 -36.17 -24.74
N LEU A 270 -12.37 -35.28 -25.31
CA LEU A 270 -11.90 -34.02 -25.83
C LEU A 270 -11.70 -33.00 -24.70
N TRP A 271 -10.86 -32.01 -24.98
CA TRP A 271 -10.43 -31.01 -24.00
C TRP A 271 -10.98 -29.65 -24.39
N THR A 272 -11.58 -28.98 -23.43
CA THR A 272 -11.89 -27.57 -23.59
C THR A 272 -11.54 -26.86 -22.29
N PRO A 273 -11.47 -25.53 -22.29
CA PRO A 273 -11.47 -24.81 -21.01
C PRO A 273 -12.51 -25.36 -20.05
N GLU A 274 -13.72 -25.64 -20.55
CA GLU A 274 -14.79 -26.13 -19.68
C GLU A 274 -14.55 -27.56 -19.21
N THR A 275 -13.90 -28.41 -20.02
CA THR A 275 -13.69 -29.83 -19.71
C THR A 275 -12.23 -30.14 -19.94
N PRO A 276 -11.38 -29.80 -19.02
CA PRO A 276 -9.94 -29.95 -19.32
C PRO A 276 -9.50 -31.39 -19.16
N ARG A 277 -10.00 -32.26 -20.05
CA ARG A 277 -9.67 -33.69 -19.97
C ARG A 277 -8.23 -33.92 -20.40
N LEU A 278 -7.40 -34.48 -19.52
CA LEU A 278 -5.97 -34.63 -19.80
C LEU A 278 -5.55 -36.11 -19.71
N TYR A 279 -4.68 -36.54 -20.61
CA TYR A 279 -4.05 -37.87 -20.54
C TYR A 279 -2.61 -37.72 -20.08
N ARG A 280 -2.31 -38.29 -18.90
CA ARG A 280 -0.94 -38.34 -18.45
C ARG A 280 -0.14 -39.30 -19.34
N VAL A 281 1.12 -38.95 -19.57
CA VAL A 281 2.03 -39.75 -20.39
C VAL A 281 3.33 -39.87 -19.62
N GLU A 282 3.61 -41.06 -19.11
CA GLU A 282 4.78 -41.30 -18.30
C GLU A 282 5.83 -42.03 -19.14
N THR A 283 7.03 -41.47 -19.21
CA THR A 283 8.11 -41.99 -20.02
C THR A 283 9.27 -42.37 -19.10
N THR A 284 9.73 -43.62 -19.22
CA THR A 284 10.68 -44.18 -18.26
C THR A 284 11.83 -44.85 -18.98
N LEU A 285 13.02 -44.76 -18.37
CA LEU A 285 14.25 -45.34 -18.88
C LEU A 285 14.74 -46.37 -17.87
N ARG A 286 14.75 -47.63 -18.27
CA ARG A 286 15.23 -48.72 -17.43
C ARG A 286 16.48 -49.34 -18.05
N ASN A 287 17.44 -49.68 -17.20
CA ASN A 287 18.56 -50.49 -17.66
C ASN A 287 18.03 -51.82 -18.21
N ARG A 288 18.61 -52.26 -19.33
CA ARG A 288 18.00 -53.37 -20.08
C ARG A 288 18.20 -54.71 -19.38
N LYS A 289 19.39 -54.95 -18.86
CA LYS A 289 19.68 -56.17 -18.12
C LYS A 289 19.03 -56.15 -16.76
N THR A 290 19.51 -55.28 -15.88
CA THR A 290 19.07 -55.20 -14.49
C THR A 290 17.67 -54.63 -14.34
N LYS A 291 17.08 -54.08 -15.40
CA LYS A 291 15.73 -53.50 -15.39
C LYS A 291 15.56 -52.40 -14.35
N THR A 292 16.65 -51.96 -13.72
CA THR A 292 16.55 -50.90 -12.71
C THR A 292 16.20 -49.56 -13.37
N LEU A 293 15.32 -48.82 -12.72
CA LEU A 293 14.80 -47.58 -13.29
C LEU A 293 15.89 -46.50 -13.23
N LEU A 294 16.06 -45.78 -14.35
CA LEU A 294 17.11 -44.78 -14.48
C LEU A 294 16.55 -43.36 -14.39
N ASP A 295 15.80 -42.97 -15.39
CA ASP A 295 15.24 -41.64 -15.45
C ASP A 295 13.76 -41.78 -15.77
N GLN A 296 13.04 -40.67 -15.58
CA GLN A 296 11.58 -40.66 -15.77
C GLN A 296 11.10 -39.23 -15.89
N SER A 297 10.10 -39.02 -16.74
CA SER A 297 9.57 -37.70 -17.04
C SER A 297 8.09 -37.83 -17.36
N ASN A 298 7.27 -36.98 -16.76
CA ASN A 298 5.81 -36.95 -16.96
C ASN A 298 5.40 -35.70 -17.71
N HIS A 299 4.35 -35.85 -18.53
CA HIS A 299 3.84 -34.78 -19.37
C HIS A 299 2.38 -35.05 -19.64
N TYR A 300 1.58 -34.00 -19.81
CA TYR A 300 0.20 -34.20 -20.19
C TYR A 300 0.04 -34.04 -21.69
N THR A 301 -0.84 -34.83 -22.28
CA THR A 301 -1.36 -34.57 -23.60
C THR A 301 -2.86 -34.37 -23.47
N ALA A 302 -3.50 -33.99 -24.57
CA ALA A 302 -4.95 -33.88 -24.61
C ALA A 302 -5.40 -33.96 -26.06
N PHE A 303 -6.69 -34.15 -26.27
CA PHE A 303 -7.23 -34.31 -27.62
C PHE A 303 -8.20 -33.18 -27.92
N ARG A 304 -7.85 -32.37 -28.91
CA ARG A 304 -8.64 -31.25 -29.36
C ARG A 304 -8.16 -30.87 -30.76
N TRP A 305 -9.07 -30.38 -31.57
CA TRP A 305 -8.70 -29.69 -32.81
C TRP A 305 -9.43 -28.35 -32.87
N PHE A 306 -8.93 -27.49 -33.76
CA PHE A 306 -9.48 -26.14 -33.85
C PHE A 306 -9.18 -25.56 -35.23
N ARG A 307 -9.88 -24.49 -35.57
CA ARG A 307 -9.60 -23.77 -36.81
C ARG A 307 -10.19 -22.37 -36.70
N PHE A 308 -9.66 -21.45 -37.50
CA PHE A 308 -10.10 -20.06 -37.49
C PHE A 308 -10.69 -19.74 -38.85
N ASP A 309 -11.95 -19.30 -38.86
CA ASP A 309 -12.67 -18.99 -40.09
C ASP A 309 -12.85 -17.47 -40.21
N GLY A 310 -12.39 -16.91 -41.33
CA GLY A 310 -12.55 -15.47 -41.53
C GLY A 310 -13.98 -14.96 -41.49
N ASP A 311 -14.97 -15.83 -41.68
CA ASP A 311 -16.37 -15.42 -41.64
C ASP A 311 -17.13 -15.86 -40.39
N GLU A 312 -16.88 -17.07 -39.89
CA GLU A 312 -17.72 -17.63 -38.83
C GLU A 312 -17.00 -17.68 -37.48
N GLY A 313 -15.74 -17.26 -37.43
CA GLY A 313 -15.03 -17.17 -36.17
C GLY A 313 -14.20 -18.40 -35.85
N PHE A 314 -14.18 -18.77 -34.57
CA PHE A 314 -13.33 -19.83 -34.06
C PHE A 314 -14.13 -21.10 -33.82
N PHE A 315 -13.49 -22.25 -34.05
CA PHE A 315 -14.10 -23.54 -33.84
C PHE A 315 -13.16 -24.39 -33.01
N LEU A 316 -13.67 -24.97 -31.93
CA LEU A 316 -12.95 -25.91 -31.09
C LEU A 316 -13.71 -27.23 -31.14
N ASN A 317 -12.99 -28.33 -31.32
CA ASN A 317 -13.60 -29.65 -31.52
C ASN A 317 -14.84 -29.57 -32.41
N GLY A 318 -14.70 -28.84 -33.51
CA GLY A 318 -15.77 -28.74 -34.51
C GLY A 318 -16.96 -27.87 -34.14
N LYS A 319 -16.98 -27.27 -32.98
CA LYS A 319 -18.14 -26.46 -32.66
C LYS A 319 -17.76 -24.97 -32.59
N PRO A 320 -18.69 -24.09 -32.90
CA PRO A 320 -18.44 -22.65 -32.70
C PRO A 320 -18.07 -22.38 -31.26
N TYR A 321 -17.19 -21.39 -31.05
CA TYR A 321 -16.67 -21.10 -29.71
C TYR A 321 -16.17 -19.66 -29.67
N LYS A 322 -16.80 -18.82 -28.86
CA LYS A 322 -16.36 -17.45 -28.67
C LYS A 322 -15.15 -17.42 -27.75
N LEU A 323 -14.06 -16.86 -28.22
CA LEU A 323 -12.85 -16.71 -27.41
C LEU A 323 -13.00 -15.49 -26.48
N ARG A 324 -13.04 -15.74 -25.17
CA ARG A 324 -13.27 -14.72 -24.14
C ARG A 324 -11.98 -14.53 -23.34
N GLY A 325 -11.11 -13.67 -23.85
CA GLY A 325 -9.74 -13.67 -23.41
C GLY A 325 -9.38 -12.43 -22.64
N ILE A 326 -8.30 -12.51 -21.86
CA ILE A 326 -7.66 -11.36 -21.28
C ILE A 326 -6.16 -11.54 -21.51
N CYS A 327 -5.44 -10.42 -21.54
CA CYS A 327 -3.99 -10.44 -21.52
C CYS A 327 -3.55 -10.25 -20.08
N ARG A 328 -2.30 -10.58 -19.81
CA ARG A 328 -1.83 -10.57 -18.43
C ARG A 328 -0.34 -10.29 -18.40
N HIS A 329 0.07 -9.13 -17.86
CA HIS A 329 1.48 -8.93 -17.57
C HIS A 329 1.86 -9.67 -16.30
N GLN A 330 3.18 -9.84 -16.07
CA GLN A 330 3.60 -10.77 -15.04
C GLN A 330 4.14 -10.13 -13.76
N ASP A 331 4.10 -8.81 -13.64
CA ASP A 331 4.67 -8.16 -12.46
C ASP A 331 3.57 -7.76 -11.46
N GLN A 332 4.01 -7.44 -10.24
CA GLN A 332 3.14 -6.97 -9.18
C GLN A 332 3.89 -5.93 -8.38
N LYS A 333 3.27 -4.76 -8.21
CA LYS A 333 3.89 -3.66 -7.47
C LYS A 333 4.01 -4.01 -5.98
N PRO A 334 5.17 -3.81 -5.35
CA PRO A 334 6.43 -3.26 -5.84
C PRO A 334 7.52 -4.31 -5.97
N ILE A 335 7.16 -5.59 -6.07
CA ILE A 335 8.16 -6.64 -6.16
C ILE A 335 8.56 -6.96 -7.59
N GLY A 336 7.95 -6.31 -8.58
CA GLY A 336 8.30 -6.55 -9.96
C GLY A 336 7.76 -7.87 -10.43
N PRO A 337 8.49 -8.58 -11.29
CA PRO A 337 8.08 -9.92 -11.68
C PRO A 337 8.56 -11.00 -10.72
N ALA A 338 9.20 -10.62 -9.62
CA ALA A 338 9.67 -11.59 -8.64
C ALA A 338 8.52 -12.25 -7.87
N LEU A 339 7.66 -12.97 -8.59
CA LEU A 339 6.48 -13.62 -8.02
C LEU A 339 6.78 -15.07 -7.66
N THR A 340 6.26 -15.51 -6.51
CA THR A 340 6.21 -16.95 -6.21
C THR A 340 5.07 -17.58 -7.02
N ASP A 341 5.09 -18.93 -7.08
CA ASP A 341 4.18 -19.60 -8.00
C ASP A 341 2.72 -19.54 -7.53
N GLU A 342 2.48 -19.43 -6.21
CA GLU A 342 1.11 -19.22 -5.73
C GLU A 342 0.56 -17.89 -6.22
N MET A 343 1.41 -16.86 -6.39
CA MET A 343 0.93 -15.62 -6.96
C MET A 343 0.54 -15.82 -8.42
N HIS A 344 1.35 -16.57 -9.18
CA HIS A 344 0.93 -16.93 -10.54
C HIS A 344 -0.40 -17.65 -10.52
N ARG A 345 -0.56 -18.64 -9.63
CA ARG A 345 -1.81 -19.39 -9.56
C ARG A 345 -2.95 -18.51 -9.06
N ARG A 346 -2.68 -17.60 -8.11
CA ARG A 346 -3.73 -16.67 -7.70
C ARG A 346 -4.25 -15.87 -8.89
N ASP A 347 -3.34 -15.28 -9.67
CA ASP A 347 -3.72 -14.56 -10.88
C ASP A 347 -4.60 -15.40 -11.79
N PHE A 348 -4.19 -16.65 -12.03
CA PHE A 348 -4.95 -17.52 -12.92
C PHE A 348 -6.37 -17.76 -12.39
N LEU A 349 -6.53 -17.88 -11.07
CA LEU A 349 -7.86 -18.16 -10.52
C LEU A 349 -8.80 -16.99 -10.73
N LEU A 350 -8.31 -15.76 -10.52
CA LEU A 350 -9.14 -14.58 -10.76
C LEU A 350 -9.55 -14.52 -12.21
N MET A 351 -8.61 -14.80 -13.12
CA MET A 351 -8.97 -14.78 -14.53
C MET A 351 -9.98 -15.86 -14.84
N LYS A 352 -9.80 -17.05 -14.24
CA LYS A 352 -10.72 -18.16 -14.47
C LYS A 352 -12.08 -17.90 -13.82
N GLU A 353 -12.11 -17.36 -12.58
CA GLU A 353 -13.39 -17.08 -11.93
C GLU A 353 -14.15 -15.95 -12.61
N MET A 354 -13.46 -15.10 -13.36
CA MET A 354 -14.13 -14.08 -14.14
C MET A 354 -14.85 -14.65 -15.35
N GLY A 355 -14.64 -15.93 -15.64
CA GLY A 355 -15.25 -16.55 -16.80
C GLY A 355 -14.45 -16.53 -18.08
N ALA A 356 -13.17 -16.16 -18.05
CA ALA A 356 -12.42 -16.16 -19.30
C ALA A 356 -12.12 -17.59 -19.71
N ASN A 357 -12.05 -17.82 -21.04
CA ASN A 357 -11.62 -19.10 -21.60
C ASN A 357 -10.39 -18.98 -22.47
N PHE A 358 -9.83 -17.79 -22.60
CA PHE A 358 -8.71 -17.55 -23.49
C PHE A 358 -7.78 -16.57 -22.78
N ILE A 359 -6.47 -16.73 -23.01
CA ILE A 359 -5.48 -15.86 -22.40
C ILE A 359 -4.35 -15.62 -23.41
N ARG A 360 -4.13 -14.34 -23.73
CA ARG A 360 -2.98 -13.90 -24.52
C ARG A 360 -1.81 -13.66 -23.56
N ILE A 361 -0.87 -14.60 -23.55
CA ILE A 361 0.29 -14.57 -22.67
C ILE A 361 1.34 -13.73 -23.37
N SER A 362 1.46 -12.46 -22.96
CA SER A 362 2.14 -11.41 -23.72
C SER A 362 2.76 -10.42 -22.75
N HIS A 363 3.78 -9.69 -23.21
CA HIS A 363 4.34 -9.78 -24.56
C HIS A 363 5.49 -10.79 -24.63
N TYR A 364 5.60 -11.62 -23.61
CA TYR A 364 6.71 -12.54 -23.42
C TYR A 364 6.17 -13.84 -22.83
N PRO A 365 6.89 -14.95 -23.03
CA PRO A 365 6.45 -16.22 -22.44
C PRO A 365 6.55 -16.16 -20.93
N GLN A 366 5.62 -16.84 -20.26
CA GLN A 366 5.52 -16.62 -18.82
C GLN A 366 5.74 -17.94 -18.06
N ASP A 367 5.41 -17.91 -16.78
CA ASP A 367 5.91 -18.92 -15.85
C ASP A 367 5.28 -20.29 -16.12
N ASP A 368 6.10 -21.34 -15.96
CA ASP A 368 5.57 -22.69 -16.05
C ASP A 368 4.33 -22.86 -15.16
N ALA A 369 4.35 -22.22 -13.99
CA ALA A 369 3.26 -22.40 -13.03
C ALA A 369 1.94 -21.96 -13.64
N LEU A 370 1.95 -20.90 -14.43
CA LEU A 370 0.72 -20.45 -15.06
C LEU A 370 0.26 -21.46 -16.11
N LEU A 371 1.18 -21.90 -16.97
CA LEU A 371 0.79 -22.82 -18.03
C LEU A 371 0.20 -24.07 -17.43
N GLU A 372 0.78 -24.58 -16.33
CA GLU A 372 0.23 -25.75 -15.64
C GLU A 372 -1.27 -25.59 -15.39
N MET A 373 -1.70 -24.40 -14.98
CA MET A 373 -3.13 -24.18 -14.72
C MET A 373 -3.95 -24.09 -16.00
N CYS A 374 -3.39 -23.53 -17.09
CA CYS A 374 -4.18 -23.44 -18.31
C CYS A 374 -4.56 -24.84 -18.83
N ASP A 375 -3.61 -25.77 -18.80
CA ASP A 375 -3.88 -27.18 -19.07
C ASP A 375 -4.91 -27.75 -18.09
N LYS A 376 -4.59 -27.72 -16.78
CA LYS A 376 -5.33 -28.53 -15.81
C LYS A 376 -6.71 -27.94 -15.47
N LEU A 377 -6.81 -26.63 -15.25
CA LEU A 377 -8.09 -26.02 -14.92
C LEU A 377 -8.80 -25.46 -16.14
N GLY A 378 -8.10 -25.27 -17.24
CA GLY A 378 -8.78 -25.00 -18.50
C GLY A 378 -8.81 -23.56 -18.94
N MET A 379 -7.87 -23.18 -19.82
CA MET A 379 -7.90 -21.90 -20.50
C MET A 379 -7.06 -22.01 -21.77
N LEU A 380 -7.66 -21.63 -22.90
CA LEU A 380 -6.93 -21.61 -24.16
C LEU A 380 -5.90 -20.48 -24.15
N ALA A 381 -4.74 -20.72 -24.77
CA ALA A 381 -3.59 -19.83 -24.57
C ALA A 381 -2.98 -19.38 -25.89
N TRP A 382 -2.68 -18.09 -25.95
CA TRP A 382 -1.83 -17.47 -26.96
C TRP A 382 -0.54 -17.11 -26.25
N GLU A 383 0.62 -17.42 -26.86
CA GLU A 383 1.90 -17.10 -26.24
C GLU A 383 2.88 -16.58 -27.27
N GLU A 384 3.63 -15.53 -26.90
CA GLU A 384 4.41 -14.75 -27.84
C GLU A 384 5.68 -14.25 -27.16
N ILE A 385 6.67 -13.90 -27.99
CA ILE A 385 7.94 -13.28 -27.58
C ILE A 385 7.95 -11.78 -27.90
N PRO A 386 8.65 -10.95 -27.09
CA PRO A 386 8.49 -9.47 -27.12
C PRO A 386 9.26 -8.75 -28.21
N ILE A 387 8.88 -8.96 -29.47
CA ILE A 387 9.49 -8.24 -30.59
C ILE A 387 8.48 -7.17 -31.00
N ILE A 388 8.76 -5.92 -30.61
CA ILE A 388 7.76 -4.87 -30.50
C ILE A 388 8.24 -3.59 -31.15
N ASP A 389 7.29 -2.76 -31.59
CA ASP A 389 7.53 -1.38 -31.96
C ASP A 389 8.37 -1.15 -33.22
N ILE A 390 9.55 -1.76 -33.30
CA ILE A 390 10.48 -1.44 -34.39
C ILE A 390 11.60 -2.47 -34.45
N VAL A 391 11.86 -3.01 -35.65
CA VAL A 391 13.04 -3.83 -35.87
C VAL A 391 14.23 -2.94 -36.12
N PRO A 392 15.09 -2.69 -35.13
CA PRO A 392 16.22 -1.78 -35.32
C PRO A 392 17.29 -2.44 -36.17
N ASN A 393 18.31 -1.63 -36.53
CA ASN A 393 19.52 -2.19 -37.13
C ASN A 393 20.55 -2.38 -36.02
N THR A 394 20.37 -3.46 -35.28
CA THR A 394 21.20 -3.74 -34.12
C THR A 394 21.90 -5.08 -34.37
N PRO A 395 23.22 -5.10 -34.46
CA PRO A 395 23.91 -6.36 -34.78
C PRO A 395 23.52 -7.44 -33.78
N GLY A 396 23.16 -8.61 -34.30
CA GLY A 396 22.84 -9.76 -33.50
C GLY A 396 21.41 -9.83 -33.01
N TYR A 397 20.59 -8.80 -33.26
CA TYR A 397 19.23 -8.81 -32.75
C TYR A 397 18.43 -9.93 -33.38
N GLY A 398 18.46 -10.02 -34.71
CA GLY A 398 17.67 -11.04 -35.39
C GLY A 398 17.97 -12.43 -34.88
N ASP A 399 19.26 -12.76 -34.72
CA ASP A 399 19.63 -14.11 -34.32
C ASP A 399 19.08 -14.43 -32.94
N ASN A 400 19.24 -13.50 -32.00
CA ASN A 400 18.72 -13.72 -30.65
C ASN A 400 17.21 -13.92 -30.66
N CYS A 401 16.51 -13.16 -31.51
CA CYS A 401 15.06 -13.33 -31.62
C CYS A 401 14.71 -14.75 -32.04
N GLU A 402 15.33 -15.24 -33.11
CA GLU A 402 15.05 -16.59 -33.59
C GLU A 402 15.29 -17.62 -32.49
N ARG A 403 16.40 -17.50 -31.77
CA ARG A 403 16.68 -18.46 -30.71
C ARG A 403 15.62 -18.39 -29.62
N ASN A 404 15.14 -17.18 -29.29
CA ASN A 404 14.09 -17.04 -28.28
C ASN A 404 12.79 -17.70 -28.74
N LEU A 405 12.47 -17.56 -30.03
CA LEU A 405 11.28 -18.25 -30.56
C LEU A 405 11.41 -19.76 -30.42
N ARG A 406 12.51 -20.34 -30.95
CA ARG A 406 12.77 -21.77 -30.74
C ARG A 406 12.64 -22.18 -29.28
N GLU A 407 13.22 -21.37 -28.37
CA GLU A 407 13.16 -21.66 -26.94
C GLU A 407 11.71 -21.71 -26.44
N MET A 408 10.97 -20.63 -26.66
CA MET A 408 9.59 -20.61 -26.17
C MET A 408 8.87 -21.88 -26.62
N ILE A 409 8.92 -22.19 -27.92
CA ILE A 409 8.17 -23.29 -28.49
C ILE A 409 8.67 -24.63 -27.93
N ARG A 410 9.98 -24.79 -27.81
CA ARG A 410 10.48 -26.06 -27.32
C ARG A 410 10.14 -26.23 -25.85
N GLN A 411 10.25 -25.14 -25.08
CA GLN A 411 10.06 -25.20 -23.64
C GLN A 411 8.60 -25.42 -23.26
N HIS A 412 7.65 -24.90 -24.05
CA HIS A 412 6.23 -25.02 -23.75
C HIS A 412 5.49 -25.86 -24.78
N TYR A 413 6.21 -26.72 -25.50
CA TYR A 413 5.58 -27.50 -26.57
C TYR A 413 4.48 -28.41 -26.03
N ASN A 414 4.64 -28.97 -24.83
CA ASN A 414 3.72 -29.98 -24.30
C ASN A 414 2.51 -29.41 -23.58
N HIS A 415 2.12 -28.16 -23.85
CA HIS A 415 0.99 -27.56 -23.16
C HIS A 415 -0.23 -27.54 -24.07
N PRO A 416 -1.17 -28.46 -23.93
CA PRO A 416 -2.32 -28.49 -24.84
C PRO A 416 -3.16 -27.23 -24.79
N SER A 417 -3.09 -26.45 -23.70
CA SER A 417 -3.81 -25.19 -23.65
C SER A 417 -3.36 -24.24 -24.75
N ILE A 418 -2.11 -24.33 -25.19
CA ILE A 418 -1.59 -23.39 -26.16
C ILE A 418 -2.07 -23.79 -27.55
N ILE A 419 -2.72 -22.86 -28.25
CA ILE A 419 -3.13 -23.10 -29.63
C ILE A 419 -2.45 -22.18 -30.62
N THR A 420 -1.75 -21.13 -30.17
CA THR A 420 -1.13 -20.21 -31.12
C THR A 420 0.13 -19.57 -30.54
N TRP A 421 1.18 -19.50 -31.35
CA TRP A 421 2.39 -18.77 -31.04
C TRP A 421 2.42 -17.44 -31.81
N GLY A 422 3.10 -16.44 -31.23
CA GLY A 422 3.33 -15.18 -31.91
C GLY A 422 4.70 -14.63 -31.58
N TYR A 423 5.15 -13.70 -32.40
CA TYR A 423 6.51 -13.17 -32.19
C TYR A 423 6.63 -11.66 -32.36
N MET A 424 5.62 -10.98 -32.89
CA MET A 424 5.68 -9.54 -33.05
C MET A 424 4.40 -8.88 -32.57
N ASN A 425 4.55 -7.72 -31.94
CA ASN A 425 3.46 -6.86 -31.54
C ASN A 425 3.78 -5.45 -32.01
N GLU A 426 2.90 -4.85 -32.79
CA GLU A 426 3.00 -3.42 -33.17
C GLU A 426 4.38 -3.06 -33.74
N ILE A 427 4.91 -3.93 -34.61
CA ILE A 427 6.29 -3.77 -35.06
C ILE A 427 6.44 -2.57 -35.99
N LEU A 428 5.34 -1.92 -36.39
CA LEU A 428 5.39 -0.70 -37.19
C LEU A 428 5.17 0.58 -36.39
N LEU A 429 4.87 0.49 -35.10
CA LEU A 429 4.36 1.65 -34.38
C LEU A 429 5.41 2.74 -34.27
N VAL A 430 6.58 2.40 -33.73
CA VAL A 430 7.64 3.39 -33.59
C VAL A 430 8.30 3.65 -34.93
N THR A 431 8.37 2.63 -35.80
CA THR A 431 8.91 2.82 -37.13
C THR A 431 8.18 3.95 -37.86
N GLN A 432 6.85 4.02 -37.71
CA GLN A 432 6.07 5.03 -38.41
C GLN A 432 6.16 6.41 -37.75
N ARG A 433 6.48 6.48 -36.46
CA ARG A 433 6.77 7.78 -35.86
C ARG A 433 8.13 8.31 -36.26
N LYS A 434 9.13 7.42 -36.37
CA LYS A 434 10.51 7.87 -36.57
C LYS A 434 10.85 8.14 -38.04
N TYR A 435 10.16 7.54 -39.00
CA TYR A 435 10.51 7.64 -40.41
C TYR A 435 9.28 8.00 -41.21
N LYS A 436 9.35 9.11 -41.94
CA LYS A 436 8.19 9.66 -42.64
C LYS A 436 8.20 9.41 -44.14
N THR A 437 9.34 9.60 -44.80
CA THR A 437 9.43 9.51 -46.26
C THR A 437 9.57 8.06 -46.70
N GLU A 438 9.16 7.80 -47.95
CA GLU A 438 9.33 6.47 -48.53
C GLU A 438 10.80 6.06 -48.51
N ALA A 439 11.70 7.02 -48.76
CA ALA A 439 13.13 6.69 -48.75
C ALA A 439 13.57 6.15 -47.40
N GLU A 440 13.22 6.87 -46.32
CA GLU A 440 13.59 6.42 -44.98
C GLU A 440 13.01 5.05 -44.66
N LEU A 441 11.73 4.86 -44.96
CA LEU A 441 11.04 3.65 -44.55
C LEU A 441 11.61 2.42 -45.23
N LYS A 442 12.00 2.54 -46.51
CA LYS A 442 12.45 1.46 -47.37
C LYS A 442 13.26 0.44 -46.59
N PRO A 443 14.45 0.79 -46.11
CA PRO A 443 15.27 -0.22 -45.44
C PRO A 443 14.59 -0.81 -44.22
N VAL A 444 14.07 0.05 -43.34
CA VAL A 444 13.46 -0.44 -42.11
C VAL A 444 12.35 -1.43 -42.41
N LEU A 445 11.48 -1.09 -43.38
CA LEU A 445 10.43 -2.03 -43.77
C LEU A 445 11.02 -3.34 -44.31
N GLU A 446 12.14 -3.25 -45.05
CA GLU A 446 12.77 -4.46 -45.57
C GLU A 446 13.25 -5.35 -44.43
N ARG A 447 14.00 -4.78 -43.49
CA ARG A 447 14.42 -5.52 -42.30
C ARG A 447 13.21 -6.15 -41.61
N THR A 448 12.11 -5.40 -41.49
CA THR A 448 10.98 -5.91 -40.73
C THR A 448 10.34 -7.10 -41.41
N LEU A 449 10.01 -6.96 -42.70
CA LEU A 449 9.43 -8.08 -43.44
C LEU A 449 10.34 -9.29 -43.47
N ALA A 450 11.65 -9.05 -43.55
CA ALA A 450 12.62 -10.15 -43.56
C ALA A 450 12.61 -10.88 -42.21
N LEU A 451 12.85 -10.16 -41.12
CA LEU A 451 12.79 -10.75 -39.79
C LEU A 451 11.46 -11.47 -39.56
N ALA A 452 10.37 -10.88 -40.05
CA ALA A 452 9.05 -11.48 -39.86
C ALA A 452 8.96 -12.83 -40.58
N ASN A 453 9.16 -12.84 -41.89
CA ASN A 453 9.07 -14.09 -42.64
C ASN A 453 10.05 -15.13 -42.08
N ARG A 454 11.25 -14.69 -41.74
CA ARG A 454 12.23 -15.60 -41.16
C ARG A 454 11.68 -16.30 -39.91
N LEU A 455 11.21 -15.51 -38.93
CA LEU A 455 10.64 -16.13 -37.73
C LEU A 455 9.43 -16.99 -38.07
N GLU A 456 8.59 -16.52 -39.00
CA GLU A 456 7.42 -17.31 -39.38
C GLU A 456 7.82 -18.71 -39.78
N ARG A 457 8.86 -18.81 -40.62
CA ARG A 457 9.31 -20.12 -41.06
C ARG A 457 9.96 -20.90 -39.93
N VAL A 458 10.66 -20.23 -39.00
CA VAL A 458 11.20 -20.92 -37.83
C VAL A 458 10.06 -21.48 -36.99
N LEU A 459 9.00 -20.70 -36.82
CA LEU A 459 7.85 -21.20 -36.07
C LEU A 459 7.35 -22.52 -36.65
N LYS A 460 7.09 -22.55 -37.96
CA LYS A 460 6.51 -23.76 -38.56
C LYS A 460 7.50 -24.92 -38.65
N GLU A 461 8.82 -24.66 -38.67
CA GLU A 461 9.79 -25.73 -38.44
C GLU A 461 9.63 -26.30 -37.03
N GLU A 462 9.51 -25.41 -36.05
CA GLU A 462 9.52 -25.84 -34.65
C GLU A 462 8.23 -26.54 -34.24
N ASP A 463 7.11 -26.17 -34.85
CA ASP A 463 5.83 -26.75 -34.46
C ASP A 463 4.88 -26.63 -35.63
N SER A 464 4.42 -27.78 -36.15
CA SER A 464 3.46 -27.82 -37.24
C SER A 464 2.04 -28.05 -36.75
N THR A 465 1.82 -28.04 -35.43
CA THR A 465 0.53 -28.37 -34.87
C THR A 465 -0.27 -27.15 -34.39
N ARG A 466 0.38 -26.01 -34.21
CA ARG A 466 -0.32 -24.83 -33.71
C ARG A 466 -0.40 -23.77 -34.80
N ILE A 467 -1.19 -22.73 -34.50
CA ILE A 467 -1.51 -21.63 -35.41
C ILE A 467 -0.56 -20.47 -35.16
N SER A 468 -0.16 -19.77 -36.22
CA SER A 468 0.70 -18.60 -36.07
C SER A 468 -0.14 -17.33 -36.02
N THR A 469 0.29 -16.37 -35.21
CA THR A 469 -0.44 -15.12 -35.07
C THR A 469 0.53 -13.95 -35.03
N MET A 470 0.02 -12.75 -35.30
CA MET A 470 0.76 -11.52 -35.06
C MET A 470 -0.24 -10.46 -34.62
N ALA A 471 0.25 -9.45 -33.89
CA ALA A 471 -0.58 -8.40 -33.32
C ALA A 471 -0.24 -7.05 -33.95
N PHE A 472 -1.27 -6.34 -34.41
CA PHE A 472 -1.10 -5.08 -35.12
C PHE A 472 -1.61 -3.93 -34.27
N HIS A 473 -1.07 -2.73 -34.50
CA HIS A 473 -1.75 -1.54 -34.01
C HIS A 473 -2.72 -1.07 -35.09
N GLY A 474 -3.49 -0.04 -34.78
CA GLY A 474 -4.69 0.22 -35.58
C GLY A 474 -4.44 0.98 -36.87
N SER A 475 -3.70 0.37 -37.80
CA SER A 475 -3.31 1.03 -39.04
C SER A 475 -3.38 0.04 -40.18
N ASN A 476 -3.93 0.48 -41.30
CA ASN A 476 -3.98 -0.43 -42.44
C ASN A 476 -2.61 -0.65 -43.05
N SER A 477 -1.57 0.03 -42.56
CA SER A 477 -0.24 -0.20 -43.10
C SER A 477 0.26 -1.62 -42.81
N TYR A 478 -0.24 -2.29 -41.77
CA TYR A 478 0.07 -3.71 -41.63
C TYR A 478 -0.46 -4.49 -42.83
N ASN A 479 -1.58 -4.07 -43.39
CA ASN A 479 -2.03 -4.61 -44.66
C ASN A 479 -1.12 -4.17 -45.81
N GLU A 480 -0.94 -2.85 -45.99
CA GLU A 480 -0.24 -2.37 -47.18
C GLU A 480 1.14 -3.00 -47.33
N THR A 481 1.91 -3.05 -46.25
CA THR A 481 3.28 -3.52 -46.32
C THR A 481 3.39 -5.03 -46.50
N GLY A 482 2.27 -5.75 -46.53
CA GLY A 482 2.29 -7.20 -46.63
C GLY A 482 2.48 -7.96 -45.34
N LEU A 483 2.72 -7.27 -44.21
CA LEU A 483 2.87 -7.95 -42.94
C LEU A 483 1.68 -8.85 -42.62
N SER A 484 0.47 -8.46 -43.05
CA SER A 484 -0.73 -9.19 -42.68
C SER A 484 -0.96 -10.46 -43.49
N LYS A 485 -0.10 -10.76 -44.48
CA LYS A 485 -0.17 -12.02 -45.23
C LYS A 485 0.62 -13.15 -44.57
N ILE A 486 1.45 -12.85 -43.57
CA ILE A 486 2.51 -13.77 -43.17
C ILE A 486 1.98 -14.86 -42.24
N THR A 487 1.21 -14.49 -41.22
CA THR A 487 0.79 -15.46 -40.24
C THR A 487 -0.59 -16.05 -40.57
N ASP A 488 -0.96 -17.11 -39.84
CA ASP A 488 -2.24 -17.79 -40.07
C ASP A 488 -3.42 -16.95 -39.63
N ILE A 489 -3.23 -16.07 -38.65
CA ILE A 489 -4.30 -15.19 -38.17
C ILE A 489 -3.70 -13.86 -37.74
N VAL A 490 -4.54 -12.85 -37.62
CA VAL A 490 -4.11 -11.50 -37.27
C VAL A 490 -4.81 -11.03 -36.00
N GLY A 491 -4.09 -10.22 -35.21
CA GLY A 491 -4.65 -9.53 -34.06
C GLY A 491 -4.64 -8.03 -34.21
N TRP A 492 -5.75 -7.38 -33.91
CA TRP A 492 -5.83 -5.92 -33.88
C TRP A 492 -5.89 -5.42 -32.44
N ASN A 493 -4.91 -4.60 -32.05
CA ASN A 493 -4.97 -3.83 -30.82
C ASN A 493 -5.71 -2.54 -31.12
N LEU A 494 -6.94 -2.40 -30.62
CA LEU A 494 -7.80 -1.29 -31.01
C LEU A 494 -8.19 -0.45 -29.81
N TYR A 495 -8.08 0.89 -29.95
CA TYR A 495 -8.32 1.78 -28.82
C TYR A 495 -9.23 2.96 -29.21
N GLN A 496 -10.16 2.76 -30.13
CA GLN A 496 -11.12 3.82 -30.46
C GLN A 496 -11.97 4.13 -29.25
N GLY A 497 -12.06 5.41 -28.91
CA GLY A 497 -12.70 5.78 -27.67
C GLY A 497 -11.77 5.94 -26.49
N TRP A 498 -10.48 5.63 -26.66
CA TRP A 498 -9.48 5.90 -25.63
C TRP A 498 -8.37 6.78 -26.17
N TYR A 499 -7.61 6.33 -27.18
CA TYR A 499 -6.54 7.12 -27.80
C TYR A 499 -7.05 7.91 -29.00
N GLY A 500 -8.12 8.68 -28.80
CA GLY A 500 -8.76 9.35 -29.90
C GLY A 500 -9.84 8.50 -30.54
N GLY A 501 -10.59 9.15 -31.44
CA GLY A 501 -11.67 8.50 -32.12
C GLY A 501 -12.88 8.31 -31.22
N ASP A 502 -13.82 7.51 -31.71
CA ASP A 502 -15.08 7.26 -31.01
C ASP A 502 -15.23 5.79 -30.65
N LEU A 503 -15.97 5.54 -29.56
CA LEU A 503 -16.29 4.16 -29.20
C LEU A 503 -16.82 3.39 -30.41
N THR A 504 -17.68 4.02 -31.21
CA THR A 504 -18.26 3.37 -32.38
C THR A 504 -17.25 3.12 -33.49
N GLY A 505 -16.09 3.77 -33.46
CA GLY A 505 -15.01 3.47 -34.40
C GLY A 505 -14.45 2.06 -34.27
N PHE A 506 -14.64 1.42 -33.12
CA PHE A 506 -14.16 0.05 -32.92
C PHE A 506 -14.84 -0.90 -33.90
N GLU A 507 -16.17 -1.01 -33.83
CA GLU A 507 -16.87 -1.91 -34.74
C GLU A 507 -16.71 -1.47 -36.20
N LYS A 508 -16.61 -0.16 -36.44
CA LYS A 508 -16.43 0.31 -37.80
C LYS A 508 -15.07 -0.15 -38.34
N PHE A 509 -14.01 -0.01 -37.54
CA PHE A 509 -12.71 -0.48 -37.98
C PHE A 509 -12.74 -1.97 -38.32
N LEU A 510 -13.37 -2.78 -37.48
CA LEU A 510 -13.35 -4.23 -37.69
C LEU A 510 -14.21 -4.65 -38.88
N ALA A 511 -15.29 -3.91 -39.16
CA ALA A 511 -16.14 -4.24 -40.30
C ALA A 511 -15.47 -3.87 -41.61
N GLN A 512 -14.58 -2.87 -41.57
CA GLN A 512 -13.81 -2.51 -42.75
C GLN A 512 -12.73 -3.55 -43.04
N GLN A 513 -12.01 -4.00 -42.01
CA GLN A 513 -11.07 -5.10 -42.21
C GLN A 513 -11.77 -6.32 -42.80
N HIS A 514 -12.94 -6.69 -42.26
CA HIS A 514 -13.59 -7.88 -42.75
C HIS A 514 -14.03 -7.74 -44.21
N GLN A 515 -14.49 -6.54 -44.57
CA GLN A 515 -14.83 -6.27 -45.96
C GLN A 515 -13.60 -6.45 -46.86
N ASN A 516 -12.48 -5.85 -46.46
CA ASN A 516 -11.30 -5.78 -47.32
C ASN A 516 -10.37 -6.99 -47.20
N HIS A 517 -10.38 -7.71 -46.08
CA HIS A 517 -9.52 -8.88 -45.94
C HIS A 517 -10.31 -10.02 -45.32
N PRO A 518 -11.31 -10.53 -46.04
CA PRO A 518 -12.20 -11.55 -45.44
C PRO A 518 -11.52 -12.87 -45.13
N THR A 519 -10.36 -13.18 -45.70
CA THR A 519 -9.71 -14.45 -45.38
C THR A 519 -8.75 -14.36 -44.20
N HIS A 520 -8.41 -13.16 -43.73
CA HIS A 520 -7.61 -12.99 -42.52
C HIS A 520 -8.51 -13.10 -41.29
N PRO A 521 -8.52 -14.23 -40.59
CA PRO A 521 -9.35 -14.33 -39.38
C PRO A 521 -8.81 -13.40 -38.29
N MET A 522 -9.73 -12.71 -37.64
CA MET A 522 -9.36 -11.63 -36.74
C MET A 522 -9.61 -12.01 -35.28
N ILE A 523 -8.64 -11.67 -34.44
CA ILE A 523 -8.83 -11.55 -32.99
C ILE A 523 -8.55 -10.10 -32.62
N VAL A 524 -9.39 -9.53 -31.74
CA VAL A 524 -9.05 -8.24 -31.14
C VAL A 524 -8.09 -8.53 -30.00
N SER A 525 -6.79 -8.41 -30.29
CA SER A 525 -5.75 -8.86 -29.36
C SER A 525 -5.49 -7.89 -28.23
N GLU A 526 -5.99 -6.65 -28.33
CA GLU A 526 -5.91 -5.67 -27.25
C GLU A 526 -7.07 -4.69 -27.38
N TYR A 527 -7.58 -4.26 -26.23
CA TYR A 527 -8.53 -3.17 -26.09
C TYR A 527 -8.64 -2.84 -24.61
N GLY A 528 -8.77 -1.56 -24.28
CA GLY A 528 -8.90 -1.18 -22.89
C GLY A 528 -8.81 0.33 -22.68
N ALA A 529 -9.04 0.74 -21.43
CA ALA A 529 -9.07 2.15 -21.04
C ALA A 529 -8.52 2.30 -19.63
N GLY A 530 -7.69 3.33 -19.44
CA GLY A 530 -7.14 3.58 -18.12
C GLY A 530 -8.20 3.96 -17.10
N SER A 531 -7.96 3.60 -15.84
CA SER A 531 -8.84 3.99 -14.74
C SER A 531 -8.02 4.15 -13.46
N ASP A 532 -8.58 4.94 -12.55
CA ASP A 532 -7.90 5.39 -11.34
C ASP A 532 -8.96 5.45 -10.24
N LYS A 533 -8.76 4.68 -9.17
CA LYS A 533 -9.77 4.57 -8.11
C LYS A 533 -10.11 5.93 -7.50
N ARG A 534 -9.18 6.88 -7.57
CA ARG A 534 -9.36 8.20 -6.97
C ARG A 534 -10.31 9.10 -7.74
N LEU A 535 -10.70 8.73 -8.95
CA LEU A 535 -11.38 9.64 -9.87
C LEU A 535 -12.76 9.13 -10.24
N HIS A 536 -13.74 10.02 -10.17
CA HIS A 536 -15.12 9.70 -10.54
C HIS A 536 -15.76 10.89 -11.21
N SER A 537 -16.72 10.61 -12.09
CA SER A 537 -17.39 11.67 -12.84
C SER A 537 -18.83 11.28 -13.14
N LEU A 538 -19.72 12.25 -13.02
CA LEU A 538 -21.08 12.03 -13.51
C LEU A 538 -21.13 12.13 -15.02
N HIS A 539 -20.11 12.74 -15.63
CA HIS A 539 -20.02 12.93 -17.08
C HIS A 539 -18.66 12.40 -17.55
N PRO A 540 -18.47 11.08 -17.53
CA PRO A 540 -17.13 10.52 -17.80
C PRO A 540 -16.73 10.73 -19.24
N ARG A 541 -15.48 11.17 -19.42
CA ARG A 541 -14.92 11.39 -20.75
C ARG A 541 -13.54 10.75 -20.79
N ALA A 542 -13.13 10.36 -21.99
CA ALA A 542 -11.85 9.68 -22.14
C ALA A 542 -10.70 10.55 -21.67
N PHE A 543 -9.75 9.92 -20.99
CA PHE A 543 -8.55 10.51 -20.44
C PHE A 543 -8.81 11.39 -19.23
N ASP A 544 -10.01 11.32 -18.65
CA ASP A 544 -10.11 11.80 -17.28
C ASP A 544 -9.72 10.72 -16.29
N PHE A 545 -9.57 9.47 -16.73
CA PHE A 545 -9.13 8.34 -15.90
C PHE A 545 -10.10 8.03 -14.77
N SER A 546 -11.37 8.40 -14.95
CA SER A 546 -12.42 8.04 -14.00
C SER A 546 -12.78 6.55 -14.10
N ILE A 547 -13.10 5.96 -12.95
CA ILE A 547 -13.63 4.58 -12.94
C ILE A 547 -14.72 4.45 -14.00
N GLU A 548 -15.64 5.42 -14.03
CA GLU A 548 -16.85 5.32 -14.83
C GLU A 548 -16.58 5.33 -16.33
N TYR A 549 -15.53 6.04 -16.79
CA TYR A 549 -15.30 6.03 -18.23
C TYR A 549 -14.79 4.69 -18.70
N GLN A 550 -13.87 4.07 -17.95
CA GLN A 550 -13.41 2.74 -18.32
C GLN A 550 -14.59 1.81 -18.48
N GLN A 551 -15.50 1.82 -17.50
CA GLN A 551 -16.72 1.02 -17.60
C GLN A 551 -17.48 1.34 -18.88
N LYS A 552 -17.65 2.64 -19.18
CA LYS A 552 -18.34 3.02 -20.40
C LYS A 552 -17.69 2.36 -21.61
N TYR A 553 -16.38 2.53 -21.75
CA TYR A 553 -15.64 1.98 -22.87
C TYR A 553 -15.85 0.47 -22.98
N LEU A 554 -15.72 -0.25 -21.86
CA LEU A 554 -15.78 -1.71 -21.92
C LEU A 554 -17.21 -2.19 -22.13
N GLU A 555 -18.21 -1.53 -21.53
CA GLU A 555 -19.59 -1.94 -21.75
C GLU A 555 -19.99 -1.84 -23.21
N HIS A 556 -19.36 -0.92 -23.96
CA HIS A 556 -19.59 -0.84 -25.39
C HIS A 556 -18.89 -1.96 -26.15
N TYR A 557 -17.63 -2.26 -25.80
CA TYR A 557 -16.82 -3.19 -26.59
C TYR A 557 -17.29 -4.64 -26.44
N LEU A 558 -17.68 -5.04 -25.23
CA LEU A 558 -17.86 -6.47 -25.02
C LEU A 558 -19.04 -7.03 -25.82
N PRO A 559 -20.17 -6.34 -25.93
CA PRO A 559 -21.25 -6.89 -26.77
C PRO A 559 -20.85 -7.01 -28.23
N VAL A 560 -20.12 -6.03 -28.76
CA VAL A 560 -19.54 -6.14 -30.10
C VAL A 560 -18.73 -7.43 -30.22
N LEU A 561 -17.88 -7.71 -29.23
CA LEU A 561 -17.09 -8.93 -29.27
C LEU A 561 -17.98 -10.18 -29.24
N GLU A 562 -19.00 -10.15 -28.37
CA GLU A 562 -19.86 -11.32 -28.20
C GLU A 562 -20.70 -11.60 -29.43
N ASP A 563 -21.19 -10.53 -30.09
CA ASP A 563 -22.26 -10.61 -31.08
C ASP A 563 -21.78 -10.54 -32.53
N THR A 564 -20.53 -10.16 -32.78
CA THR A 564 -20.01 -10.16 -34.14
C THR A 564 -19.35 -11.51 -34.44
N PRO A 565 -19.88 -12.28 -35.38
CA PRO A 565 -19.36 -13.65 -35.58
C PRO A 565 -18.02 -13.69 -36.28
N TYR A 566 -17.72 -12.75 -37.18
CA TYR A 566 -16.38 -12.73 -37.74
C TYR A 566 -15.33 -12.25 -36.75
N ILE A 567 -15.71 -11.94 -35.51
CA ILE A 567 -14.74 -11.68 -34.46
C ILE A 567 -14.52 -13.01 -33.75
N CYS A 568 -13.35 -13.61 -33.96
CA CYS A 568 -13.05 -14.88 -33.29
C CYS A 568 -13.12 -14.73 -31.77
N GLY A 569 -12.73 -13.58 -31.26
CA GLY A 569 -12.68 -13.34 -29.83
C GLY A 569 -11.84 -12.12 -29.57
N GLY A 570 -11.61 -11.86 -28.29
CA GLY A 570 -10.74 -10.77 -27.92
C GLY A 570 -10.00 -11.12 -26.66
N THR A 571 -8.89 -10.41 -26.42
CA THR A 571 -8.18 -10.51 -25.16
C THR A 571 -8.03 -9.13 -24.54
N HIS A 572 -8.74 -8.88 -23.43
CA HIS A 572 -8.72 -7.58 -22.79
C HIS A 572 -7.31 -7.15 -22.37
N TRP A 573 -6.96 -5.90 -22.67
CA TRP A 573 -5.72 -5.28 -22.24
C TRP A 573 -6.06 -4.29 -21.15
N ASN A 574 -5.63 -4.53 -19.91
CA ASN A 574 -4.89 -5.70 -19.50
C ASN A 574 -5.60 -6.22 -18.28
N PHE A 575 -5.34 -7.46 -17.87
CA PHE A 575 -5.99 -7.96 -16.67
C PHE A 575 -5.55 -7.21 -15.42
N ILE A 576 -4.29 -6.75 -15.36
CA ILE A 576 -3.75 -6.08 -14.18
C ILE A 576 -3.31 -4.67 -14.55
N ASP A 577 -3.32 -3.77 -13.56
CA ASP A 577 -2.47 -2.59 -13.61
C ASP A 577 -1.03 -3.06 -13.44
N PHE A 578 -0.16 -2.66 -14.36
CA PHE A 578 1.18 -3.24 -14.43
C PHE A 578 2.19 -2.15 -14.60
N SER A 579 3.45 -2.52 -14.42
CA SER A 579 4.55 -1.58 -14.38
C SER A 579 4.96 -1.14 -15.78
N SER A 580 5.00 0.16 -16.01
CA SER A 580 5.57 0.64 -17.28
C SER A 580 6.23 1.97 -16.98
N ALA A 581 7.54 1.91 -16.71
CA ALA A 581 8.22 3.02 -16.06
C ALA A 581 8.10 4.32 -16.84
N LEU A 582 7.96 4.24 -18.16
CA LEU A 582 7.97 5.44 -19.00
C LEU A 582 6.63 6.15 -19.02
N ARG A 583 5.59 5.57 -18.43
CA ARG A 583 4.27 6.18 -18.46
C ARG A 583 4.15 7.23 -17.38
N ASP A 584 3.46 8.33 -17.72
CA ASP A 584 3.02 9.32 -16.75
C ASP A 584 1.51 9.17 -16.51
N GLU A 585 0.71 10.09 -17.03
CA GLU A 585 -0.75 10.00 -16.94
C GLU A 585 -1.15 9.97 -15.45
N SER A 586 -2.28 9.35 -15.08
CA SER A 586 -2.78 9.60 -13.74
C SER A 586 -1.99 8.85 -12.66
N MET A 587 -1.42 7.67 -12.97
CA MET A 587 -0.65 6.88 -12.01
C MET A 587 0.74 6.61 -12.58
N PRO A 588 1.66 7.56 -12.47
CA PRO A 588 2.98 7.40 -13.11
C PRO A 588 3.70 6.10 -12.74
N ARG A 589 4.41 5.51 -13.72
CA ARG A 589 5.08 4.21 -13.66
C ARG A 589 4.12 3.02 -13.89
N ILE A 590 2.80 3.26 -14.00
CA ILE A 590 1.80 2.20 -14.02
C ILE A 590 0.88 2.37 -15.24
N ASN A 591 0.66 1.29 -15.97
CA ASN A 591 -0.41 1.23 -16.96
C ASN A 591 -1.67 0.77 -16.21
N ASN A 592 -2.67 1.65 -16.12
CA ASN A 592 -3.80 1.43 -15.21
C ASN A 592 -5.05 0.95 -15.94
N LYS A 593 -4.88 0.23 -17.05
CA LYS A 593 -6.02 -0.33 -17.76
C LYS A 593 -6.45 -1.70 -17.22
N GLY A 594 -6.07 -2.04 -15.99
CA GLY A 594 -6.42 -3.36 -15.46
C GLY A 594 -7.91 -3.53 -15.25
N LEU A 595 -8.32 -4.79 -15.12
CA LEU A 595 -9.58 -5.17 -14.49
C LEU A 595 -9.42 -5.41 -12.99
N VAL A 596 -8.18 -5.51 -12.53
CA VAL A 596 -7.87 -5.67 -11.12
C VAL A 596 -6.70 -4.75 -10.84
N TYR A 597 -6.67 -4.18 -9.62
CA TYR A 597 -5.57 -3.31 -9.27
C TYR A 597 -4.26 -4.11 -9.22
N ALA A 598 -3.15 -3.38 -9.03
CA ALA A 598 -1.85 -4.03 -8.98
C ALA A 598 -1.77 -5.05 -7.86
N ASP A 599 -2.46 -4.81 -6.75
CA ASP A 599 -2.43 -5.81 -5.70
C ASP A 599 -3.44 -6.95 -5.94
N ARG A 600 -4.12 -6.98 -7.09
CA ARG A 600 -5.04 -8.03 -7.51
C ARG A 600 -6.42 -7.89 -6.88
N THR A 601 -6.68 -6.84 -6.13
CA THR A 601 -8.05 -6.50 -5.78
C THR A 601 -8.80 -6.15 -7.05
N PRO A 602 -9.99 -6.71 -7.28
CA PRO A 602 -10.70 -6.44 -8.53
C PRO A 602 -11.33 -5.05 -8.55
N LYS A 603 -11.34 -4.46 -9.74
CA LYS A 603 -12.17 -3.28 -9.94
C LYS A 603 -13.62 -3.73 -10.12
N ASP A 604 -14.54 -2.82 -9.83
CA ASP A 604 -15.94 -3.19 -10.00
C ASP A 604 -16.19 -3.80 -11.38
N VAL A 605 -15.51 -3.29 -12.41
CA VAL A 605 -15.84 -3.70 -13.78
C VAL A 605 -15.46 -5.16 -14.03
N TYR A 606 -14.51 -5.70 -13.27
CA TYR A 606 -14.23 -7.13 -13.32
C TYR A 606 -15.52 -7.96 -13.22
N HIS A 607 -16.43 -7.56 -12.31
CA HIS A 607 -17.71 -8.26 -12.19
C HIS A 607 -18.67 -7.96 -13.34
N TYR A 608 -18.41 -6.95 -14.17
CA TYR A 608 -19.17 -6.83 -15.41
C TYR A 608 -18.88 -7.99 -16.33
N TYR A 609 -17.59 -8.26 -16.58
CA TYR A 609 -17.19 -9.45 -17.31
C TYR A 609 -17.77 -10.70 -16.68
N GLN A 610 -17.68 -10.82 -15.36
CA GLN A 610 -18.18 -12.02 -14.70
C GLN A 610 -19.69 -12.17 -14.87
N ALA A 611 -20.44 -11.06 -14.81
CA ALA A 611 -21.86 -11.17 -15.10
C ALA A 611 -22.11 -11.74 -16.49
N ALA A 612 -21.33 -11.30 -17.48
CA ALA A 612 -21.56 -11.64 -18.88
C ALA A 612 -20.95 -12.98 -19.31
N TRP A 613 -19.98 -13.50 -18.59
CA TRP A 613 -19.30 -14.74 -18.96
C TRP A 613 -19.59 -15.93 -18.05
N ARG A 614 -20.19 -15.73 -16.88
CA ARG A 614 -20.54 -16.84 -16.00
C ARG A 614 -22.05 -16.96 -15.95
N LYS A 615 -22.62 -17.89 -16.71
CA LYS A 615 -24.03 -18.19 -16.57
C LYS A 615 -24.30 -19.36 -15.64
N ASP A 616 -23.26 -20.08 -15.22
CA ASP A 616 -23.41 -21.22 -14.32
C ASP A 616 -23.69 -20.83 -12.88
N ILE A 617 -23.51 -19.57 -12.52
CA ILE A 617 -23.73 -19.11 -11.14
C ILE A 617 -24.43 -17.75 -11.16
N PRO A 618 -24.97 -17.31 -10.04
CA PRO A 618 -25.55 -15.97 -9.97
C PRO A 618 -24.46 -14.94 -9.71
N VAL A 619 -24.51 -13.84 -10.45
CA VAL A 619 -23.57 -12.73 -10.28
C VAL A 619 -24.37 -11.49 -9.93
N LEU A 620 -24.11 -10.94 -8.74
CA LEU A 620 -24.79 -9.73 -8.28
C LEU A 620 -23.77 -8.92 -7.51
N HIS A 621 -23.35 -7.80 -8.10
CA HIS A 621 -22.23 -7.04 -7.56
C HIS A 621 -22.55 -5.55 -7.63
N ILE A 622 -22.77 -4.94 -6.45
CA ILE A 622 -22.95 -3.49 -6.39
C ILE A 622 -21.62 -2.85 -6.77
N ALA A 623 -21.61 -2.13 -7.90
CA ALA A 623 -20.37 -1.60 -8.47
C ALA A 623 -20.02 -0.29 -7.76
N SER A 624 -19.64 -0.43 -6.47
CA SER A 624 -19.23 0.71 -5.66
C SER A 624 -18.00 0.42 -4.80
N ARG A 625 -17.30 -0.70 -4.99
CA ARG A 625 -16.05 -0.88 -4.27
C ARG A 625 -14.98 0.11 -4.74
N ASP A 626 -15.09 0.62 -5.97
CA ASP A 626 -14.17 1.65 -6.44
C ASP A 626 -14.59 3.05 -6.01
N TRP A 627 -15.74 3.19 -5.32
CA TRP A 627 -16.29 4.51 -5.01
C TRP A 627 -16.87 4.50 -3.57
N THR A 628 -16.02 4.21 -2.61
CA THR A 628 -16.45 4.06 -1.23
C THR A 628 -16.43 5.35 -0.44
N ASP A 629 -15.83 6.41 -0.99
CA ASP A 629 -15.70 7.68 -0.27
C ASP A 629 -16.29 8.79 -1.14
N ARG A 630 -17.57 9.08 -0.91
CA ARG A 630 -18.36 9.95 -1.76
C ARG A 630 -18.66 11.27 -1.08
N ALA A 631 -18.85 12.30 -1.91
CA ALA A 631 -19.17 13.64 -1.47
C ALA A 631 -19.99 14.33 -2.56
N GLY A 632 -20.72 15.37 -2.17
CA GLY A 632 -21.58 16.08 -3.10
C GLY A 632 -22.10 17.37 -2.52
N VAL A 633 -22.40 18.31 -3.41
CA VAL A 633 -22.94 19.62 -3.05
C VAL A 633 -24.42 19.47 -2.70
N GLN A 634 -24.81 19.96 -1.53
CA GLN A 634 -26.15 19.75 -0.98
C GLN A 634 -26.91 21.07 -0.96
N GLN A 635 -28.08 21.10 -1.59
CA GLN A 635 -28.99 22.24 -1.51
C GLN A 635 -29.75 22.16 -0.19
N GLY A 636 -29.46 23.06 0.74
CA GLY A 636 -30.15 22.99 2.01
C GLY A 636 -29.86 21.67 2.70
N ASN A 637 -30.90 20.92 3.02
CA ASN A 637 -30.74 19.59 3.59
C ASN A 637 -31.46 18.52 2.75
N ALA A 638 -31.72 18.80 1.47
CA ALA A 638 -32.23 17.78 0.57
C ALA A 638 -31.12 16.77 0.24
N PRO A 639 -31.49 15.52 -0.07
CA PRO A 639 -30.47 14.51 -0.32
C PRO A 639 -29.71 14.84 -1.59
N VAL A 640 -28.51 14.27 -1.68
CA VAL A 640 -27.62 14.48 -2.82
C VAL A 640 -27.65 13.22 -3.67
N TYR A 641 -28.03 13.36 -4.94
CA TYR A 641 -28.11 12.21 -5.81
C TYR A 641 -26.79 11.93 -6.49
N LEU A 642 -26.33 10.68 -6.38
CA LEU A 642 -25.15 10.19 -7.02
C LEU A 642 -25.52 8.81 -7.56
N PRO A 643 -24.99 8.43 -8.72
CA PRO A 643 -25.34 7.13 -9.30
C PRO A 643 -24.71 5.99 -8.53
N VAL A 644 -25.43 4.87 -8.44
CA VAL A 644 -24.84 3.62 -7.98
C VAL A 644 -25.12 2.57 -9.04
N LYS A 645 -24.06 2.05 -9.66
CA LYS A 645 -24.16 1.07 -10.73
C LYS A 645 -24.18 -0.34 -10.14
N ILE A 646 -24.79 -1.27 -10.89
CA ILE A 646 -24.88 -2.67 -10.50
C ILE A 646 -24.51 -3.53 -11.70
N TYR A 647 -23.64 -4.51 -11.47
CA TYR A 647 -23.26 -5.51 -12.46
C TYR A 647 -23.85 -6.85 -12.04
N THR A 648 -24.52 -7.53 -12.96
CA THR A 648 -25.26 -8.73 -12.60
C THR A 648 -25.70 -9.46 -13.87
N ASN A 649 -25.87 -10.79 -13.74
CA ASN A 649 -26.50 -11.56 -14.80
C ASN A 649 -27.98 -11.83 -14.54
N LEU A 650 -28.56 -11.24 -13.50
CA LEU A 650 -30.01 -11.30 -13.28
C LEU A 650 -30.74 -10.28 -14.14
N SER A 651 -32.00 -10.55 -14.41
CA SER A 651 -32.78 -9.64 -15.25
C SER A 651 -33.38 -8.48 -14.47
N GLU A 652 -33.41 -8.56 -13.14
CA GLU A 652 -34.09 -7.56 -12.33
C GLU A 652 -33.43 -7.52 -10.96
N VAL A 653 -33.04 -6.33 -10.52
CA VAL A 653 -32.40 -6.10 -9.23
C VAL A 653 -33.16 -5.01 -8.49
N GLU A 654 -33.13 -5.11 -7.17
CA GLU A 654 -33.64 -4.07 -6.29
C GLU A 654 -32.50 -3.55 -5.44
N LEU A 655 -32.38 -2.22 -5.38
CA LEU A 655 -31.37 -1.56 -4.55
C LEU A 655 -32.02 -0.83 -3.38
N PHE A 656 -31.46 -1.05 -2.19
CA PHE A 656 -31.87 -0.33 -0.98
C PHE A 656 -30.70 0.52 -0.46
N ILE A 657 -31.03 1.67 0.14
CA ILE A 657 -30.06 2.42 0.93
C ILE A 657 -30.62 2.61 2.33
N ASP A 658 -29.83 2.23 3.33
CA ASP A 658 -30.21 2.35 4.74
C ASP A 658 -31.60 1.81 4.98
N GLY A 659 -31.99 0.79 4.22
CA GLY A 659 -33.24 0.10 4.43
C GLY A 659 -34.38 0.57 3.57
N ILE A 660 -34.24 1.68 2.88
CA ILE A 660 -35.30 2.21 2.03
C ILE A 660 -35.10 1.70 0.61
N SER A 661 -36.15 1.13 0.02
CA SER A 661 -36.05 0.62 -1.34
C SER A 661 -36.06 1.75 -2.35
N LEU A 662 -35.27 1.60 -3.41
CA LEU A 662 -35.25 2.53 -4.53
C LEU A 662 -35.91 1.94 -5.77
N GLY A 663 -36.63 0.84 -5.62
CA GLY A 663 -37.39 0.24 -6.71
C GLY A 663 -36.69 -0.94 -7.34
N LYS A 664 -37.44 -1.61 -8.23
CA LYS A 664 -36.90 -2.62 -9.13
C LYS A 664 -36.49 -1.99 -10.45
N GLN A 665 -35.48 -2.59 -11.07
CA GLN A 665 -35.01 -2.14 -12.37
C GLN A 665 -34.62 -3.34 -13.22
N LYS A 666 -34.96 -3.26 -14.51
CA LYS A 666 -34.60 -4.31 -15.44
C LYS A 666 -33.20 -4.06 -15.98
N THR A 667 -32.38 -5.10 -15.94
CA THR A 667 -31.00 -5.02 -16.39
C THR A 667 -30.93 -5.12 -17.91
N GLU A 668 -30.05 -4.31 -18.50
CA GLU A 668 -29.62 -4.47 -19.89
C GLU A 668 -28.11 -4.58 -19.89
N ASN A 669 -27.56 -5.43 -20.76
CA ASN A 669 -26.12 -5.51 -20.89
C ASN A 669 -25.46 -5.71 -19.52
N TYR A 670 -26.09 -6.54 -18.68
CA TYR A 670 -25.54 -7.01 -17.42
C TYR A 670 -25.42 -5.93 -16.36
N THR A 671 -26.09 -4.79 -16.54
CA THR A 671 -25.93 -3.67 -15.60
C THR A 671 -27.23 -2.88 -15.46
N ALA A 672 -27.29 -2.12 -14.37
CA ALA A 672 -28.35 -1.15 -14.08
C ALA A 672 -27.78 -0.07 -13.16
N THR A 673 -28.22 1.18 -13.36
CA THR A 673 -27.82 2.28 -12.49
C THR A 673 -29.02 2.88 -11.79
N PHE A 674 -28.85 3.16 -10.49
CA PHE A 674 -29.83 3.87 -9.67
C PHE A 674 -29.31 5.25 -9.31
N GLU A 675 -30.17 6.26 -9.44
CA GLU A 675 -29.88 7.55 -8.84
C GLU A 675 -30.18 7.44 -7.36
N VAL A 676 -29.15 7.42 -6.53
CA VAL A 676 -29.29 7.09 -5.11
C VAL A 676 -29.23 8.37 -4.28
N PRO A 677 -30.16 8.59 -3.39
CA PRO A 677 -30.14 9.79 -2.56
C PRO A 677 -29.28 9.62 -1.32
N PHE A 678 -28.13 10.27 -1.29
CA PHE A 678 -27.25 10.17 -0.14
C PHE A 678 -27.58 11.25 0.86
N SER A 679 -27.29 10.97 2.12
CA SER A 679 -27.62 11.90 3.21
C SER A 679 -26.81 11.58 4.47
N ASN A 680 -27.08 10.42 5.07
CA ASN A 680 -26.25 9.93 6.16
C ASN A 680 -24.80 9.76 5.72
N ARG A 681 -23.91 9.73 6.73
CA ARG A 681 -22.47 9.70 6.53
C ARG A 681 -21.93 8.30 6.24
N ASN A 682 -22.60 7.25 6.72
CA ASN A 682 -22.12 5.87 6.60
C ASN A 682 -23.24 4.95 6.12
N PRO A 683 -23.74 5.15 4.91
CA PRO A 683 -24.91 4.38 4.46
C PRO A 683 -24.60 2.94 4.07
N PHE A 684 -25.64 2.11 4.19
CA PHE A 684 -25.56 0.67 3.88
C PHE A 684 -26.27 0.43 2.55
N LEU A 685 -25.53 -0.08 1.57
CA LEU A 685 -26.09 -0.34 0.26
C LEU A 685 -26.41 -1.82 0.14
N PHE A 686 -27.58 -2.13 -0.42
CA PHE A 686 -28.12 -3.50 -0.42
C PHE A 686 -28.89 -3.78 -1.70
N ALA A 687 -28.55 -4.89 -2.36
CA ALA A 687 -29.16 -5.28 -3.63
C ALA A 687 -29.59 -6.74 -3.58
N GLN A 688 -30.74 -7.05 -4.17
CA GLN A 688 -31.16 -8.44 -4.25
C GLN A 688 -32.07 -8.66 -5.44
N GLY A 689 -32.24 -9.94 -5.77
CA GLY A 689 -33.03 -10.38 -6.90
C GLY A 689 -33.10 -11.88 -6.88
N ASN A 690 -33.70 -12.45 -7.92
CA ASN A 690 -33.83 -13.89 -8.04
C ASN A 690 -33.04 -14.41 -9.23
N TYR A 691 -32.42 -15.56 -9.03
CA TYR A 691 -31.71 -16.26 -10.10
C TYR A 691 -32.07 -17.72 -10.03
N GLN A 692 -32.50 -18.28 -11.17
CA GLN A 692 -32.94 -19.66 -11.27
C GLN A 692 -33.55 -20.15 -9.97
N GLY A 693 -34.54 -19.42 -9.46
CA GLY A 693 -35.27 -19.85 -8.29
C GLY A 693 -34.82 -19.22 -6.99
N LYS A 694 -33.52 -19.09 -6.81
CA LYS A 694 -32.94 -18.69 -5.53
C LYS A 694 -32.87 -17.17 -5.40
N THR A 695 -32.94 -16.71 -4.16
CA THR A 695 -32.76 -15.31 -3.83
C THR A 695 -31.27 -14.99 -3.72
N VAL A 696 -30.86 -13.86 -4.28
CA VAL A 696 -29.45 -13.46 -4.35
C VAL A 696 -29.29 -12.06 -3.77
N GLN A 697 -28.21 -11.84 -3.02
CA GLN A 697 -28.02 -10.59 -2.26
C GLN A 697 -26.57 -10.12 -2.33
N ASP A 698 -26.40 -8.82 -2.02
CA ASP A 698 -25.09 -8.17 -1.90
C ASP A 698 -25.28 -6.85 -1.16
N GLY A 699 -24.25 -6.43 -0.44
CA GLY A 699 -24.31 -5.15 0.25
C GLY A 699 -22.93 -4.69 0.67
N LEU A 700 -22.80 -3.39 0.88
CA LEU A 700 -21.59 -2.84 1.47
C LEU A 700 -21.93 -1.49 2.07
N ARG A 701 -21.08 -1.05 2.99
CA ARG A 701 -21.11 0.32 3.46
C ARG A 701 -20.16 1.20 2.68
N ILE A 702 -20.52 2.47 2.55
CA ILE A 702 -19.61 3.49 2.07
C ILE A 702 -19.77 4.75 2.93
N ASN A 703 -18.91 5.72 2.66
CA ASN A 703 -18.85 6.97 3.39
C ASN A 703 -19.33 8.10 2.49
N PHE A 704 -20.15 9.00 3.05
CA PHE A 704 -20.68 10.13 2.31
C PHE A 704 -20.51 11.39 3.12
N THR A 705 -19.97 12.42 2.49
CA THR A 705 -19.73 13.73 3.10
C THR A 705 -20.46 14.81 2.32
N PRO A 706 -21.52 15.41 2.86
CA PRO A 706 -22.18 16.52 2.16
C PRO A 706 -21.42 17.83 2.30
N ILE A 707 -21.38 18.59 1.22
CA ILE A 707 -20.80 19.92 1.21
C ILE A 707 -21.91 20.91 0.87
N PRO A 708 -22.05 22.01 1.61
CA PRO A 708 -23.16 22.93 1.37
C PRO A 708 -22.98 23.80 0.13
N ALA A 709 -24.10 23.99 -0.59
CA ALA A 709 -24.12 24.90 -1.74
C ALA A 709 -24.14 26.36 -1.31
N CYS A 710 -24.72 26.65 -0.16
CA CYS A 710 -24.84 28.00 0.36
C CYS A 710 -24.20 28.03 1.73
N LEU A 711 -23.07 28.71 1.83
CA LEU A 711 -22.33 28.72 3.08
C LEU A 711 -22.93 29.74 4.03
N ASP A 712 -23.02 29.35 5.31
CA ASP A 712 -23.37 30.27 6.39
C ASP A 712 -22.58 29.90 7.64
N ALA A 713 -22.84 30.63 8.73
CA ALA A 713 -22.06 30.43 9.95
C ALA A 713 -22.24 29.04 10.53
N ASN A 714 -23.43 28.44 10.39
CA ASN A 714 -23.61 27.12 10.96
C ASN A 714 -22.89 26.07 10.12
N ASN A 715 -23.11 26.04 8.81
CA ASN A 715 -22.59 24.90 8.09
C ASN A 715 -21.08 24.98 7.84
N LEU A 716 -20.45 26.11 8.16
CA LEU A 716 -19.01 26.22 8.01
C LEU A 716 -18.23 25.53 9.13
N LYS A 717 -18.86 25.25 10.27
CA LYS A 717 -18.14 24.56 11.34
C LYS A 717 -17.67 23.20 10.86
N GLY A 718 -16.37 22.93 11.02
CA GLY A 718 -15.77 21.68 10.59
C GLY A 718 -15.77 21.46 9.09
N LEU A 719 -16.01 22.50 8.29
CA LEU A 719 -16.07 22.36 6.85
C LEU A 719 -14.71 22.57 6.22
N GLU A 720 -14.36 21.71 5.30
CA GLU A 720 -13.13 21.86 4.54
C GLU A 720 -13.58 21.71 3.10
N LEU A 721 -13.87 22.85 2.46
CA LEU A 721 -14.41 22.89 1.09
C LEU A 721 -13.25 22.80 0.10
N ALA A 722 -13.17 21.69 -0.61
CA ALA A 722 -12.05 21.38 -1.49
C ALA A 722 -12.57 21.16 -2.89
N VAL A 723 -11.96 21.82 -3.88
CA VAL A 723 -12.49 21.84 -5.24
C VAL A 723 -11.40 21.44 -6.23
N ASN A 724 -11.67 20.40 -7.01
CA ASN A 724 -10.79 19.99 -8.09
C ASN A 724 -10.98 20.95 -9.27
N VAL A 725 -10.30 22.10 -9.18
CA VAL A 725 -10.55 23.18 -10.13
C VAL A 725 -10.17 22.76 -11.56
N GLY A 726 -11.09 22.98 -12.49
CA GLY A 726 -10.82 22.73 -13.88
C GLY A 726 -11.26 21.38 -14.39
N SER A 727 -11.99 20.61 -13.57
CA SER A 727 -12.23 19.22 -13.88
C SER A 727 -13.67 18.87 -13.54
N GLN A 728 -14.21 17.88 -14.24
CA GLN A 728 -15.52 17.36 -13.92
C GLN A 728 -15.48 16.12 -13.02
N CYS A 729 -14.29 15.74 -12.51
CA CYS A 729 -14.11 14.59 -11.63
C CYS A 729 -14.04 14.98 -10.17
N PHE A 730 -14.76 14.23 -9.31
CA PHE A 730 -14.37 14.14 -7.91
C PHE A 730 -13.01 13.46 -7.83
N PHE A 731 -12.06 14.08 -7.13
CA PHE A 731 -10.78 13.45 -6.82
C PHE A 731 -10.70 13.19 -5.31
N THR A 732 -10.47 11.94 -4.93
CA THR A 732 -10.31 11.55 -3.52
C THR A 732 -8.87 11.13 -3.30
N SER A 733 -8.12 11.92 -2.54
CA SER A 733 -6.74 11.55 -2.25
C SER A 733 -6.70 10.18 -1.59
N ASP A 734 -5.83 9.29 -2.08
CA ASP A 734 -5.58 8.06 -1.35
C ASP A 734 -4.52 8.25 -0.28
N GLU A 735 -4.02 9.48 -0.13
CA GLU A 735 -3.05 9.79 0.90
C GLU A 735 -3.69 10.55 2.06
N SER A 736 -4.57 11.51 1.77
CA SER A 736 -5.23 12.30 2.79
C SER A 736 -6.67 11.91 3.02
N GLN A 737 -7.28 11.20 2.07
CA GLN A 737 -8.67 10.75 2.08
C GLN A 737 -9.63 11.90 1.83
N LEU A 738 -9.14 13.12 1.69
CA LEU A 738 -10.02 14.24 1.37
C LEU A 738 -10.52 14.13 -0.08
N THR A 739 -11.79 14.43 -0.30
CA THR A 739 -12.38 14.45 -1.62
C THR A 739 -12.44 15.89 -2.12
N TRP A 740 -12.05 16.11 -3.36
CA TRP A 740 -12.02 17.43 -3.98
C TRP A 740 -13.13 17.45 -5.02
N LEU A 741 -14.05 18.41 -4.88
CA LEU A 741 -15.30 18.38 -5.62
C LEU A 741 -15.08 18.77 -7.08
N PRO A 742 -15.99 18.36 -7.97
CA PRO A 742 -16.02 18.93 -9.32
C PRO A 742 -16.14 20.45 -9.28
N ASP A 743 -15.34 21.12 -10.09
CA ASP A 743 -15.51 22.55 -10.30
C ASP A 743 -16.95 22.84 -10.68
N GLN A 744 -17.45 23.99 -10.22
CA GLN A 744 -18.78 24.46 -10.57
C GLN A 744 -18.70 25.96 -10.78
N PRO A 745 -19.47 26.51 -11.71
CA PRO A 745 -19.44 27.96 -11.93
C PRO A 745 -20.13 28.70 -10.78
N TYR A 746 -19.60 29.88 -10.47
CA TYR A 746 -20.20 30.70 -9.42
C TYR A 746 -21.66 31.02 -9.74
N ALA A 747 -22.50 30.87 -8.72
CA ALA A 747 -23.88 31.33 -8.80
C ALA A 747 -24.15 32.18 -7.57
N ALA A 748 -25.11 33.11 -7.68
CA ALA A 748 -25.45 33.95 -6.56
C ALA A 748 -25.86 33.11 -5.36
N GLY A 749 -25.38 33.49 -4.18
CA GLY A 749 -25.67 32.76 -2.95
C GLY A 749 -24.80 31.54 -2.72
N SER A 750 -23.97 31.17 -3.69
CA SER A 750 -23.17 29.96 -3.64
C SER A 750 -21.71 30.29 -3.95
N TRP A 751 -21.03 29.37 -4.62
CA TRP A 751 -19.60 29.51 -4.85
C TRP A 751 -19.25 28.82 -6.16
N GLY A 752 -18.18 29.27 -6.79
CA GLY A 752 -17.71 28.64 -8.00
C GLY A 752 -16.72 29.53 -8.73
N TYR A 753 -16.35 29.08 -9.92
CA TYR A 753 -15.36 29.77 -10.74
C TYR A 753 -16.01 30.90 -11.56
N ILE A 754 -15.16 31.78 -12.06
CA ILE A 754 -15.58 32.91 -12.88
C ILE A 754 -14.62 33.02 -14.05
N GLY A 755 -15.09 32.68 -15.27
CA GLY A 755 -14.25 32.75 -16.47
C GLY A 755 -13.41 31.48 -16.69
N GLY A 756 -12.63 31.50 -17.77
CA GLY A 756 -11.68 30.44 -18.05
C GLY A 756 -12.25 29.20 -18.75
N LYS A 757 -11.34 28.30 -19.09
CA LYS A 757 -11.65 27.04 -19.75
C LYS A 757 -10.81 25.93 -19.11
N GLU A 758 -11.28 24.69 -19.25
CA GLU A 758 -10.57 23.53 -18.71
C GLU A 758 -9.25 23.31 -19.45
N GLY A 759 -8.23 22.94 -18.69
CA GLY A 759 -6.96 22.55 -19.27
C GLY A 759 -6.46 21.28 -18.60
N THR A 760 -5.75 20.47 -19.39
CA THR A 760 -5.42 19.12 -18.96
C THR A 760 -4.04 18.71 -19.45
N ALA A 761 -3.28 18.09 -18.58
CA ALA A 761 -1.96 17.57 -18.89
C ALA A 761 -1.88 16.12 -18.44
N GLN A 762 -1.01 15.36 -19.10
CA GLN A 762 -0.76 13.96 -18.76
C GLN A 762 0.64 13.74 -18.22
N THR A 763 1.51 14.74 -18.31
CA THR A 763 2.83 14.71 -17.70
C THR A 763 2.75 14.56 -16.18
N GLU A 764 3.67 13.78 -15.63
CA GLU A 764 3.77 13.65 -14.18
C GLU A 764 3.96 15.01 -13.52
N ILE A 765 3.46 15.14 -12.28
CA ILE A 765 3.57 16.35 -11.48
C ILE A 765 4.54 16.08 -10.32
N GLN A 766 5.59 16.90 -10.21
CA GLN A 766 6.53 16.68 -9.13
C GLN A 766 5.93 17.11 -7.78
N ASN A 767 6.45 16.50 -6.71
CA ASN A 767 6.18 17.00 -5.37
C ASN A 767 4.71 16.93 -4.98
N THR A 768 3.97 15.95 -5.51
CA THR A 768 2.64 15.66 -4.99
C THR A 768 2.34 14.18 -5.19
N ALA A 769 1.63 13.61 -4.22
CA ALA A 769 0.99 12.32 -4.38
C ALA A 769 -0.35 12.44 -5.07
N ASP A 770 -0.85 13.67 -5.27
CA ASP A 770 -2.18 13.82 -5.83
C ASP A 770 -2.15 14.36 -7.26
N GLY A 771 -1.29 13.78 -8.10
CA GLY A 771 -1.10 14.22 -9.45
C GLY A 771 -2.36 14.66 -10.17
N PRO A 772 -3.38 13.80 -10.24
CA PRO A 772 -4.55 14.16 -11.03
C PRO A 772 -5.18 15.47 -10.57
N LEU A 773 -5.20 15.72 -9.26
CA LEU A 773 -5.69 16.99 -8.76
C LEU A 773 -5.04 18.17 -9.47
N PHE A 774 -3.72 18.11 -9.65
CA PHE A 774 -2.91 19.16 -10.26
C PHE A 774 -2.85 19.08 -11.78
N GLN A 775 -3.16 17.92 -12.38
CA GLN A 775 -3.05 17.79 -13.82
C GLN A 775 -4.23 18.40 -14.56
N THR A 776 -5.28 18.82 -13.85
CA THR A 776 -6.34 19.59 -14.47
C THR A 776 -6.41 20.96 -13.83
N LEU A 777 -6.86 21.95 -14.60
CA LEU A 777 -6.83 23.34 -14.17
C LEU A 777 -7.82 24.17 -14.97
N ARG A 778 -8.15 25.33 -14.45
CA ARG A 778 -8.96 26.32 -15.18
C ARG A 778 -7.99 27.38 -15.69
N ASN A 779 -7.88 27.47 -17.01
CA ASN A 779 -6.92 28.36 -17.66
C ASN A 779 -7.64 29.62 -18.13
N GLU A 780 -6.90 30.74 -18.12
CA GLU A 780 -7.48 32.05 -18.40
C GLU A 780 -8.60 32.36 -17.40
N ILE A 781 -8.37 32.01 -16.13
CA ILE A 781 -9.40 32.16 -15.11
C ILE A 781 -9.49 33.62 -14.67
N GLU A 782 -10.70 34.11 -14.47
CA GLU A 782 -10.85 35.50 -14.05
C GLU A 782 -10.96 35.64 -12.54
N GLY A 783 -11.80 34.82 -11.90
CA GLY A 783 -11.94 34.87 -10.47
C GLY A 783 -12.42 33.54 -9.91
N TYR A 784 -12.51 33.50 -8.59
CA TYR A 784 -13.15 32.40 -7.90
C TYR A 784 -13.80 33.02 -6.69
N ARG A 785 -15.08 32.74 -6.48
CA ARG A 785 -15.84 33.49 -5.48
C ARG A 785 -16.60 32.56 -4.55
N PHE A 786 -16.57 32.89 -3.26
CA PHE A 786 -17.39 32.20 -2.26
C PHE A 786 -18.29 33.23 -1.58
N ASP A 787 -19.59 32.98 -1.58
CA ASP A 787 -20.47 33.80 -0.75
C ASP A 787 -20.44 33.25 0.66
N ALA A 788 -20.05 34.08 1.62
CA ALA A 788 -19.60 33.59 2.92
C ALA A 788 -19.68 34.70 3.95
N PRO A 789 -20.03 34.38 5.20
CA PRO A 789 -20.09 35.40 6.26
C PRO A 789 -18.75 36.05 6.53
N GLN A 790 -18.82 37.21 7.18
CA GLN A 790 -17.63 37.88 7.65
C GLN A 790 -16.85 36.98 8.60
N GLY A 791 -15.53 37.08 8.53
CA GLY A 791 -14.69 36.33 9.44
C GLY A 791 -13.30 36.13 8.85
N VAL A 792 -12.52 35.29 9.51
CA VAL A 792 -11.16 34.95 9.10
C VAL A 792 -11.17 33.55 8.48
N TYR A 793 -10.55 33.43 7.31
CA TYR A 793 -10.64 32.25 6.47
C TYR A 793 -9.26 31.79 6.08
N GLU A 794 -9.10 30.48 5.95
CA GLU A 794 -7.89 29.89 5.38
C GLU A 794 -8.17 29.52 3.93
N ILE A 795 -7.35 30.02 3.02
CA ILE A 795 -7.52 29.81 1.59
C ILE A 795 -6.24 29.17 1.08
N GLU A 796 -6.37 27.96 0.52
CA GLU A 796 -5.25 27.27 -0.11
C GLU A 796 -5.46 27.31 -1.60
N LEU A 797 -4.41 27.74 -2.32
CA LEU A 797 -4.39 27.78 -3.79
C LEU A 797 -3.38 26.75 -4.29
N LEU A 798 -3.79 25.97 -5.29
CA LEU A 798 -2.96 24.94 -5.89
C LEU A 798 -2.59 25.36 -7.30
N PHE A 799 -1.28 25.44 -7.57
CA PHE A 799 -0.80 25.82 -8.89
C PHE A 799 0.16 24.79 -9.49
N THR A 800 0.04 24.60 -10.81
CA THR A 800 1.04 23.89 -11.60
C THR A 800 0.94 24.37 -13.05
N ASP A 801 2.04 24.89 -13.57
CA ASP A 801 2.09 25.36 -14.95
C ASP A 801 2.36 24.19 -15.87
N ILE A 802 1.37 23.85 -16.70
CA ILE A 802 1.45 22.70 -17.60
C ILE A 802 1.84 23.10 -19.04
N PHE A 803 2.17 24.37 -19.26
CA PHE A 803 2.31 24.91 -20.61
C PHE A 803 3.78 25.19 -20.93
N ARG A 804 4.54 24.12 -21.07
CA ARG A 804 5.93 24.22 -21.48
C ARG A 804 6.06 24.28 -23.01
N GLU A 823 6.02 33.29 -20.36
CA GLU A 823 5.99 32.66 -19.05
C GLU A 823 4.90 33.27 -18.19
N SER A 824 3.83 32.50 -17.94
CA SER A 824 2.68 33.01 -17.21
C SER A 824 3.09 33.67 -15.90
N THR A 825 2.47 34.82 -15.62
CA THR A 825 2.74 35.64 -14.46
C THR A 825 1.48 36.40 -14.13
N PHE A 826 1.14 36.50 -12.84
CA PHE A 826 -0.10 37.18 -12.54
C PHE A 826 -0.18 37.56 -11.07
N GLY A 827 -0.91 38.67 -10.82
CA GLY A 827 -1.25 39.05 -9.48
C GLY A 827 -2.54 38.41 -9.06
N ILE A 828 -2.74 38.33 -7.75
CA ILE A 828 -3.96 37.77 -7.19
C ILE A 828 -4.45 38.68 -6.09
N SER A 829 -5.71 39.07 -6.16
CA SER A 829 -6.31 39.91 -5.15
C SER A 829 -7.51 39.18 -4.55
N ILE A 830 -7.83 39.55 -3.32
CA ILE A 830 -8.96 38.99 -2.60
C ILE A 830 -9.70 40.16 -1.96
N ASN A 831 -10.98 40.32 -2.33
CA ASN A 831 -11.80 41.45 -1.84
C ASN A 831 -11.04 42.78 -1.93
N GLY A 832 -10.33 42.97 -3.03
CA GLY A 832 -9.68 44.22 -3.32
C GLY A 832 -8.32 44.38 -2.70
N GLU A 833 -7.85 43.42 -1.91
CA GLU A 833 -6.50 43.48 -1.36
C GLU A 833 -5.61 42.54 -2.15
N VAL A 834 -4.43 43.04 -2.53
CA VAL A 834 -3.45 42.24 -3.25
C VAL A 834 -2.84 41.22 -2.30
N VAL A 835 -2.90 39.97 -2.67
CA VAL A 835 -2.31 38.91 -1.89
C VAL A 835 -1.09 38.31 -2.57
N GLU A 836 -0.98 38.42 -3.89
CA GLU A 836 0.23 38.15 -4.68
C GLU A 836 0.40 39.27 -5.69
N GLU A 837 1.53 39.98 -5.59
CA GLU A 837 1.82 41.04 -6.54
C GLU A 837 2.10 40.48 -7.93
N SER A 838 2.91 39.43 -8.02
CA SER A 838 3.38 38.91 -9.31
C SER A 838 3.84 37.48 -9.06
N LEU A 839 2.91 36.54 -9.16
CA LEU A 839 3.20 35.14 -8.94
C LEU A 839 3.42 34.48 -10.29
N SER A 840 4.53 33.77 -10.44
CA SER A 840 4.78 32.96 -11.62
C SER A 840 5.16 31.56 -11.20
N PRO A 841 4.22 30.63 -11.18
CA PRO A 841 4.57 29.24 -10.82
C PRO A 841 5.79 28.69 -11.53
N CYS A 842 5.91 28.85 -12.85
CA CYS A 842 7.04 28.23 -13.55
C CYS A 842 8.37 28.90 -13.23
N LYS A 843 8.36 30.15 -12.76
CA LYS A 843 9.62 30.74 -12.35
C LYS A 843 9.96 30.32 -10.92
N GLU A 844 8.98 30.35 -10.03
CA GLU A 844 9.24 29.90 -8.66
C GLU A 844 9.66 28.43 -8.65
N SER A 845 8.91 27.58 -9.36
CA SER A 845 9.02 26.13 -9.19
C SER A 845 9.36 25.35 -10.44
N GLY A 846 9.12 25.91 -11.62
CA GLY A 846 9.26 25.18 -12.86
C GLY A 846 7.93 24.63 -13.32
N TYR A 847 7.93 24.07 -14.52
CA TYR A 847 6.73 23.47 -15.07
C TYR A 847 6.47 22.11 -14.42
N PHE A 848 5.19 21.73 -14.39
CA PHE A 848 4.80 20.38 -13.93
C PHE A 848 5.29 20.07 -12.53
N ARG A 849 5.31 21.08 -11.66
CA ARG A 849 5.71 20.92 -10.27
C ARG A 849 4.63 21.54 -9.39
N ALA A 850 4.24 20.84 -8.34
CA ALA A 850 3.08 21.29 -7.57
C ALA A 850 3.44 22.46 -6.65
N LEU A 851 2.57 23.48 -6.63
N LEU A 851 2.50 23.40 -6.52
CA LEU A 851 2.65 24.59 -5.69
CA LEU A 851 2.66 24.60 -5.70
C LEU A 851 1.36 24.64 -4.88
C LEU A 851 1.39 24.80 -4.87
N ARG A 852 1.48 24.51 -3.56
CA ARG A 852 0.37 24.68 -2.62
C ARG A 852 0.68 25.86 -1.71
N LYS A 853 -0.09 26.92 -1.82
CA LYS A 853 0.12 28.12 -0.99
C LYS A 853 -1.14 28.38 -0.18
N LYS A 854 -0.95 28.67 1.10
CA LYS A 854 -2.04 28.95 2.02
C LYS A 854 -1.94 30.40 2.47
N TYR A 855 -3.08 31.07 2.58
CA TYR A 855 -3.17 32.44 3.06
C TYR A 855 -4.26 32.51 4.13
N TYR A 856 -4.05 33.37 5.13
CA TYR A 856 -5.10 33.71 6.07
C TYR A 856 -5.67 35.04 5.61
N ILE A 857 -6.99 35.08 5.44
CA ILE A 857 -7.71 36.21 4.85
C ILE A 857 -8.79 36.66 5.83
N THR A 858 -8.94 37.97 6.01
CA THR A 858 -10.01 38.51 6.86
C THR A 858 -11.08 39.10 5.95
N ASN A 859 -12.26 38.50 5.96
CA ASN A 859 -13.37 38.93 5.12
C ASN A 859 -14.30 39.83 5.93
N ASP A 860 -14.30 41.13 5.63
CA ASP A 860 -15.23 42.07 6.23
C ASP A 860 -16.43 42.37 5.33
N LYS A 861 -16.68 41.51 4.33
CA LYS A 861 -17.81 41.59 3.39
C LYS A 861 -18.60 40.30 3.47
N GLU A 862 -19.62 40.19 2.60
CA GLU A 862 -20.49 39.01 2.59
C GLU A 862 -20.07 37.98 1.54
N TYR A 863 -18.82 38.04 1.10
CA TYR A 863 -18.33 37.16 0.06
C TYR A 863 -16.81 37.17 0.15
N ILE A 864 -16.19 36.24 -0.56
CA ILE A 864 -14.74 36.17 -0.72
C ILE A 864 -14.46 36.14 -2.21
N ASP A 865 -13.95 37.26 -2.75
CA ASP A 865 -13.83 37.43 -4.19
C ASP A 865 -12.36 37.38 -4.56
N ILE A 866 -11.93 36.26 -5.14
CA ILE A 866 -10.55 36.09 -5.61
C ILE A 866 -10.52 36.46 -7.08
N ARG A 867 -9.57 37.33 -7.44
CA ARG A 867 -9.45 37.80 -8.82
C ARG A 867 -8.03 37.59 -9.32
N PHE A 868 -7.91 37.30 -10.61
CA PHE A 868 -6.61 37.06 -11.23
C PHE A 868 -6.33 38.13 -12.28
N HIS A 869 -5.18 38.81 -12.16
CA HIS A 869 -4.75 39.89 -13.06
C HIS A 869 -3.49 39.43 -13.77
N SER A 870 -3.61 39.00 -15.02
CA SER A 870 -2.46 38.49 -15.76
C SER A 870 -1.65 39.65 -16.34
N THR A 871 -0.33 39.58 -16.19
CA THR A 871 0.58 40.53 -16.81
C THR A 871 1.44 39.86 -17.87
N SER A 872 1.27 38.57 -18.07
CA SER A 872 2.13 37.78 -18.93
C SER A 872 1.57 36.37 -18.92
N GLY A 873 1.66 35.68 -20.06
CA GLY A 873 1.01 34.38 -20.16
C GLY A 873 -0.46 34.48 -19.77
N THR A 874 -0.97 33.41 -19.19
CA THR A 874 -2.36 33.33 -18.77
C THR A 874 -2.45 33.16 -17.25
N CYS A 875 -3.64 33.42 -16.73
CA CYS A 875 -4.00 33.08 -15.35
C CYS A 875 -4.58 31.67 -15.30
N PHE A 876 -4.11 30.86 -14.36
CA PHE A 876 -4.59 29.51 -14.20
C PHE A 876 -4.65 29.18 -12.73
N LEU A 877 -5.52 28.23 -12.38
CA LEU A 877 -5.67 27.78 -11.00
C LEU A 877 -6.06 26.31 -11.03
N ASN A 878 -5.29 25.46 -10.34
CA ASN A 878 -5.49 24.01 -10.43
C ASN A 878 -6.33 23.45 -9.30
N GLY A 879 -6.48 24.18 -8.20
CA GLY A 879 -7.35 23.73 -7.13
C GLY A 879 -7.42 24.79 -6.06
N ILE A 880 -8.50 24.72 -5.27
CA ILE A 880 -8.73 25.66 -4.18
C ILE A 880 -9.37 24.89 -3.03
N LYS A 881 -9.17 25.37 -1.81
CA LYS A 881 -9.74 24.75 -0.62
C LYS A 881 -9.94 25.82 0.45
N LEU A 882 -11.15 25.90 0.99
CA LEU A 882 -11.55 26.95 1.90
C LEU A 882 -11.93 26.36 3.26
N ARG A 883 -11.37 26.92 4.33
CA ARG A 883 -11.88 26.71 5.67
C ARG A 883 -12.16 28.05 6.33
N ASN A 884 -13.12 28.08 7.24
CA ASN A 884 -13.30 29.20 8.12
C ASN A 884 -12.55 28.94 9.42
N ILE A 885 -11.81 29.93 9.88
CA ILE A 885 -11.00 29.82 11.09
C ILE A 885 -11.63 30.55 12.26
N TYR A 886 -11.98 31.83 12.09
CA TYR A 886 -12.68 32.59 13.14
C TYR A 886 -13.96 33.21 12.63
N GLN B 32 -1.94 46.37 7.05
CA GLN B 32 -2.47 45.26 7.86
C GLN B 32 -1.48 44.12 7.94
N ARG B 33 -1.98 42.97 8.38
CA ARG B 33 -1.18 41.77 8.54
C ARG B 33 -1.47 40.82 7.39
N GLN B 34 -0.42 40.33 6.75
CA GLN B 34 -0.52 39.35 5.68
C GLN B 34 0.29 38.15 6.13
N THR B 35 -0.37 37.01 6.31
CA THR B 35 0.28 35.76 6.66
C THR B 35 0.00 34.76 5.56
N GLN B 36 1.06 34.16 5.02
CA GLN B 36 0.99 33.17 3.96
C GLN B 36 2.16 32.21 4.11
N THR B 37 2.02 31.01 3.55
CA THR B 37 3.08 30.02 3.67
C THR B 37 4.15 30.23 2.61
N ILE B 38 5.37 29.79 2.94
CA ILE B 38 6.40 29.64 1.92
C ILE B 38 6.84 28.19 1.89
N ASN B 39 5.88 27.26 1.72
CA ASN B 39 6.19 25.83 1.71
C ASN B 39 6.67 25.34 0.35
N ASP B 40 6.44 26.10 -0.71
CA ASP B 40 6.70 25.70 -2.08
C ASP B 40 8.15 26.02 -2.49
N SER B 41 8.58 25.37 -3.58
CA SER B 41 9.73 25.82 -4.37
C SER B 41 11.05 25.72 -3.60
N TRP B 42 11.26 24.61 -2.90
CA TRP B 42 12.49 24.42 -2.14
C TRP B 42 13.45 23.47 -2.88
N LYS B 43 14.73 23.60 -2.54
CA LYS B 43 15.77 22.68 -2.97
C LYS B 43 16.35 22.01 -1.73
N PHE B 44 16.64 20.71 -1.83
CA PHE B 44 17.07 19.94 -0.65
C PHE B 44 18.30 19.10 -0.91
N LEU B 45 19.14 18.97 0.10
CA LEU B 45 20.34 18.17 0.02
C LEU B 45 20.55 17.41 1.31
N LYS B 46 20.71 16.08 1.24
CA LYS B 46 21.06 15.32 2.44
C LYS B 46 22.57 15.41 2.69
N GLY B 47 22.95 15.68 3.93
CA GLY B 47 24.35 15.66 4.34
C GLY B 47 24.96 17.05 4.49
N GLU B 48 26.27 17.05 4.73
CA GLU B 48 27.01 18.30 4.92
C GLU B 48 27.24 18.99 3.57
N CYS B 49 27.35 20.32 3.61
CA CYS B 49 27.64 21.07 2.41
C CYS B 49 28.27 22.40 2.83
N THR B 50 29.58 22.48 2.66
CA THR B 50 30.29 23.75 2.77
C THR B 50 29.65 24.76 1.83
N ALA B 51 29.39 25.95 2.35
CA ALA B 51 28.94 27.09 1.56
C ALA B 51 27.46 27.07 1.24
N ALA B 52 26.68 26.15 1.82
CA ALA B 52 25.29 25.97 1.41
C ALA B 52 24.44 27.21 1.66
N ALA B 53 24.86 28.12 2.56
CA ALA B 53 24.07 29.31 2.86
C ALA B 53 24.33 30.48 1.92
N ASP B 54 25.46 30.49 1.20
CA ASP B 54 25.77 31.62 0.34
C ASP B 54 24.64 31.88 -0.64
N SER B 55 24.36 33.16 -0.88
CA SER B 55 23.34 33.46 -1.89
C SER B 55 23.78 33.04 -3.28
N ALA B 56 25.09 33.01 -3.55
CA ALA B 56 25.57 32.68 -4.89
C ALA B 56 25.75 31.18 -5.11
N PHE B 57 25.44 30.34 -4.12
CA PHE B 57 25.54 28.89 -4.29
C PHE B 57 24.72 28.41 -5.48
N ASP B 58 25.19 27.33 -6.11
CA ASP B 58 24.51 26.69 -7.23
C ASP B 58 23.89 25.40 -6.73
N ASP B 59 22.58 25.42 -6.50
CA ASP B 59 21.84 24.30 -5.95
C ASP B 59 20.94 23.66 -6.98
N SER B 60 21.26 23.86 -8.26
CA SER B 60 20.44 23.38 -9.37
C SER B 60 20.34 21.87 -9.40
N LYS B 61 21.37 21.17 -8.93
CA LYS B 61 21.37 19.72 -8.85
C LYS B 61 20.77 19.18 -7.55
N TRP B 62 20.31 20.04 -6.65
CA TRP B 62 19.65 19.56 -5.44
C TRP B 62 18.28 19.02 -5.79
N THR B 63 17.65 18.37 -4.81
CA THR B 63 16.33 17.82 -5.04
C THR B 63 15.26 18.88 -4.85
N SER B 64 14.31 18.92 -5.78
CA SER B 64 13.14 19.80 -5.67
C SER B 64 12.11 19.20 -4.73
N ILE B 65 11.72 19.93 -3.69
CA ILE B 65 10.76 19.42 -2.73
C ILE B 65 9.78 20.51 -2.33
N HIS B 66 8.73 20.09 -1.64
CA HIS B 66 7.66 20.95 -1.15
C HIS B 66 7.44 20.56 0.30
N LEU B 67 7.69 21.49 1.23
CA LEU B 67 7.36 21.27 2.64
C LEU B 67 5.86 20.97 2.78
N PRO B 68 5.47 20.18 3.80
CA PRO B 68 6.38 19.61 4.81
C PRO B 68 7.16 18.46 4.23
N HIS B 69 8.28 18.14 4.87
CA HIS B 69 9.27 17.22 4.32
C HIS B 69 10.02 16.53 5.45
N THR B 70 10.38 15.25 5.23
CA THR B 70 11.35 14.54 6.05
C THR B 70 12.31 13.82 5.13
N TRP B 71 13.56 13.68 5.55
CA TRP B 71 14.50 12.88 4.81
C TRP B 71 14.58 11.44 5.33
N ASN B 72 13.59 11.01 6.11
CA ASN B 72 13.68 9.74 6.83
C ASN B 72 12.54 8.80 6.46
N THR B 73 12.01 8.93 5.25
CA THR B 73 11.17 7.87 4.70
C THR B 73 11.89 6.51 4.83
N ASP B 74 13.23 6.49 4.79
CA ASP B 74 13.98 5.24 4.95
C ASP B 74 13.64 4.49 6.24
N ALA B 75 13.13 5.17 7.27
CA ALA B 75 12.83 4.50 8.53
C ALA B 75 11.68 3.50 8.41
N TYR B 76 10.89 3.55 7.34
CA TYR B 76 9.81 2.58 7.19
C TYR B 76 10.28 1.26 6.62
N THR B 77 11.57 1.12 6.34
CA THR B 77 12.17 -0.15 5.93
C THR B 77 13.42 -0.41 6.76
N GLU B 78 14.28 0.60 6.85
CA GLU B 78 15.62 0.45 7.43
C GLU B 78 15.58 0.78 8.91
N LYS B 79 16.17 -0.10 9.72
CA LYS B 79 16.23 0.17 11.14
C LYS B 79 17.25 1.26 11.44
N ASP B 80 18.35 1.27 10.69
CA ASP B 80 19.40 2.26 10.90
C ASP B 80 19.16 3.45 9.97
N TYR B 81 18.11 4.21 10.27
CA TYR B 81 17.77 5.37 9.46
C TYR B 81 18.77 6.50 9.70
N TYR B 82 18.96 7.34 8.67
CA TYR B 82 20.01 8.35 8.66
C TYR B 82 19.77 9.44 9.71
N ARG B 83 20.73 9.66 10.59
CA ARG B 83 20.72 10.80 11.52
C ARG B 83 21.93 11.68 11.25
N GLY B 84 21.67 12.94 10.91
CA GLY B 84 22.73 13.90 10.63
C GLY B 84 22.20 15.24 10.11
N THR B 85 22.79 15.75 9.05
CA THR B 85 22.58 17.11 8.58
C THR B 85 21.85 17.13 7.24
N GLY B 86 20.98 18.11 7.08
CA GLY B 86 20.29 18.32 5.81
C GLY B 86 20.06 19.80 5.58
N TRP B 87 20.17 20.24 4.32
CA TRP B 87 20.11 21.65 3.96
C TRP B 87 18.91 21.93 3.07
N TYR B 88 18.23 23.06 3.34
CA TYR B 88 17.14 23.56 2.50
C TYR B 88 17.44 24.97 1.99
N ARG B 89 17.09 25.22 0.73
CA ARG B 89 17.25 26.51 0.07
C ARG B 89 15.96 26.93 -0.62
N ARG B 90 15.63 28.22 -0.50
CA ARG B 90 14.50 28.86 -1.16
C ARG B 90 14.85 30.31 -1.46
N GLN B 91 14.44 30.78 -2.63
CA GLN B 91 14.53 32.19 -2.96
C GLN B 91 13.33 32.92 -2.39
N LEU B 92 13.57 34.10 -1.84
CA LEU B 92 12.50 35.01 -1.43
C LEU B 92 12.59 36.28 -2.26
N THR B 93 11.59 36.51 -3.10
CA THR B 93 11.44 37.79 -3.78
C THR B 93 10.24 38.50 -3.15
N LEU B 94 10.54 39.50 -2.35
CA LEU B 94 9.55 40.14 -1.50
C LEU B 94 8.64 41.08 -2.30
N PRO B 95 7.41 41.25 -1.83
CA PRO B 95 6.48 42.18 -2.49
C PRO B 95 6.89 43.60 -2.19
N GLN B 96 6.72 44.47 -3.20
CA GLN B 96 7.02 45.89 -3.01
C GLN B 96 6.16 46.50 -1.91
N GLY B 97 4.86 46.14 -1.87
CA GLY B 97 3.98 46.56 -0.79
C GLY B 97 4.47 46.17 0.61
N TRP B 98 5.54 45.40 0.73
CA TRP B 98 6.08 45.03 2.03
C TRP B 98 7.32 45.82 2.39
N LYS B 99 7.75 46.76 1.52
CA LYS B 99 9.02 47.45 1.72
C LYS B 99 9.12 48.12 3.09
N GLU B 100 8.00 48.58 3.65
CA GLU B 100 7.99 49.24 4.95
C GLU B 100 7.50 48.36 6.10
N LYS B 101 7.16 47.10 5.86
CA LYS B 101 6.67 46.26 6.96
C LYS B 101 7.81 45.46 7.59
N GLN B 102 7.57 44.93 8.78
CA GLN B 102 8.45 43.94 9.38
C GLN B 102 8.07 42.55 8.86
N ILE B 103 9.08 41.78 8.45
CA ILE B 103 8.87 40.42 7.95
C ILE B 103 9.27 39.45 9.07
N ILE B 104 8.35 38.56 9.43
CA ILE B 104 8.56 37.57 10.48
C ILE B 104 8.51 36.19 9.84
N LEU B 105 9.58 35.41 10.05
CA LEU B 105 9.69 34.04 9.56
C LEU B 105 9.36 33.07 10.69
N ARG B 106 8.49 32.10 10.41
CA ARG B 106 8.09 31.13 11.43
C ARG B 106 8.25 29.73 10.87
N LEU B 107 9.00 28.89 11.56
CA LEU B 107 9.10 27.48 11.23
C LEU B 107 8.28 26.75 12.29
N ASP B 108 7.14 26.20 11.90
CA ASP B 108 6.32 25.50 12.89
C ASP B 108 7.04 24.28 13.44
N ALA B 109 7.92 23.64 12.67
CA ALA B 109 8.67 22.49 13.19
C ALA B 109 9.90 22.13 12.34
N ALA B 110 11.02 21.88 13.02
CA ALA B 110 12.20 21.33 12.37
C ALA B 110 12.87 20.34 13.31
N GLY B 111 12.98 19.09 12.88
CA GLY B 111 13.53 18.04 13.73
C GLY B 111 14.95 17.70 13.34
N LYS B 112 15.88 17.78 14.30
CA LYS B 112 15.59 18.19 15.69
C LYS B 112 16.04 19.61 15.97
N SER B 113 16.88 20.15 15.08
CA SER B 113 17.40 21.50 15.25
C SER B 113 17.45 22.21 13.90
N ALA B 114 17.47 23.54 13.94
CA ALA B 114 17.54 24.29 12.69
C ALA B 114 18.39 25.52 12.91
N THR B 115 19.20 25.86 11.91
CA THR B 115 19.86 27.15 11.86
C THR B 115 19.43 27.83 10.58
N ILE B 116 19.06 29.10 10.67
CA ILE B 116 18.48 29.83 9.55
C ILE B 116 19.47 30.85 9.00
N TYR B 117 19.59 30.89 7.68
CA TYR B 117 20.48 31.80 6.99
C TYR B 117 19.67 32.63 6.01
N ILE B 118 19.90 33.93 6.00
CA ILE B 118 19.37 34.84 4.99
C ILE B 118 20.54 35.50 4.29
N ASN B 119 20.65 35.25 2.97
CA ASN B 119 21.70 35.83 2.15
C ASN B 119 23.08 35.53 2.74
N GLY B 120 23.24 34.35 3.30
CA GLY B 120 24.51 33.94 3.87
C GLY B 120 24.74 34.31 5.32
N LYS B 121 23.89 35.12 5.93
CA LYS B 121 24.09 35.55 7.31
C LYS B 121 23.26 34.69 8.25
N ASN B 122 23.86 34.32 9.38
CA ASN B 122 23.21 33.48 10.38
C ASN B 122 22.21 34.33 11.15
N VAL B 123 20.92 34.11 10.92
CA VAL B 123 19.86 34.88 11.56
C VAL B 123 19.56 34.36 12.96
N GLY B 124 19.60 33.05 13.15
CA GLY B 124 19.28 32.48 14.45
C GLY B 124 19.13 30.97 14.33
N GLU B 125 18.92 30.33 15.49
CA GLU B 125 18.83 28.88 15.51
C GLU B 125 17.71 28.44 16.46
N HIS B 126 17.37 27.15 16.41
CA HIS B 126 16.37 26.62 17.32
C HIS B 126 16.65 25.15 17.59
N ALA B 127 16.57 24.79 18.87
CA ALA B 127 16.76 23.43 19.36
C ALA B 127 15.42 22.88 19.83
N GLY B 128 14.96 21.79 19.22
CA GLY B 128 13.65 21.29 19.52
C GLY B 128 12.85 20.93 18.28
N GLY B 129 12.52 19.66 18.14
CA GLY B 129 11.92 19.17 16.91
C GLY B 129 10.41 19.23 16.83
N TYR B 130 9.73 19.76 17.85
CA TYR B 130 8.28 19.78 17.81
C TYR B 130 7.66 21.10 18.24
N THR B 131 8.46 22.10 18.61
CA THR B 131 7.96 23.43 18.87
C THR B 131 8.38 24.38 17.75
N ALA B 132 7.61 25.44 17.58
CA ALA B 132 7.88 26.44 16.55
C ALA B 132 9.00 27.37 16.99
N CYS B 133 9.55 28.08 16.02
CA CYS B 133 10.52 29.14 16.26
C CYS B 133 10.24 30.26 15.27
N SER B 134 10.67 31.47 15.61
CA SER B 134 10.29 32.62 14.78
C SER B 134 11.38 33.67 14.86
N PHE B 135 11.52 34.43 13.78
CA PHE B 135 12.59 35.41 13.67
C PHE B 135 12.13 36.60 12.84
N ASN B 136 12.55 37.79 13.28
CA ASN B 136 12.33 39.01 12.52
C ASN B 136 13.48 39.13 11.55
N ILE B 137 13.24 38.74 10.29
CA ILE B 137 14.34 38.70 9.33
C ILE B 137 14.46 40.00 8.53
N THR B 138 13.73 41.05 8.96
CA THR B 138 13.71 42.28 8.18
C THR B 138 15.10 42.89 7.97
N PRO B 139 15.99 42.95 8.97
CA PRO B 139 17.30 43.59 8.75
C PRO B 139 18.21 42.83 7.81
N PHE B 140 17.90 41.58 7.49
CA PHE B 140 18.73 40.80 6.61
C PHE B 140 18.23 40.79 5.17
N LEU B 141 17.06 41.35 4.92
CA LEU B 141 16.43 41.23 3.62
C LEU B 141 16.73 42.44 2.74
N SER B 142 16.60 42.23 1.43
CA SER B 142 16.66 43.28 0.43
C SER B 142 15.41 43.25 -0.43
N PHE B 143 14.91 44.44 -0.78
CA PHE B 143 13.74 44.58 -1.64
C PHE B 143 14.11 44.92 -3.07
N ASP B 144 15.39 45.05 -3.38
CA ASP B 144 15.78 45.38 -4.73
C ASP B 144 16.27 44.17 -5.52
N THR B 145 16.98 43.27 -4.89
CA THR B 145 17.37 41.98 -5.45
C THR B 145 16.69 40.86 -4.69
N PRO B 146 16.71 39.64 -5.23
CA PRO B 146 16.14 38.50 -4.52
C PRO B 146 17.03 38.04 -3.37
N ASN B 147 16.44 37.24 -2.50
CA ASN B 147 17.11 36.78 -1.30
C ASN B 147 17.17 35.26 -1.28
N THR B 148 18.16 34.75 -0.56
CA THR B 148 18.37 33.33 -0.37
C THR B 148 18.09 32.98 1.08
N LEU B 149 17.12 32.11 1.30
CA LEU B 149 16.85 31.54 2.62
C LEU B 149 17.39 30.13 2.65
N ALA B 150 18.34 29.86 3.52
CA ALA B 150 18.90 28.53 3.68
C ALA B 150 18.70 28.10 5.12
N VAL B 151 18.31 26.83 5.31
CA VAL B 151 18.13 26.28 6.65
C VAL B 151 19.00 25.05 6.79
N CYS B 152 19.79 25.00 7.84
CA CYS B 152 20.60 23.82 8.16
C CYS B 152 19.90 23.07 9.28
N VAL B 153 19.45 21.84 8.98
CA VAL B 153 18.66 21.03 9.90
C VAL B 153 19.47 19.80 10.30
N ASP B 154 19.33 19.38 11.56
CA ASP B 154 20.14 18.32 12.12
C ASP B 154 19.28 17.47 13.06
N ASN B 155 19.29 16.15 12.85
CA ASN B 155 18.59 15.21 13.71
C ASN B 155 19.55 14.20 14.34
N ALA B 156 20.75 14.67 14.69
CA ALA B 156 21.76 13.85 15.35
C ALA B 156 22.20 14.40 16.69
N ARG B 157 21.75 15.60 17.06
CA ARG B 157 22.26 16.28 18.24
C ARG B 157 21.78 15.57 19.50
N GLN B 158 22.72 15.32 20.40
CA GLN B 158 22.45 14.55 21.59
C GLN B 158 22.09 15.42 22.78
N ASP B 159 22.04 16.73 22.59
CA ASP B 159 21.68 17.65 23.65
C ASP B 159 20.26 18.17 23.50
N ILE B 160 19.44 17.49 22.69
CA ILE B 160 18.04 17.83 22.46
C ILE B 160 17.19 16.57 22.69
N ALA B 161 16.14 16.71 23.48
CA ALA B 161 15.20 15.62 23.66
C ALA B 161 14.39 15.42 22.38
N PRO B 162 14.03 14.17 22.03
CA PRO B 162 14.41 12.95 22.78
C PRO B 162 15.78 12.39 22.36
N ILE B 163 16.52 11.78 23.29
CA ILE B 163 17.68 10.99 22.90
C ILE B 163 17.39 9.51 22.94
N SER B 164 16.21 9.13 23.40
CA SER B 164 15.78 7.74 23.49
C SER B 164 14.26 7.76 23.59
N GLY B 165 13.63 6.72 23.10
CA GLY B 165 12.17 6.67 23.07
C GLY B 165 11.71 5.83 21.90
N ASP B 166 10.52 5.23 22.06
CA ASP B 166 10.05 4.20 21.12
C ASP B 166 9.28 4.83 19.97
N PHE B 167 9.98 5.71 19.25
CA PHE B 167 9.50 6.22 17.99
C PHE B 167 10.70 6.73 17.21
N THR B 168 10.46 6.98 15.93
CA THR B 168 11.49 7.43 15.01
C THR B 168 11.72 8.93 15.13
N PHE B 169 12.99 9.34 15.12
CA PHE B 169 13.33 10.76 15.26
C PHE B 169 13.58 11.40 13.89
N PHE B 170 12.49 11.56 13.14
CA PHE B 170 12.56 12.07 11.76
C PHE B 170 13.24 13.45 11.67
N GLY B 171 14.10 13.60 10.68
CA GLY B 171 14.74 14.87 10.39
C GLY B 171 14.03 15.61 9.26
N GLY B 172 14.10 16.93 9.31
CA GLY B 172 13.57 17.75 8.25
C GLY B 172 12.53 18.76 8.75
N ILE B 173 12.02 19.53 7.80
CA ILE B 173 11.07 20.62 8.07
C ILE B 173 9.69 20.07 7.72
N TYR B 174 9.01 19.50 8.72
CA TYR B 174 7.81 18.73 8.44
CA TYR B 174 7.82 18.70 8.50
C TYR B 174 6.53 19.40 8.94
N ARG B 175 6.57 20.71 9.19
CA ARG B 175 5.38 21.51 9.43
C ARG B 175 5.49 22.80 8.64
N ASP B 176 4.38 23.54 8.59
CA ASP B 176 4.30 24.71 7.73
C ASP B 176 5.41 25.72 8.05
N VAL B 177 5.82 26.48 7.04
CA VAL B 177 6.73 27.61 7.20
C VAL B 177 6.02 28.85 6.68
N TRP B 178 6.07 29.93 7.45
CA TRP B 178 5.32 31.14 7.14
C TRP B 178 6.20 32.37 7.02
N LEU B 179 5.69 33.33 6.25
CA LEU B 179 6.10 34.73 6.34
C LEU B 179 4.89 35.53 6.79
N THR B 180 5.08 36.36 7.80
CA THR B 180 4.06 37.30 8.22
C THR B 180 4.63 38.70 8.12
N ALA B 181 3.90 39.59 7.42
CA ALA B 181 4.29 40.98 7.23
C ALA B 181 3.32 41.87 7.99
N VAL B 182 3.87 42.69 8.88
CA VAL B 182 3.08 43.58 9.73
C VAL B 182 3.66 44.98 9.63
N PRO B 183 2.89 46.00 10.01
CA PRO B 183 3.42 47.36 10.12
C PRO B 183 4.41 47.46 11.28
N ASN B 184 5.11 48.59 11.34
CA ASN B 184 6.16 48.72 12.37
C ASN B 184 5.62 48.58 13.79
N GLN B 185 4.31 48.76 14.00
CA GLN B 185 3.68 48.52 15.29
C GLN B 185 2.74 47.34 15.12
N HIS B 186 2.96 46.30 15.92
CA HIS B 186 2.35 45.01 15.69
C HIS B 186 2.47 44.22 16.99
N PHE B 187 1.66 43.19 17.12
CA PHE B 187 1.79 42.33 18.30
C PHE B 187 3.09 41.54 18.22
N ASN B 188 3.66 41.25 19.39
CA ASN B 188 4.97 40.61 19.47
C ASN B 188 4.91 39.19 18.94
N LEU B 189 5.64 38.93 17.86
CA LEU B 189 5.62 37.65 17.19
C LEU B 189 6.92 36.90 17.36
N THR B 190 7.80 37.38 18.24
CA THR B 190 9.09 36.73 18.43
C THR B 190 9.31 36.43 19.91
N ASN B 191 8.21 36.26 20.64
CA ASN B 191 8.22 35.72 22.00
C ASN B 191 8.04 34.21 21.89
N HIS B 192 9.15 33.49 21.85
CA HIS B 192 9.15 32.02 21.88
C HIS B 192 8.31 31.42 20.74
N GLY B 193 8.47 31.96 19.55
CA GLY B 193 7.68 31.54 18.41
C GLY B 193 6.17 31.49 18.63
N SER B 194 5.62 32.30 19.54
CA SER B 194 4.19 32.27 19.78
C SER B 194 3.47 33.46 19.14
N ASP B 195 2.14 33.47 19.29
CA ASP B 195 1.31 34.58 18.85
C ASP B 195 1.53 35.85 19.66
N GLY B 196 2.11 35.74 20.86
CA GLY B 196 2.38 36.89 21.70
C GLY B 196 1.20 37.37 22.53
N LEU B 197 0.09 36.66 22.52
CA LEU B 197 -1.06 37.00 23.35
C LEU B 197 -1.42 35.81 24.23
N PHE B 198 -2.05 36.11 25.36
CA PHE B 198 -2.26 35.10 26.39
C PHE B 198 -3.55 35.46 27.10
N ILE B 199 -4.55 34.60 26.94
CA ILE B 199 -5.92 34.82 27.39
C ILE B 199 -6.29 33.69 28.33
N SER B 200 -6.74 34.03 29.54
CA SER B 200 -7.08 33.02 30.53
C SER B 200 -8.24 33.51 31.39
N THR B 201 -8.91 32.56 32.04
CA THR B 201 -10.10 32.78 32.86
C THR B 201 -9.78 32.59 34.33
N PRO B 202 -9.44 33.64 35.07
CA PRO B 202 -9.03 33.43 36.48
C PRO B 202 -10.11 32.78 37.33
N GLN B 203 -11.39 33.04 37.09
CA GLN B 203 -12.44 32.43 37.88
C GLN B 203 -13.59 32.01 36.96
N VAL B 204 -14.08 30.79 37.15
CA VAL B 204 -15.20 30.25 36.37
C VAL B 204 -16.14 29.50 37.30
N SER B 205 -17.43 29.82 37.24
CA SER B 205 -18.49 29.08 37.88
C SER B 205 -19.69 29.11 36.96
N GLU B 206 -20.74 28.39 37.34
CA GLU B 206 -21.96 28.48 36.55
C GLU B 206 -22.52 29.89 36.57
N GLU B 207 -22.37 30.59 37.71
CA GLU B 207 -22.95 31.93 37.90
C GLU B 207 -22.19 32.96 37.10
N GLN B 208 -20.85 32.90 37.08
CA GLN B 208 -20.10 33.91 36.35
C GLN B 208 -18.66 33.48 36.23
N ALA B 209 -17.91 34.24 35.44
CA ALA B 209 -16.51 33.97 35.15
C ALA B 209 -15.80 35.27 34.79
N THR B 210 -14.53 35.33 35.13
CA THR B 210 -13.66 36.44 34.77
C THR B 210 -12.80 36.07 33.57
N LEU B 211 -12.25 37.10 32.94
CA LEU B 211 -11.57 36.96 31.67
C LEU B 211 -10.38 37.91 31.68
N SER B 212 -9.20 37.40 31.37
CA SER B 212 -8.00 38.21 31.42
C SER B 212 -7.28 38.13 30.08
N ILE B 213 -6.99 39.30 29.49
CA ILE B 213 -6.50 39.42 28.10
C ILE B 213 -5.15 40.13 28.13
N ARG B 214 -4.09 39.42 27.75
CA ARG B 214 -2.72 39.89 27.91
C ARG B 214 -1.92 39.66 26.63
N GLY B 215 -0.81 40.38 26.51
CA GLY B 215 0.02 40.27 25.35
C GLY B 215 1.04 41.39 25.32
N GLU B 216 1.75 41.48 24.19
CA GLU B 216 2.76 42.51 24.01
C GLU B 216 2.63 43.15 22.63
N VAL B 217 2.76 44.47 22.60
CA VAL B 217 2.86 45.24 21.37
C VAL B 217 4.30 45.70 21.21
N LYS B 218 4.82 45.59 19.99
CA LYS B 218 6.21 45.90 19.71
C LYS B 218 6.27 47.08 18.73
N ASN B 219 7.13 48.05 19.02
CA ASN B 219 7.27 49.24 18.19
C ASN B 219 8.63 49.18 17.51
N ASP B 220 8.67 48.67 16.28
CA ASP B 220 9.91 48.53 15.52
C ASP B 220 10.22 49.75 14.65
N ALA B 221 9.55 50.87 14.87
CA ALA B 221 9.88 52.11 14.21
C ALA B 221 10.90 52.90 15.04
N PRO B 222 11.59 53.87 14.42
CA PRO B 222 12.60 54.64 15.16
C PRO B 222 12.04 55.80 15.98
N GLU B 223 10.72 56.00 15.99
CA GLU B 223 10.09 57.11 16.67
C GLU B 223 8.99 56.62 17.62
N LYS B 224 8.34 57.59 18.26
CA LYS B 224 7.26 57.33 19.20
C LYS B 224 6.04 56.83 18.46
N ALA B 225 5.19 56.10 19.17
CA ALA B 225 3.91 55.68 18.60
C ALA B 225 2.82 55.75 19.65
N THR B 226 1.69 56.34 19.24
CA THR B 226 0.51 56.48 20.07
C THR B 226 -0.58 55.68 19.39
N LEU B 227 -1.06 54.63 20.06
CA LEU B 227 -1.91 53.63 19.44
C LEU B 227 -3.17 53.43 20.27
N GLU B 228 -4.14 52.76 19.67
CA GLU B 228 -5.36 52.32 20.33
C GLU B 228 -5.47 50.79 20.30
N LEU B 229 -5.52 50.18 21.48
CA LEU B 229 -5.71 48.73 21.63
C LEU B 229 -7.18 48.40 21.86
N THR B 230 -7.73 47.50 21.05
CA THR B 230 -9.12 47.11 21.21
C THR B 230 -9.27 45.60 21.33
N HIS B 231 -9.99 45.16 22.36
CA HIS B 231 -10.44 43.78 22.48
C HIS B 231 -11.93 43.71 22.21
N THR B 232 -12.32 42.91 21.23
CA THR B 232 -13.73 42.66 21.00
C THR B 232 -14.02 41.20 21.29
N ILE B 233 -14.98 40.96 22.17
CA ILE B 233 -15.28 39.64 22.72
C ILE B 233 -16.69 39.25 22.29
N TYR B 234 -16.82 38.12 21.60
CA TYR B 234 -18.10 37.68 21.08
C TYR B 234 -18.63 36.44 21.79
N ARG B 235 -19.95 36.36 21.90
CA ARG B 235 -20.55 35.15 22.43
C ARG B 235 -20.37 34.00 21.44
N PRO B 236 -20.53 32.76 21.92
CA PRO B 236 -20.56 31.62 20.99
C PRO B 236 -21.44 31.82 19.76
N ASP B 237 -22.58 32.51 19.89
CA ASP B 237 -23.44 32.67 18.72
C ASP B 237 -22.98 33.77 17.77
N GLY B 238 -21.83 34.41 18.02
CA GLY B 238 -21.33 35.45 17.14
C GLY B 238 -21.70 36.87 17.55
N THR B 239 -22.70 37.05 18.40
CA THR B 239 -23.04 38.39 18.82
C THR B 239 -21.94 38.99 19.69
N LEU B 240 -21.83 40.32 19.62
CA LEU B 240 -20.84 41.07 20.38
C LEU B 240 -21.23 41.14 21.86
N LEU B 241 -20.33 40.71 22.72
CA LEU B 241 -20.56 40.78 24.16
C LEU B 241 -19.96 42.04 24.75
N GLN B 242 -18.72 42.39 24.37
CA GLN B 242 -18.10 43.56 24.97
C GLN B 242 -16.93 44.04 24.12
N THR B 243 -16.67 45.34 24.19
CA THR B 243 -15.52 45.95 23.52
C THR B 243 -14.69 46.69 24.56
N LEU B 244 -13.38 46.43 24.57
CA LEU B 244 -12.43 47.06 25.48
C LEU B 244 -11.44 47.90 24.68
N LYS B 245 -11.16 49.11 25.17
CA LYS B 245 -10.33 50.08 24.46
C LYS B 245 -9.36 50.74 25.42
N LYS B 246 -8.08 50.70 25.08
CA LYS B 246 -7.05 51.40 25.81
C LYS B 246 -6.18 52.16 24.82
N ASN B 247 -5.76 53.35 25.21
CA ASN B 247 -4.70 54.03 24.49
C ASN B 247 -3.38 53.64 25.11
N ILE B 248 -2.37 53.45 24.27
CA ILE B 248 -1.03 53.11 24.73
C ILE B 248 -0.02 53.92 23.92
N GLN B 249 1.06 54.31 24.59
CA GLN B 249 2.13 55.06 23.96
C GLN B 249 3.40 54.23 24.04
N LEU B 250 4.08 54.09 22.91
CA LEU B 250 5.30 53.29 22.85
C LEU B 250 6.47 54.14 22.36
N LYS B 251 7.50 54.26 23.18
CA LYS B 251 8.72 54.85 22.71
C LYS B 251 9.30 53.99 21.57
N ALA B 252 10.26 54.56 20.87
CA ALA B 252 10.95 53.82 19.81
C ALA B 252 11.52 52.52 20.36
N GLY B 253 11.37 51.45 19.57
CA GLY B 253 11.94 50.16 19.92
C GLY B 253 11.33 49.45 21.12
N GLU B 254 10.24 49.95 21.67
CA GLU B 254 9.78 49.45 22.95
C GLU B 254 8.85 48.25 22.78
N THR B 255 8.89 47.36 23.76
CA THR B 255 7.93 46.27 23.93
C THR B 255 7.00 46.58 25.10
N TYR B 256 5.72 46.83 24.80
CA TYR B 256 4.73 47.24 25.78
C TYR B 256 3.87 46.03 26.17
N ALA B 257 3.91 45.67 27.45
CA ALA B 257 3.05 44.60 27.96
C ALA B 257 1.72 45.18 28.41
N PHE B 258 0.63 44.59 27.91
CA PHE B 258 -0.70 44.96 28.33
C PHE B 258 -1.37 43.80 29.04
N SER B 259 -2.29 44.15 29.94
CA SER B 259 -3.03 43.15 30.70
C SER B 259 -4.37 43.78 31.02
N ASN B 260 -5.39 43.41 30.27
CA ASN B 260 -6.69 44.04 30.38
C ASN B 260 -7.71 43.01 30.85
N GLU B 261 -8.47 43.38 31.85
CA GLU B 261 -9.50 42.51 32.38
C GLU B 261 -10.83 42.92 31.77
N ALA B 262 -11.65 41.95 31.40
CA ALA B 262 -12.94 42.28 30.83
C ALA B 262 -14.00 42.36 31.93
N THR B 263 -15.19 42.80 31.55
CA THR B 263 -16.29 42.77 32.48
C THR B 263 -16.62 41.31 32.79
N PRO B 264 -16.88 40.95 34.05
CA PRO B 264 -17.20 39.55 34.36
C PRO B 264 -18.35 39.07 33.49
N VAL B 265 -18.23 37.83 33.02
CA VAL B 265 -19.18 37.27 32.08
C VAL B 265 -20.24 36.50 32.87
N LEU B 266 -21.50 36.91 32.73
CA LEU B 266 -22.58 36.36 33.53
C LEU B 266 -23.19 35.15 32.86
N LYS B 267 -23.45 34.12 33.65
CA LYS B 267 -24.03 32.87 33.17
C LYS B 267 -23.25 32.38 31.93
N PRO B 268 -21.93 32.23 32.05
CA PRO B 268 -21.13 31.87 30.88
C PRO B 268 -21.57 30.53 30.32
N GLU B 269 -21.51 30.42 28.99
CA GLU B 269 -21.74 29.14 28.35
C GLU B 269 -20.49 28.29 28.52
N LEU B 270 -20.64 27.15 29.18
CA LEU B 270 -19.50 26.34 29.60
C LEU B 270 -19.06 25.41 28.47
N TRP B 271 -17.77 25.10 28.46
CA TRP B 271 -17.19 24.31 27.38
C TRP B 271 -17.01 22.89 27.88
N THR B 272 -17.37 21.92 27.05
CA THR B 272 -17.07 20.52 27.24
C THR B 272 -16.83 19.93 25.87
N PRO B 273 -16.23 18.75 25.79
CA PRO B 273 -16.10 18.12 24.47
C PRO B 273 -17.44 17.89 23.83
N GLU B 274 -18.49 17.66 24.62
CA GLU B 274 -19.82 17.52 24.04
C GLU B 274 -20.39 18.86 23.61
N THR B 275 -20.07 19.95 24.32
CA THR B 275 -20.61 21.28 24.03
C THR B 275 -19.44 22.26 23.92
N PRO B 276 -18.75 22.31 22.80
CA PRO B 276 -17.51 23.10 22.75
C PRO B 276 -17.77 24.58 22.45
N ARG B 277 -18.52 25.24 23.35
CA ARG B 277 -18.82 26.67 23.25
C ARG B 277 -17.54 27.51 23.31
N LEU B 278 -17.30 28.32 22.28
CA LEU B 278 -16.12 29.18 22.18
C LEU B 278 -16.51 30.64 22.14
N TYR B 279 -15.73 31.48 22.83
CA TYR B 279 -15.87 32.94 22.80
C TYR B 279 -14.70 33.53 22.03
N ARG B 280 -14.99 34.11 20.86
CA ARG B 280 -13.96 34.74 20.05
C ARG B 280 -13.49 36.06 20.67
N VAL B 281 -12.16 36.23 20.75
CA VAL B 281 -11.55 37.46 21.24
C VAL B 281 -10.74 38.05 20.10
N GLU B 282 -11.20 39.17 19.55
CA GLU B 282 -10.51 39.86 18.47
C GLU B 282 -9.78 41.06 19.05
N THR B 283 -8.46 41.10 18.85
CA THR B 283 -7.59 42.12 19.44
C THR B 283 -6.98 42.92 18.30
N THR B 284 -7.26 44.23 18.29
CA THR B 284 -6.95 45.10 17.17
C THR B 284 -6.09 46.27 17.62
N LEU B 285 -5.17 46.67 16.74
CA LEU B 285 -4.25 47.77 16.99
C LEU B 285 -4.48 48.84 15.92
N ARG B 286 -4.65 50.08 16.38
CA ARG B 286 -4.99 51.20 15.52
C ARG B 286 -4.08 52.39 15.83
N ASN B 287 -3.70 53.12 14.79
CA ASN B 287 -3.04 54.39 15.01
C ASN B 287 -4.01 55.32 15.75
N ARG B 288 -3.56 55.83 16.90
CA ARG B 288 -4.44 56.60 17.76
C ARG B 288 -5.00 57.81 17.05
N LYS B 289 -4.17 58.53 16.28
CA LYS B 289 -4.63 59.70 15.53
C LYS B 289 -5.52 59.29 14.37
N THR B 290 -4.96 58.57 13.41
CA THR B 290 -5.66 58.28 12.17
C THR B 290 -6.75 57.22 12.32
N LYS B 291 -6.69 56.39 13.37
CA LYS B 291 -7.58 55.25 13.51
C LYS B 291 -7.33 54.18 12.44
N THR B 292 -6.14 54.19 11.84
CA THR B 292 -5.77 53.19 10.84
C THR B 292 -5.50 51.84 11.49
N LEU B 293 -6.02 50.81 10.87
CA LEU B 293 -5.84 49.45 11.37
C LEU B 293 -4.44 48.98 11.03
N LEU B 294 -3.66 48.65 12.06
CA LEU B 294 -2.27 48.23 11.89
C LEU B 294 -2.12 46.72 11.99
N ASP B 295 -2.57 46.12 13.10
CA ASP B 295 -2.43 44.70 13.32
C ASP B 295 -3.70 44.18 13.95
N GLN B 296 -3.93 42.88 13.73
CA GLN B 296 -5.10 42.19 14.26
C GLN B 296 -4.71 40.75 14.56
N SER B 297 -5.14 40.26 15.72
CA SER B 297 -4.89 38.89 16.11
C SER B 297 -6.13 38.34 16.80
N ASN B 298 -6.58 37.17 16.36
CA ASN B 298 -7.81 36.53 16.81
C ASN B 298 -7.53 35.30 17.66
N HIS B 299 -8.28 35.12 18.73
CA HIS B 299 -8.16 33.91 19.55
C HIS B 299 -9.50 33.50 20.11
N TYR B 300 -9.55 32.23 20.51
CA TYR B 300 -10.68 31.76 21.28
C TYR B 300 -10.28 31.70 22.74
N THR B 301 -11.22 32.05 23.62
CA THR B 301 -11.18 31.58 24.98
C THR B 301 -12.43 30.74 25.21
N ALA B 302 -12.53 30.13 26.39
CA ALA B 302 -13.70 29.36 26.78
C ALA B 302 -13.71 29.27 28.29
N PHE B 303 -14.87 28.97 28.83
CA PHE B 303 -15.10 28.95 30.27
C PHE B 303 -15.35 27.52 30.73
N ARG B 304 -14.44 27.01 31.55
CA ARG B 304 -14.66 25.71 32.16
C ARG B 304 -13.75 25.64 33.38
N TRP B 305 -14.01 24.66 34.24
CA TRP B 305 -13.10 24.37 35.34
C TRP B 305 -13.11 22.87 35.53
N PHE B 306 -12.04 22.36 36.13
CA PHE B 306 -11.85 20.92 36.24
C PHE B 306 -11.14 20.64 37.53
N ARG B 307 -11.16 19.37 37.93
CA ARG B 307 -10.57 18.91 39.18
C ARG B 307 -10.28 17.41 39.06
N PHE B 308 -9.18 16.98 39.67
CA PHE B 308 -8.80 15.58 39.73
C PHE B 308 -8.81 15.13 41.17
N ASP B 309 -9.52 14.05 41.46
CA ASP B 309 -9.63 13.57 42.83
C ASP B 309 -9.14 12.14 42.92
N GLY B 310 -8.32 11.87 43.95
CA GLY B 310 -7.76 10.55 44.09
C GLY B 310 -8.81 9.47 44.33
N ASP B 311 -9.90 9.81 45.01
CA ASP B 311 -10.95 8.83 45.24
C ASP B 311 -12.00 8.83 44.13
N GLU B 312 -12.45 10.01 43.72
CA GLU B 312 -13.64 10.14 42.88
C GLU B 312 -13.32 10.49 41.43
N GLY B 313 -12.04 10.60 41.08
CA GLY B 313 -11.65 10.82 39.70
C GLY B 313 -11.77 12.24 39.19
N PHE B 314 -12.16 12.37 37.94
CA PHE B 314 -12.11 13.64 37.24
C PHE B 314 -13.47 14.31 37.23
N PHE B 315 -13.47 15.64 37.43
CA PHE B 315 -14.67 16.46 37.36
C PHE B 315 -14.51 17.59 36.33
N LEU B 316 -15.54 17.81 35.53
CA LEU B 316 -15.56 18.86 34.51
C LEU B 316 -16.75 19.77 34.79
N ASN B 317 -16.46 21.04 35.05
CA ASN B 317 -17.51 22.02 35.37
C ASN B 317 -18.36 21.52 36.55
N GLY B 318 -17.70 20.88 37.52
CA GLY B 318 -18.39 20.44 38.71
C GLY B 318 -19.11 19.10 38.62
N LYS B 319 -18.99 18.39 37.51
CA LYS B 319 -19.69 17.12 37.37
C LYS B 319 -18.73 15.98 37.08
N PRO B 320 -19.04 14.77 37.56
CA PRO B 320 -18.16 13.64 37.31
C PRO B 320 -18.05 13.40 35.81
N TYR B 321 -16.84 13.08 35.35
CA TYR B 321 -16.58 13.00 33.92
C TYR B 321 -15.46 11.98 33.71
N LYS B 322 -15.79 10.89 33.03
CA LYS B 322 -14.81 9.86 32.74
C LYS B 322 -14.00 10.28 31.52
N LEU B 323 -12.68 10.32 31.67
CA LEU B 323 -11.82 10.66 30.54
C LEU B 323 -11.74 9.46 29.62
N ARG B 324 -12.30 9.61 28.42
CA ARG B 324 -12.35 8.55 27.44
C ARG B 324 -11.31 8.87 26.37
N GLY B 325 -10.06 8.49 26.64
CA GLY B 325 -8.95 9.00 25.86
C GLY B 325 -8.25 8.07 24.89
N ILE B 326 -7.50 8.68 23.96
CA ILE B 326 -6.62 8.00 23.01
C ILE B 326 -5.31 8.78 22.94
N CYS B 327 -4.24 8.08 22.60
CA CYS B 327 -2.96 8.71 22.27
C CYS B 327 -2.81 8.71 20.77
N ARG B 328 -2.06 9.68 20.24
CA ARG B 328 -1.92 9.84 18.79
C ARG B 328 -0.50 10.22 18.43
N HIS B 329 0.20 9.34 17.71
CA HIS B 329 1.47 9.75 17.13
C HIS B 329 1.21 10.52 15.84
N GLN B 330 2.23 11.16 15.27
CA GLN B 330 1.97 12.14 14.22
C GLN B 330 2.49 11.73 12.84
N ASP B 331 2.93 10.50 12.65
CA ASP B 331 3.42 10.09 11.34
C ASP B 331 2.40 9.25 10.59
N GLN B 332 2.67 9.07 9.31
CA GLN B 332 1.83 8.24 8.44
C GLN B 332 2.72 7.53 7.44
N LYS B 333 2.70 6.20 7.45
CA LYS B 333 3.52 5.47 6.50
C LYS B 333 3.09 5.78 5.07
N PRO B 334 4.01 6.12 4.17
CA PRO B 334 5.45 6.21 4.40
C PRO B 334 5.96 7.61 4.28
N ILE B 335 5.12 8.63 4.47
CA ILE B 335 5.60 10.00 4.42
C ILE B 335 6.07 10.51 5.76
N GLY B 336 6.03 9.69 6.81
CA GLY B 336 6.50 10.10 8.11
C GLY B 336 5.67 11.22 8.73
N PRO B 337 6.33 12.20 9.33
CA PRO B 337 5.57 13.31 9.93
C PRO B 337 5.20 14.42 8.96
N ALA B 338 5.45 14.25 7.66
CA ALA B 338 5.18 15.27 6.66
C ALA B 338 3.71 15.22 6.21
N LEU B 339 2.82 15.43 7.17
CA LEU B 339 1.39 15.43 6.92
C LEU B 339 0.93 16.81 6.52
N THR B 340 0.00 16.89 5.57
CA THR B 340 -0.69 18.15 5.35
C THR B 340 -1.78 18.35 6.42
N ASP B 341 -2.26 19.59 6.53
CA ASP B 341 -3.16 19.88 7.65
C ASP B 341 -4.50 19.17 7.53
N GLU B 342 -5.00 18.91 6.30
CA GLU B 342 -6.24 18.13 6.24
C GLU B 342 -6.01 16.70 6.70
N MET B 343 -4.76 16.22 6.72
CA MET B 343 -4.48 14.92 7.32
C MET B 343 -4.56 14.95 8.84
N HIS B 344 -4.08 16.02 9.46
CA HIS B 344 -4.26 16.12 10.90
C HIS B 344 -5.73 16.17 11.25
N ARG B 345 -6.51 16.93 10.47
CA ARG B 345 -7.95 17.01 10.72
C ARG B 345 -8.63 15.67 10.52
N ARG B 346 -8.23 14.95 9.47
CA ARG B 346 -8.79 13.62 9.24
C ARG B 346 -8.56 12.70 10.44
N ASP B 347 -7.34 12.70 10.99
CA ASP B 347 -7.06 11.91 12.17
C ASP B 347 -7.98 12.31 13.31
N PHE B 348 -8.28 13.61 13.41
CA PHE B 348 -9.07 14.05 14.53
C PHE B 348 -10.51 13.58 14.40
N LEU B 349 -11.11 13.81 13.22
N LEU B 349 -11.10 13.77 13.21
CA LEU B 349 -12.47 13.36 13.00
CA LEU B 349 -12.49 13.36 13.01
C LEU B 349 -12.61 11.89 13.36
C LEU B 349 -12.67 11.87 13.25
N LEU B 350 -11.64 11.06 12.96
CA LEU B 350 -11.69 9.64 13.28
C LEU B 350 -11.71 9.43 14.80
N MET B 351 -10.80 10.08 15.53
CA MET B 351 -10.82 9.99 16.98
C MET B 351 -12.13 10.51 17.54
N LYS B 352 -12.62 11.63 17.00
CA LYS B 352 -13.86 12.22 17.51
C LYS B 352 -15.05 11.29 17.24
N GLU B 353 -15.14 10.75 16.03
CA GLU B 353 -16.27 9.89 15.67
C GLU B 353 -16.26 8.59 16.46
N MET B 354 -15.11 8.19 17.02
CA MET B 354 -15.04 6.98 17.80
C MET B 354 -15.61 7.13 19.21
N GLY B 355 -15.88 8.38 19.66
CA GLY B 355 -16.41 8.62 20.99
C GLY B 355 -15.42 9.17 22.00
N ALA B 356 -14.13 9.27 21.67
CA ALA B 356 -13.16 9.81 22.63
C ALA B 356 -13.50 11.25 23.00
N ASN B 357 -13.29 11.60 24.28
CA ASN B 357 -13.45 12.96 24.76
C ASN B 357 -12.15 13.55 25.27
N PHE B 358 -11.03 12.92 24.97
CA PHE B 358 -9.77 13.20 25.63
C PHE B 358 -8.66 12.61 24.77
N ILE B 359 -7.63 13.39 24.48
CA ILE B 359 -6.50 12.95 23.68
C ILE B 359 -5.23 13.27 24.45
N ARG B 360 -4.29 12.33 24.46
CA ARG B 360 -2.98 12.54 25.06
C ARG B 360 -2.00 12.78 23.92
N ILE B 361 -1.60 14.03 23.74
CA ILE B 361 -0.77 14.42 22.62
C ILE B 361 0.68 14.20 23.04
N SER B 362 1.30 13.17 22.48
CA SER B 362 2.49 12.56 23.03
C SER B 362 3.28 11.93 21.91
N HIS B 363 4.58 11.78 22.13
CA HIS B 363 5.22 12.20 23.38
C HIS B 363 5.72 13.63 23.22
N TYR B 364 5.22 14.31 22.18
CA TYR B 364 5.68 15.63 21.76
C TYR B 364 4.48 16.48 21.43
N PRO B 365 4.64 17.80 21.46
CA PRO B 365 3.54 18.69 21.04
C PRO B 365 3.36 18.64 19.53
N GLN B 366 2.13 18.84 19.07
CA GLN B 366 1.76 18.53 17.69
C GLN B 366 1.15 19.74 16.97
N ASP B 367 0.60 19.48 15.78
CA ASP B 367 0.26 20.56 14.88
C ASP B 367 -0.84 21.46 15.44
N ASP B 368 -0.65 22.76 15.23
CA ASP B 368 -1.69 23.76 15.40
C ASP B 368 -3.02 23.27 14.82
N ALA B 369 -3.00 22.66 13.62
CA ALA B 369 -4.23 22.19 13.00
C ALA B 369 -4.95 21.18 13.90
N LEU B 370 -4.20 20.42 14.70
CA LEU B 370 -4.84 19.45 15.59
C LEU B 370 -5.54 20.15 16.74
N LEU B 371 -4.84 21.08 17.39
CA LEU B 371 -5.41 21.74 18.56
C LEU B 371 -6.60 22.61 18.17
N GLU B 372 -6.59 23.19 16.96
CA GLU B 372 -7.77 23.92 16.50
C GLU B 372 -9.02 23.04 16.57
N MET B 373 -8.92 21.80 16.10
CA MET B 373 -10.09 20.92 16.13
C MET B 373 -10.48 20.54 17.56
N CYS B 374 -9.50 20.32 18.43
CA CYS B 374 -9.82 20.02 19.84
C CYS B 374 -10.67 21.12 20.47
N ASP B 375 -10.34 22.39 20.18
CA ASP B 375 -11.12 23.51 20.71
C ASP B 375 -12.50 23.58 20.07
N LYS B 376 -12.54 23.44 18.75
CA LYS B 376 -13.75 23.76 17.99
C LYS B 376 -14.71 22.58 17.96
N LEU B 377 -14.21 21.38 17.71
CA LEU B 377 -15.08 20.20 17.62
C LEU B 377 -15.24 19.47 18.95
N GLY B 378 -14.34 19.69 19.91
CA GLY B 378 -14.55 19.23 21.28
C GLY B 378 -13.75 18.01 21.68
N MET B 379 -12.64 18.23 22.39
CA MET B 379 -11.80 17.15 22.90
C MET B 379 -10.80 17.71 23.91
N LEU B 380 -10.87 17.23 25.14
CA LEU B 380 -9.90 17.61 26.14
C LEU B 380 -8.53 17.04 25.81
N ALA B 381 -7.49 17.77 26.22
CA ALA B 381 -6.15 17.47 25.77
C ALA B 381 -5.16 17.51 26.92
N TRP B 382 -4.25 16.55 26.87
CA TRP B 382 -2.98 16.51 27.57
C TRP B 382 -1.89 16.72 26.52
N GLU B 383 -0.89 17.55 26.82
CA GLU B 383 0.20 17.73 25.87
C GLU B 383 1.53 17.78 26.61
N GLU B 384 2.54 17.13 26.04
CA GLU B 384 3.83 16.93 26.70
C GLU B 384 4.97 17.07 25.71
N ILE B 385 6.17 17.28 26.27
CA ILE B 385 7.45 17.22 25.54
C ILE B 385 8.15 15.89 25.78
N PRO B 386 9.00 15.44 24.84
CA PRO B 386 9.55 14.06 24.88
C PRO B 386 10.83 13.86 25.67
N ILE B 387 10.77 14.03 26.99
CA ILE B 387 11.88 13.70 27.87
C ILE B 387 11.61 12.29 28.40
N ILE B 388 12.29 11.30 27.82
CA ILE B 388 11.91 9.90 27.88
C ILE B 388 13.09 9.03 28.29
N ASP B 389 12.77 7.90 28.94
CA ASP B 389 13.68 6.78 29.17
C ASP B 389 14.79 7.04 30.19
N ILE B 390 15.49 8.17 30.12
CA ILE B 390 16.69 8.39 30.93
C ILE B 390 17.17 9.83 30.77
N VAL B 391 17.54 10.48 31.88
CA VAL B 391 18.09 11.83 31.83
C VAL B 391 19.60 11.71 31.62
N PRO B 392 20.12 12.02 30.43
CA PRO B 392 21.56 11.84 30.20
C PRO B 392 22.37 12.82 31.03
N ASN B 393 23.68 12.65 30.97
CA ASN B 393 24.62 13.63 31.50
C ASN B 393 25.26 14.40 30.34
N THR B 394 24.40 15.11 29.61
CA THR B 394 24.80 15.88 28.44
C THR B 394 24.65 17.37 28.75
N PRO B 395 25.74 18.14 28.75
CA PRO B 395 25.60 19.59 28.92
C PRO B 395 24.60 20.16 27.94
N GLY B 396 23.80 21.12 28.39
CA GLY B 396 22.78 21.76 27.57
C GLY B 396 21.42 21.05 27.50
N TYR B 397 21.37 19.74 27.74
CA TYR B 397 20.12 18.99 27.64
C TYR B 397 19.06 19.55 28.57
N GLY B 398 19.36 19.63 29.86
CA GLY B 398 18.45 20.32 30.77
C GLY B 398 18.01 21.67 30.26
N ASP B 399 18.97 22.48 29.80
CA ASP B 399 18.60 23.82 29.35
C ASP B 399 17.66 23.76 28.16
N ASN B 400 17.92 22.86 27.20
CA ASN B 400 17.06 22.76 26.03
C ASN B 400 15.68 22.20 26.40
N CYS B 401 15.62 21.27 27.35
CA CYS B 401 14.31 20.85 27.85
C CYS B 401 13.53 22.03 28.41
N GLU B 402 14.20 22.90 29.17
CA GLU B 402 13.48 24.04 29.75
C GLU B 402 12.89 24.92 28.65
N ARG B 403 13.68 25.26 27.64
CA ARG B 403 13.17 26.10 26.56
C ARG B 403 11.98 25.43 25.85
N ASN B 404 12.06 24.12 25.60
CA ASN B 404 10.97 23.45 24.89
C ASN B 404 9.68 23.45 25.73
N LEU B 405 9.77 23.31 27.05
CA LEU B 405 8.57 23.40 27.88
C LEU B 405 7.93 24.79 27.78
N ARG B 406 8.73 25.85 27.90
CA ARG B 406 8.19 27.21 27.77
C ARG B 406 7.57 27.42 26.40
N GLU B 407 8.27 27.02 25.34
CA GLU B 407 7.76 27.16 23.98
C GLU B 407 6.45 26.45 23.80
N MET B 408 6.29 25.25 24.36
CA MET B 408 5.03 24.53 24.21
C MET B 408 3.89 25.27 24.92
N ILE B 409 4.12 25.68 26.17
CA ILE B 409 3.07 26.35 26.92
C ILE B 409 2.72 27.69 26.28
N ARG B 410 3.73 28.44 25.82
CA ARG B 410 3.45 29.75 25.26
C ARG B 410 2.80 29.63 23.91
N GLN B 411 3.21 28.64 23.11
CA GLN B 411 2.66 28.52 21.77
C GLN B 411 1.24 28.01 21.81
N HIS B 412 0.89 27.23 22.85
CA HIS B 412 -0.43 26.63 22.93
C HIS B 412 -1.24 27.16 24.11
N TYR B 413 -0.82 28.28 24.69
CA TYR B 413 -1.51 28.80 25.87
C TYR B 413 -3.01 29.00 25.65
N ASN B 414 -3.42 29.33 24.43
CA ASN B 414 -4.76 29.82 24.16
C ASN B 414 -5.70 28.72 23.70
N HIS B 415 -5.36 27.46 23.98
CA HIS B 415 -6.25 26.39 23.56
C HIS B 415 -7.03 25.87 24.76
N PRO B 416 -8.30 26.25 24.92
CA PRO B 416 -9.03 25.85 26.14
C PRO B 416 -9.20 24.35 26.28
N SER B 417 -9.02 23.59 25.20
CA SER B 417 -9.08 22.13 25.28
C SER B 417 -7.97 21.53 26.14
N ILE B 418 -6.85 22.24 26.29
CA ILE B 418 -5.72 21.66 27.00
C ILE B 418 -5.94 21.89 28.48
N ILE B 419 -5.89 20.81 29.25
CA ILE B 419 -6.04 20.92 30.69
C ILE B 419 -4.79 20.48 31.45
N THR B 420 -3.82 19.85 30.78
CA THR B 420 -2.65 19.39 31.51
C THR B 420 -1.42 19.35 30.60
N TRP B 421 -0.28 19.86 31.13
CA TRP B 421 1.03 19.73 30.50
C TRP B 421 1.84 18.64 31.18
N GLY B 422 2.63 17.93 30.37
CA GLY B 422 3.56 16.95 30.87
C GLY B 422 4.90 17.15 30.19
N TYR B 423 5.94 16.64 30.84
CA TYR B 423 7.29 16.79 30.31
C TYR B 423 8.12 15.52 30.37
N MET B 424 7.65 14.45 30.98
CA MET B 424 8.45 13.24 31.12
C MET B 424 7.59 11.99 30.93
N ASN B 425 8.22 10.96 30.36
CA ASN B 425 7.55 9.69 30.10
C ASN B 425 8.52 8.56 30.41
N GLU B 426 8.17 7.71 31.38
CA GLU B 426 8.99 6.56 31.79
C GLU B 426 10.47 6.95 31.90
N ILE B 427 10.72 7.95 32.74
CA ILE B 427 12.06 8.53 32.80
C ILE B 427 13.02 7.62 33.55
N LEU B 428 12.52 6.49 34.07
CA LEU B 428 13.36 5.51 34.75
C LEU B 428 13.58 4.23 33.95
N LEU B 429 12.94 4.07 32.79
CA LEU B 429 12.91 2.79 32.10
C LEU B 429 14.30 2.33 31.68
N VAL B 430 15.09 3.22 31.05
CA VAL B 430 16.41 2.80 30.59
C VAL B 430 17.46 2.93 31.68
N THR B 431 17.37 3.99 32.49
CA THR B 431 18.15 4.10 33.70
C THR B 431 18.26 2.77 34.45
N GLN B 432 17.11 2.16 34.73
CA GLN B 432 17.08 0.99 35.59
C GLN B 432 17.50 -0.27 34.85
N ARG B 433 17.42 -0.27 33.53
CA ARG B 433 17.98 -1.38 32.77
C ARG B 433 19.50 -1.32 32.73
N LYS B 434 20.06 -0.11 32.52
CA LYS B 434 21.50 0.03 32.30
C LYS B 434 22.28 -0.13 33.60
N TYR B 435 21.75 0.36 34.72
CA TYR B 435 22.50 0.55 35.95
C TYR B 435 21.86 -0.27 37.07
N LYS B 436 22.59 -1.28 37.56
CA LYS B 436 22.06 -2.15 38.60
C LYS B 436 22.78 -2.01 39.94
N THR B 437 23.71 -1.05 40.07
CA THR B 437 24.38 -0.85 41.35
C THR B 437 23.96 0.49 41.95
N GLU B 438 23.96 0.53 43.29
CA GLU B 438 23.62 1.77 43.96
C GLU B 438 24.56 2.88 43.54
N ALA B 439 25.83 2.54 43.32
CA ALA B 439 26.79 3.57 42.96
C ALA B 439 26.52 4.12 41.57
N GLU B 440 26.13 3.26 40.63
CA GLU B 440 25.86 3.78 39.29
C GLU B 440 24.58 4.59 39.27
N LEU B 441 23.62 4.25 40.13
CA LEU B 441 22.29 4.83 40.05
C LEU B 441 22.24 6.20 40.71
N LYS B 442 22.90 6.37 41.84
CA LYS B 442 22.71 7.58 42.63
C LYS B 442 22.86 8.85 41.81
N PRO B 443 23.92 9.02 41.01
CA PRO B 443 24.01 10.24 40.20
C PRO B 443 22.84 10.37 39.23
N VAL B 444 22.47 9.30 38.54
CA VAL B 444 21.45 9.40 37.51
C VAL B 444 20.12 9.82 38.13
N LEU B 445 19.75 9.19 39.26
CA LEU B 445 18.53 9.57 39.96
C LEU B 445 18.58 11.02 40.43
N GLU B 446 19.75 11.46 40.89
CA GLU B 446 19.88 12.84 41.36
C GLU B 446 19.63 13.82 40.23
N ARG B 447 20.33 13.60 39.11
CA ARG B 447 20.12 14.36 37.88
C ARG B 447 18.64 14.30 37.42
N THR B 448 17.98 13.16 37.63
CA THR B 448 16.62 12.96 37.14
C THR B 448 15.60 13.73 37.99
N LEU B 449 15.75 13.66 39.31
CA LEU B 449 14.89 14.41 40.23
C LEU B 449 15.12 15.91 40.14
N ALA B 450 16.37 16.33 39.90
CA ALA B 450 16.65 17.75 39.77
C ALA B 450 16.01 18.33 38.52
N LEU B 451 16.07 17.61 37.38
CA LEU B 451 15.44 18.12 36.17
C LEU B 451 13.91 18.09 36.27
N ALA B 452 13.35 17.03 36.82
CA ALA B 452 11.91 17.03 37.08
C ALA B 452 11.51 18.25 37.91
N ASN B 453 12.13 18.45 39.07
CA ASN B 453 11.75 19.59 39.90
C ASN B 453 11.96 20.89 39.15
N ARG B 454 13.08 21.01 38.45
CA ARG B 454 13.34 22.16 37.58
C ARG B 454 12.15 22.44 36.67
N LEU B 455 11.75 21.45 35.87
CA LEU B 455 10.67 21.64 34.91
C LEU B 455 9.33 21.86 35.59
N GLU B 456 9.08 21.22 36.74
CA GLU B 456 7.83 21.48 37.43
C GLU B 456 7.72 22.96 37.82
N ARG B 457 8.82 23.55 38.31
CA ARG B 457 8.80 24.97 38.62
C ARG B 457 8.51 25.81 37.38
N VAL B 458 9.13 25.46 36.25
CA VAL B 458 8.96 26.23 35.01
C VAL B 458 7.52 26.16 34.55
N LEU B 459 6.94 24.96 34.55
CA LEU B 459 5.55 24.75 34.20
C LEU B 459 4.64 25.69 34.99
N LYS B 460 4.66 25.56 36.32
CA LYS B 460 3.76 26.37 37.15
C LYS B 460 4.03 27.87 37.02
N GLU B 461 5.25 28.29 36.67
CA GLU B 461 5.44 29.72 36.45
C GLU B 461 5.01 30.13 35.04
N GLU B 462 5.10 29.22 34.08
CA GLU B 462 4.58 29.50 32.74
C GLU B 462 3.06 29.51 32.70
N ASP B 463 2.41 28.68 33.51
CA ASP B 463 0.95 28.56 33.40
C ASP B 463 0.38 28.04 34.73
N SER B 464 -0.35 28.91 35.42
CA SER B 464 -1.01 28.57 36.67
C SER B 464 -2.43 28.06 36.48
N THR B 465 -2.91 27.97 35.24
CA THR B 465 -4.29 27.66 34.94
C THR B 465 -4.52 26.19 34.62
N ARG B 466 -3.47 25.37 34.66
CA ARG B 466 -3.56 24.01 34.16
C ARG B 466 -2.84 23.08 35.12
N ILE B 467 -3.13 21.80 34.98
CA ILE B 467 -2.63 20.73 35.84
C ILE B 467 -1.35 20.14 35.26
N SER B 468 -0.40 19.81 36.11
CA SER B 468 0.81 19.12 35.65
C SER B 468 0.67 17.61 35.81
N THR B 469 1.27 16.87 34.88
CA THR B 469 1.18 15.41 34.86
C THR B 469 2.53 14.79 34.46
N MET B 470 2.68 13.49 34.75
CA MET B 470 3.84 12.73 34.33
C MET B 470 3.44 11.27 34.11
N ALA B 471 4.07 10.61 33.13
CA ALA B 471 3.71 9.25 32.76
C ALA B 471 4.79 8.27 33.23
N PHE B 472 4.37 7.18 33.87
CA PHE B 472 5.26 6.20 34.48
C PHE B 472 5.18 4.88 33.72
N HIS B 473 6.32 4.17 33.62
CA HIS B 473 6.21 2.75 33.32
C HIS B 473 5.83 1.97 34.59
N GLY B 474 5.39 0.72 34.40
CA GLY B 474 4.65 -0.02 35.42
C GLY B 474 5.41 -0.50 36.65
N SER B 475 6.02 0.41 37.37
CA SER B 475 6.94 0.05 38.45
C SER B 475 6.70 1.00 39.60
N ASN B 476 6.91 0.50 40.83
CA ASN B 476 6.78 1.37 41.98
C ASN B 476 8.00 2.24 42.22
N SER B 477 9.10 2.00 41.52
CA SER B 477 10.29 2.83 41.68
C SER B 477 9.98 4.33 41.50
N TYR B 478 8.90 4.68 40.78
CA TYR B 478 8.51 6.08 40.64
C TYR B 478 7.96 6.64 41.95
N ASN B 479 7.29 5.81 42.75
CA ASN B 479 6.90 6.20 44.09
C ASN B 479 8.10 6.24 45.03
N GLU B 480 8.98 5.23 44.95
CA GLU B 480 10.11 5.15 45.88
C GLU B 480 11.13 6.26 45.64
N THR B 481 11.39 6.62 44.38
CA THR B 481 12.36 7.68 44.08
C THR B 481 11.86 9.09 44.37
N GLY B 482 10.60 9.26 44.76
CA GLY B 482 10.03 10.59 44.85
C GLY B 482 9.52 11.18 43.54
N LEU B 483 9.68 10.50 42.40
CA LEU B 483 9.25 11.11 41.16
C LEU B 483 7.74 11.36 41.14
N SER B 484 6.95 10.52 41.79
CA SER B 484 5.50 10.71 41.80
C SER B 484 5.05 11.76 42.81
N LYS B 485 5.96 12.42 43.49
CA LYS B 485 5.59 13.43 44.46
C LYS B 485 5.68 14.84 43.90
N ILE B 486 5.80 15.00 42.59
CA ILE B 486 6.24 16.24 41.97
C ILE B 486 5.11 16.92 41.21
N THR B 487 4.44 16.19 40.32
CA THR B 487 3.36 16.76 39.50
C THR B 487 1.99 16.56 40.16
N ASP B 488 0.99 17.27 39.62
CA ASP B 488 -0.34 17.32 40.23
C ASP B 488 -1.04 15.99 40.16
N ILE B 489 -0.90 15.27 39.06
CA ILE B 489 -1.53 13.98 38.84
C ILE B 489 -0.47 13.08 38.23
N VAL B 490 -0.82 11.81 38.09
CA VAL B 490 0.15 10.84 37.61
C VAL B 490 -0.52 9.95 36.58
N GLY B 491 0.28 9.47 35.63
CA GLY B 491 -0.17 8.52 34.62
C GLY B 491 0.65 7.25 34.67
N TRP B 492 -0.02 6.12 34.54
CA TRP B 492 0.62 4.81 34.52
C TRP B 492 0.46 4.17 33.13
N ASN B 493 1.57 3.77 32.54
CA ASN B 493 1.58 3.03 31.29
C ASN B 493 1.55 1.55 31.63
N LEU B 494 0.42 0.90 31.39
CA LEU B 494 0.20 -0.44 31.94
C LEU B 494 -0.10 -1.44 30.83
N TYR B 495 0.60 -2.58 30.88
CA TYR B 495 0.50 -3.56 29.80
C TYR B 495 0.47 -5.00 30.32
N GLN B 496 -0.04 -5.21 31.53
CA GLN B 496 -0.26 -6.57 32.02
C GLN B 496 -1.16 -7.35 31.07
N GLY B 497 -0.75 -8.56 30.72
CA GLY B 497 -1.45 -9.30 29.69
C GLY B 497 -0.94 -9.06 28.28
N TRP B 498 0.05 -8.19 28.10
CA TRP B 498 0.73 -8.06 26.82
C TRP B 498 2.21 -8.35 26.99
N TYR B 499 2.95 -7.51 27.70
CA TYR B 499 4.34 -7.73 28.05
C TYR B 499 4.49 -8.53 29.36
N GLY B 500 3.83 -9.67 29.49
CA GLY B 500 3.92 -10.44 30.71
C GLY B 500 2.75 -10.18 31.65
N GLY B 501 2.65 -11.04 32.65
CA GLY B 501 1.55 -10.98 33.58
C GLY B 501 0.24 -11.41 32.92
N ASP B 502 -0.82 -11.42 33.73
CA ASP B 502 -2.16 -11.71 33.25
C ASP B 502 -2.98 -10.42 33.17
N LEU B 503 -4.02 -10.47 32.34
CA LEU B 503 -4.91 -9.33 32.18
C LEU B 503 -5.39 -8.78 33.53
N THR B 504 -5.70 -9.66 34.48
CA THR B 504 -6.25 -9.18 35.75
C THR B 504 -5.22 -8.46 36.60
N GLY B 505 -3.93 -8.61 36.29
CA GLY B 505 -2.91 -7.80 36.94
C GLY B 505 -3.05 -6.31 36.67
N PHE B 506 -3.87 -5.93 35.70
CA PHE B 506 -4.07 -4.52 35.41
C PHE B 506 -4.91 -3.86 36.50
N GLU B 507 -6.13 -4.38 36.74
CA GLU B 507 -6.91 -3.86 37.86
C GLU B 507 -6.21 -4.08 39.21
N LYS B 508 -5.44 -5.16 39.36
CA LYS B 508 -4.75 -5.38 40.62
C LYS B 508 -3.74 -4.26 40.87
N PHE B 509 -2.90 -3.98 39.88
CA PHE B 509 -1.92 -2.90 40.00
C PHE B 509 -2.57 -1.57 40.34
N LEU B 510 -3.64 -1.20 39.63
CA LEU B 510 -4.30 0.05 39.94
C LEU B 510 -4.85 0.05 41.37
N ALA B 511 -5.41 -1.09 41.82
CA ALA B 511 -5.93 -1.14 43.18
C ALA B 511 -4.83 -0.97 44.21
N GLN B 512 -3.66 -1.58 43.96
N GLN B 512 -3.67 -1.57 43.96
CA GLN B 512 -2.54 -1.45 44.90
CA GLN B 512 -2.55 -1.46 44.89
C GLN B 512 -2.10 -0.01 45.01
C GLN B 512 -2.10 -0.01 45.01
N GLN B 513 -1.96 0.67 43.87
CA GLN B 513 -1.59 2.09 43.88
C GLN B 513 -2.61 2.93 44.63
N HIS B 514 -3.91 2.64 44.41
CA HIS B 514 -4.89 3.48 45.07
C HIS B 514 -4.89 3.26 46.58
N GLN B 515 -4.50 2.05 47.01
CA GLN B 515 -4.41 1.80 48.43
C GLN B 515 -3.23 2.55 49.03
N ASN B 516 -2.08 2.49 48.37
CA ASN B 516 -0.86 3.04 48.94
C ASN B 516 -0.68 4.52 48.67
N HIS B 517 -1.27 5.07 47.61
CA HIS B 517 -1.13 6.51 47.30
C HIS B 517 -2.48 7.08 46.91
N PRO B 518 -3.45 7.11 47.84
CA PRO B 518 -4.82 7.50 47.48
C PRO B 518 -4.97 8.97 47.11
N THR B 519 -4.02 9.84 47.46
CA THR B 519 -4.12 11.24 47.06
C THR B 519 -3.54 11.51 45.68
N HIS B 520 -2.91 10.54 45.05
CA HIS B 520 -2.39 10.81 43.71
C HIS B 520 -3.45 10.44 42.67
N PRO B 521 -4.12 11.43 42.07
CA PRO B 521 -5.15 11.09 41.08
C PRO B 521 -4.52 10.46 39.87
N MET B 522 -5.22 9.52 39.28
CA MET B 522 -4.63 8.55 38.38
C MET B 522 -5.33 8.58 37.03
N ILE B 523 -4.52 8.64 35.97
CA ILE B 523 -4.91 8.35 34.60
C ILE B 523 -4.10 7.14 34.13
N VAL B 524 -4.76 6.24 33.39
CA VAL B 524 -4.01 5.19 32.70
C VAL B 524 -3.53 5.79 31.38
N SER B 525 -2.30 6.32 31.39
CA SER B 525 -1.81 7.09 30.25
C SER B 525 -1.36 6.22 29.08
N GLU B 526 -1.12 4.92 29.30
CA GLU B 526 -0.93 4.02 28.17
C GLU B 526 -1.44 2.64 28.54
N TYR B 527 -2.16 2.04 27.61
CA TYR B 527 -2.47 0.62 27.63
C TYR B 527 -2.76 0.22 26.18
N GLY B 528 -2.38 -0.99 25.81
CA GLY B 528 -2.75 -1.52 24.50
C GLY B 528 -1.97 -2.78 24.20
N ALA B 529 -2.16 -3.28 22.97
CA ALA B 529 -1.59 -4.55 22.54
C ALA B 529 -1.45 -4.58 21.03
N GLY B 530 -0.44 -5.31 20.53
CA GLY B 530 -0.14 -5.31 19.11
C GLY B 530 -1.09 -6.17 18.30
N SER B 531 -1.29 -5.82 17.03
CA SER B 531 -2.11 -6.69 16.19
C SER B 531 -1.73 -6.57 14.71
N ASP B 532 -2.05 -7.62 13.98
CA ASP B 532 -1.61 -7.80 12.61
C ASP B 532 -2.79 -8.34 11.81
N LYS B 533 -3.24 -7.58 10.81
CA LYS B 533 -4.37 -8.03 10.01
C LYS B 533 -4.12 -9.39 9.39
N ARG B 534 -2.86 -9.80 9.22
CA ARG B 534 -2.54 -11.05 8.56
C ARG B 534 -2.80 -12.28 9.44
N LEU B 535 -2.95 -12.09 10.76
CA LEU B 535 -2.94 -13.18 11.74
C LEU B 535 -4.28 -13.32 12.47
N HIS B 536 -4.82 -14.54 12.49
CA HIS B 536 -6.03 -14.81 13.24
C HIS B 536 -5.89 -16.12 14.00
N SER B 537 -6.64 -16.26 15.10
CA SER B 537 -6.53 -17.45 15.94
C SER B 537 -7.85 -17.73 16.66
N LEU B 538 -8.22 -19.02 16.72
CA LEU B 538 -9.34 -19.44 17.54
C LEU B 538 -8.98 -19.55 19.01
N HIS B 539 -7.67 -19.55 19.31
CA HIS B 539 -7.15 -19.56 20.68
C HIS B 539 -6.11 -18.44 20.81
N PRO B 540 -6.56 -17.18 20.81
CA PRO B 540 -5.60 -16.06 20.83
C PRO B 540 -4.76 -16.07 22.10
N ARG B 541 -3.46 -15.80 21.93
CA ARG B 541 -2.52 -15.73 23.04
C ARG B 541 -1.61 -14.54 22.84
N ALA B 542 -1.09 -14.01 23.94
CA ALA B 542 -0.25 -12.83 23.86
C ALA B 542 0.97 -13.09 22.98
N PHE B 543 1.24 -12.17 22.07
CA PHE B 543 2.40 -12.17 21.21
C PHE B 543 2.30 -13.16 20.06
N ASP B 544 1.11 -13.67 19.76
CA ASP B 544 0.90 -14.20 18.42
C ASP B 544 0.56 -13.09 17.44
N PHE B 545 0.29 -11.88 17.92
CA PHE B 545 -0.08 -10.72 17.13
C PHE B 545 -1.38 -10.93 16.36
N SER B 546 -2.24 -11.84 16.81
CA SER B 546 -3.52 -12.02 16.14
C SER B 546 -4.42 -10.83 16.39
N ILE B 547 -5.27 -10.56 15.42
CA ILE B 547 -6.32 -9.56 15.62
C ILE B 547 -7.15 -9.89 16.86
N GLU B 548 -7.36 -11.18 17.13
CA GLU B 548 -8.26 -11.55 18.22
C GLU B 548 -7.63 -11.31 19.57
N TYR B 549 -6.30 -11.41 19.69
CA TYR B 549 -5.79 -11.24 21.04
C TYR B 549 -5.91 -9.78 21.49
N GLN B 550 -5.58 -8.83 20.60
CA GLN B 550 -5.74 -7.42 20.97
C GLN B 550 -7.17 -7.12 21.39
N GLN B 551 -8.14 -7.79 20.79
CA GLN B 551 -9.52 -7.57 21.19
C GLN B 551 -9.81 -8.14 22.57
N LYS B 552 -9.33 -9.36 22.84
CA LYS B 552 -9.46 -9.89 24.20
C LYS B 552 -8.84 -8.93 25.22
N TYR B 553 -7.66 -8.38 24.91
CA TYR B 553 -6.99 -7.44 25.81
C TYR B 553 -7.80 -6.16 26.01
N LEU B 554 -8.17 -5.50 24.91
CA LEU B 554 -8.98 -4.28 25.01
C LEU B 554 -10.36 -4.55 25.60
N GLU B 555 -10.99 -5.66 25.23
CA GLU B 555 -12.25 -6.03 25.86
C GLU B 555 -12.11 -6.17 27.36
N HIS B 556 -10.92 -6.50 27.86
CA HIS B 556 -10.77 -6.59 29.31
C HIS B 556 -10.59 -5.21 29.92
N TYR B 557 -9.80 -4.35 29.26
CA TYR B 557 -9.33 -3.12 29.89
C TYR B 557 -10.38 -2.04 29.94
N LEU B 558 -11.14 -1.88 28.87
CA LEU B 558 -12.08 -0.76 28.81
C LEU B 558 -13.07 -0.77 29.96
N PRO B 559 -13.76 -1.88 30.29
CA PRO B 559 -14.73 -1.83 31.40
C PRO B 559 -14.07 -1.50 32.74
N VAL B 560 -12.86 -2.00 32.99
CA VAL B 560 -12.11 -1.55 34.16
C VAL B 560 -11.98 -0.04 34.16
N LEU B 561 -11.65 0.54 33.00
CA LEU B 561 -11.50 1.99 32.94
C LEU B 561 -12.84 2.67 33.20
N GLU B 562 -13.91 2.22 32.53
CA GLU B 562 -15.21 2.85 32.71
C GLU B 562 -15.72 2.77 34.15
N ASP B 563 -15.59 1.61 34.80
CA ASP B 563 -16.36 1.35 36.03
C ASP B 563 -15.59 1.55 37.33
N THR B 564 -14.31 1.89 37.30
CA THR B 564 -13.56 2.13 38.53
C THR B 564 -13.56 3.62 38.82
N PRO B 565 -14.08 4.06 39.96
CA PRO B 565 -14.24 5.51 40.18
C PRO B 565 -12.94 6.28 40.39
N TYR B 566 -11.89 5.70 40.98
CA TYR B 566 -10.66 6.45 41.24
C TYR B 566 -9.71 6.44 40.04
N ILE B 567 -10.16 5.96 38.90
CA ILE B 567 -9.43 6.05 37.64
C ILE B 567 -10.06 7.18 36.85
N CYS B 568 -9.34 8.29 36.70
CA CYS B 568 -9.92 9.46 36.05
C CYS B 568 -10.24 9.15 34.60
N GLY B 569 -9.43 8.31 33.98
CA GLY B 569 -9.67 7.87 32.63
C GLY B 569 -8.44 7.14 32.14
N GLY B 570 -8.42 6.88 30.83
CA GLY B 570 -7.26 6.30 30.20
C GLY B 570 -7.07 6.91 28.82
N THR B 571 -5.85 6.76 28.31
CA THR B 571 -5.55 7.16 26.95
C THR B 571 -4.95 5.97 26.21
N HIS B 572 -5.73 5.38 25.31
CA HIS B 572 -5.31 4.16 24.63
C HIS B 572 -4.03 4.38 23.83
N TRP B 573 -3.14 3.38 23.89
CA TRP B 573 -1.90 3.40 23.14
C TRP B 573 -1.96 2.33 22.04
N ASN B 574 -2.09 2.76 20.78
CA ASN B 574 -2.10 4.16 20.38
C ASN B 574 -3.26 4.28 19.41
N PHE B 575 -3.60 5.48 18.94
CA PHE B 575 -4.69 5.51 17.97
C PHE B 575 -4.27 4.85 16.66
N ILE B 576 -3.00 5.01 16.26
CA ILE B 576 -2.50 4.53 14.97
C ILE B 576 -1.36 3.54 15.18
N ASP B 577 -1.22 2.63 14.21
CA ASP B 577 0.05 1.96 13.97
C ASP B 577 1.05 2.99 13.48
N PHE B 578 2.16 3.16 14.20
CA PHE B 578 3.09 4.27 13.96
C PHE B 578 4.53 3.79 13.86
N SER B 579 5.37 4.68 13.29
CA SER B 579 6.75 4.35 12.97
C SER B 579 7.60 4.29 14.24
N SER B 580 8.27 3.15 14.44
CA SER B 580 9.34 3.02 15.44
C SER B 580 10.40 2.16 14.76
N ALA B 581 11.45 2.82 14.28
CA ALA B 581 12.43 2.13 13.45
C ALA B 581 13.02 0.93 14.17
N LEU B 582 13.03 0.96 15.50
CA LEU B 582 13.77 -0.02 16.27
C LEU B 582 12.97 -1.28 16.53
N ARG B 583 11.71 -1.31 16.12
CA ARG B 583 10.85 -2.43 16.44
C ARG B 583 10.97 -3.51 15.38
N ASP B 584 10.95 -4.76 15.83
CA ASP B 584 10.81 -5.88 14.92
C ASP B 584 9.42 -6.45 15.11
N GLU B 585 9.31 -7.61 15.73
CA GLU B 585 8.00 -8.20 16.02
C GLU B 585 7.30 -8.48 14.67
N SER B 586 5.95 -8.44 14.65
CA SER B 586 5.25 -8.95 13.49
C SER B 586 5.28 -8.00 12.30
N MET B 587 5.52 -6.72 12.53
CA MET B 587 5.53 -5.72 11.46
C MET B 587 6.73 -4.80 11.69
N PRO B 588 7.92 -5.25 11.28
CA PRO B 588 9.15 -4.48 11.53
C PRO B 588 9.02 -3.02 11.10
N ARG B 589 9.59 -2.14 11.92
CA ARG B 589 9.58 -0.69 11.83
C ARG B 589 8.25 -0.10 12.36
N ILE B 590 7.21 -0.89 12.59
CA ILE B 590 5.90 -0.39 13.00
C ILE B 590 5.53 -0.90 14.39
N ASN B 591 5.05 0.01 15.23
CA ASN B 591 4.38 -0.33 16.48
C ASN B 591 2.91 -0.52 16.12
N ASN B 592 2.43 -1.77 16.21
CA ASN B 592 1.13 -2.12 15.65
C ASN B 592 0.01 -2.22 16.68
N LYS B 593 0.08 -1.41 17.74
CA LYS B 593 -0.98 -1.34 18.75
C LYS B 593 -2.09 -0.35 18.39
N GLY B 594 -2.18 0.05 17.13
CA GLY B 594 -3.18 1.03 16.73
C GLY B 594 -4.60 0.50 16.84
N LEU B 595 -5.54 1.45 16.96
CA LEU B 595 -6.94 1.16 16.68
C LEU B 595 -7.25 1.31 15.19
N VAL B 596 -6.33 1.93 14.44
CA VAL B 596 -6.45 2.06 12.99
C VAL B 596 -5.09 1.76 12.39
N TYR B 597 -5.10 1.18 11.20
CA TYR B 597 -3.87 0.89 10.49
C TYR B 597 -3.12 2.19 10.16
N ALA B 598 -1.86 2.05 9.74
CA ALA B 598 -1.06 3.21 9.40
C ALA B 598 -1.77 4.11 8.39
N ASP B 599 -2.37 3.53 7.37
CA ASP B 599 -3.06 4.35 6.39
C ASP B 599 -4.38 4.88 6.89
N ARG B 600 -4.74 4.62 8.14
CA ARG B 600 -5.89 5.19 8.81
C ARG B 600 -7.21 4.49 8.48
N THR B 601 -7.17 3.35 7.81
CA THR B 601 -8.31 2.45 7.83
C THR B 601 -8.48 1.92 9.24
N PRO B 602 -9.69 1.95 9.79
CA PRO B 602 -9.89 1.42 11.16
C PRO B 602 -9.79 -0.10 11.23
N LYS B 603 -9.21 -0.60 12.31
CA LYS B 603 -9.41 -2.00 12.62
C LYS B 603 -10.83 -2.22 13.15
N ASP B 604 -11.27 -3.48 13.13
CA ASP B 604 -12.56 -3.81 13.71
C ASP B 604 -12.71 -3.30 15.15
N VAL B 605 -11.68 -3.45 15.98
CA VAL B 605 -11.82 -3.10 17.39
C VAL B 605 -12.07 -1.59 17.61
N TYR B 606 -11.71 -0.75 16.66
CA TYR B 606 -12.14 0.65 16.65
C TYR B 606 -13.62 0.73 16.98
N HIS B 607 -14.41 -0.22 16.51
CA HIS B 607 -15.85 -0.12 16.66
C HIS B 607 -16.34 -0.71 17.97
N TYR B 608 -15.49 -1.46 18.66
CA TYR B 608 -15.77 -1.77 20.05
C TYR B 608 -15.72 -0.50 20.91
N TYR B 609 -14.71 0.35 20.68
CA TYR B 609 -14.70 1.66 21.33
C TYR B 609 -15.93 2.47 20.93
N GLN B 610 -16.23 2.56 19.64
CA GLN B 610 -17.33 3.39 19.20
C GLN B 610 -18.63 2.93 19.82
N ALA B 611 -18.87 1.61 19.83
CA ALA B 611 -20.10 1.06 20.39
C ALA B 611 -20.26 1.49 21.84
N ALA B 612 -19.17 1.49 22.60
CA ALA B 612 -19.22 1.76 24.03
C ALA B 612 -19.24 3.24 24.36
N TRP B 613 -18.78 4.09 23.45
CA TRP B 613 -18.58 5.51 23.73
C TRP B 613 -19.54 6.41 22.97
N ARG B 614 -20.27 5.91 21.98
CA ARG B 614 -21.25 6.68 21.22
C ARG B 614 -22.66 6.22 21.59
N LYS B 615 -23.37 7.01 22.37
CA LYS B 615 -24.76 6.68 22.66
C LYS B 615 -25.73 7.31 21.67
N ASP B 616 -25.31 8.36 20.97
CA ASP B 616 -26.20 9.20 20.16
C ASP B 616 -26.52 8.62 18.78
N ILE B 617 -25.80 7.59 18.33
CA ILE B 617 -26.07 6.94 17.05
C ILE B 617 -26.09 5.43 17.27
N PRO B 618 -26.76 4.69 16.39
CA PRO B 618 -26.59 3.23 16.41
C PRO B 618 -25.20 2.86 15.90
N VAL B 619 -24.59 1.89 16.59
CA VAL B 619 -23.36 1.26 16.14
C VAL B 619 -23.63 -0.23 16.00
N LEU B 620 -23.41 -0.78 14.80
CA LEU B 620 -23.54 -2.20 14.53
C LEU B 620 -22.47 -2.56 13.51
N HIS B 621 -21.38 -3.19 13.97
CA HIS B 621 -20.26 -3.47 13.08
C HIS B 621 -19.92 -4.94 13.09
N ILE B 622 -20.09 -5.59 11.94
CA ILE B 622 -19.61 -6.97 11.80
C ILE B 622 -18.08 -6.93 11.84
N ALA B 623 -17.50 -7.46 12.92
CA ALA B 623 -16.05 -7.46 13.16
C ALA B 623 -15.31 -8.42 12.24
N SER B 624 -15.38 -8.18 10.93
CA SER B 624 -14.68 -9.06 10.00
C SER B 624 -14.01 -8.32 8.85
N ARG B 625 -13.95 -6.98 8.87
CA ARG B 625 -13.08 -6.33 7.89
C ARG B 625 -11.63 -6.70 8.11
N ASP B 626 -11.26 -7.08 9.33
CA ASP B 626 -9.91 -7.54 9.60
C ASP B 626 -9.67 -8.99 9.22
N TRP B 627 -10.69 -9.67 8.69
CA TRP B 627 -10.60 -11.12 8.45
C TRP B 627 -11.45 -11.46 7.23
N THR B 628 -11.10 -10.88 6.07
CA THR B 628 -11.89 -11.03 4.85
C THR B 628 -11.44 -12.20 3.97
N ASP B 629 -10.35 -12.88 4.31
CA ASP B 629 -9.90 -14.01 3.51
C ASP B 629 -9.68 -15.19 4.45
N ARG B 630 -10.71 -16.03 4.56
CA ARG B 630 -10.70 -17.13 5.52
C ARG B 630 -10.55 -18.45 4.80
N ALA B 631 -10.04 -19.42 5.56
CA ALA B 631 -9.83 -20.78 5.10
C ALA B 631 -9.94 -21.70 6.31
N GLY B 632 -10.19 -22.99 6.05
CA GLY B 632 -10.33 -23.92 7.14
C GLY B 632 -10.37 -25.36 6.69
N VAL B 633 -10.12 -26.25 7.65
CA VAL B 633 -10.06 -27.67 7.38
C VAL B 633 -11.49 -28.23 7.38
N GLN B 634 -11.88 -28.80 6.26
CA GLN B 634 -13.24 -29.30 6.05
C GLN B 634 -13.26 -30.82 6.18
N GLN B 635 -14.14 -31.33 7.04
CA GLN B 635 -14.46 -32.77 7.07
C GLN B 635 -15.51 -33.08 6.02
N GLY B 636 -15.12 -33.90 5.04
CA GLY B 636 -16.06 -34.26 3.97
C GLY B 636 -16.57 -33.04 3.24
N ASN B 637 -17.89 -32.88 3.23
CA ASN B 637 -18.56 -31.71 2.67
C ASN B 637 -19.33 -30.95 3.76
N ALA B 638 -19.02 -31.21 5.01
CA ALA B 638 -19.65 -30.51 6.11
C ALA B 638 -19.10 -29.08 6.22
N PRO B 639 -19.90 -28.15 6.74
CA PRO B 639 -19.44 -26.76 6.86
C PRO B 639 -18.27 -26.66 7.82
N VAL B 640 -17.43 -25.65 7.59
CA VAL B 640 -16.35 -25.32 8.50
C VAL B 640 -16.77 -24.13 9.35
N TYR B 641 -16.73 -24.32 10.67
CA TYR B 641 -17.15 -23.30 11.62
C TYR B 641 -15.96 -22.43 12.02
N LEU B 642 -16.23 -21.12 12.13
CA LEU B 642 -15.27 -20.07 12.41
C LEU B 642 -16.02 -18.92 13.05
N PRO B 643 -15.45 -18.29 14.07
CA PRO B 643 -16.18 -17.23 14.76
C PRO B 643 -16.26 -15.97 13.92
N VAL B 644 -17.42 -15.33 13.94
CA VAL B 644 -17.62 -13.96 13.47
C VAL B 644 -18.13 -13.15 14.66
N LYS B 645 -17.32 -12.18 15.09
CA LYS B 645 -17.67 -11.31 16.20
C LYS B 645 -18.38 -10.06 15.70
N ILE B 646 -19.22 -9.50 16.56
CA ILE B 646 -19.95 -8.26 16.28
C ILE B 646 -19.66 -7.26 17.39
N TYR B 647 -19.44 -6.01 17.00
CA TYR B 647 -19.34 -4.87 17.92
C TYR B 647 -20.53 -3.93 17.69
N THR B 648 -21.24 -3.59 18.77
CA THR B 648 -22.51 -2.88 18.63
C THR B 648 -22.94 -2.37 19.99
N ASN B 649 -23.77 -1.33 19.98
CA ASN B 649 -24.41 -0.86 21.21
C ASN B 649 -25.87 -1.27 21.26
N LEU B 650 -26.33 -2.07 20.29
CA LEU B 650 -27.65 -2.67 20.35
C LEU B 650 -27.67 -3.78 21.39
N SER B 651 -28.84 -3.99 21.99
CA SER B 651 -28.96 -4.98 23.04
C SER B 651 -28.92 -6.40 22.50
N GLU B 652 -29.22 -6.58 21.22
CA GLU B 652 -29.47 -7.90 20.66
C GLU B 652 -29.29 -7.82 19.15
N VAL B 653 -28.61 -8.81 18.57
N VAL B 653 -28.60 -8.79 18.56
CA VAL B 653 -28.29 -8.81 17.15
CA VAL B 653 -28.29 -8.78 17.14
C VAL B 653 -28.61 -10.16 16.55
C VAL B 653 -28.58 -10.15 16.54
N GLU B 654 -28.93 -10.14 15.26
CA GLU B 654 -29.15 -11.35 14.49
C GLU B 654 -28.13 -11.40 13.36
N LEU B 655 -27.54 -12.57 13.14
CA LEU B 655 -26.55 -12.74 12.09
C LEU B 655 -27.02 -13.77 11.05
N PHE B 656 -26.91 -13.41 9.78
CA PHE B 656 -27.22 -14.28 8.66
C PHE B 656 -25.93 -14.56 7.91
N ILE B 657 -25.87 -15.71 7.24
CA ILE B 657 -24.85 -15.97 6.22
C ILE B 657 -25.57 -16.50 4.99
N ASP B 658 -25.37 -15.83 3.86
CA ASP B 658 -26.04 -16.18 2.61
C ASP B 658 -27.53 -16.41 2.87
N GLY B 659 -28.11 -15.50 3.64
CA GLY B 659 -29.55 -15.48 3.85
C GLY B 659 -30.05 -16.40 4.94
N ILE B 660 -29.19 -17.23 5.54
CA ILE B 660 -29.61 -18.16 6.58
C ILE B 660 -29.35 -17.52 7.93
N SER B 661 -30.39 -17.43 8.74
CA SER B 661 -30.26 -16.87 10.08
C SER B 661 -29.53 -17.83 10.99
N LEU B 662 -28.62 -17.27 11.80
CA LEU B 662 -27.89 -18.04 12.79
C LEU B 662 -28.41 -17.74 14.19
N GLY B 663 -29.60 -17.15 14.27
CA GLY B 663 -30.20 -16.82 15.54
C GLY B 663 -29.88 -15.41 15.98
N LYS B 664 -30.52 -15.04 17.08
CA LYS B 664 -30.32 -13.75 17.70
C LYS B 664 -29.51 -13.97 18.97
N GLN B 665 -28.64 -13.03 19.29
CA GLN B 665 -27.85 -13.12 20.50
C GLN B 665 -28.01 -11.84 21.30
N LYS B 666 -27.88 -11.98 22.61
CA LYS B 666 -27.89 -10.85 23.50
C LYS B 666 -26.47 -10.34 23.61
N THR B 667 -26.28 -9.03 23.46
CA THR B 667 -24.93 -8.47 23.50
C THR B 667 -24.51 -8.25 24.95
N GLU B 668 -23.23 -8.49 25.22
CA GLU B 668 -22.60 -8.14 26.48
C GLU B 668 -21.30 -7.41 26.18
N ASN B 669 -21.03 -6.36 26.94
CA ASN B 669 -19.79 -5.62 26.77
C ASN B 669 -19.63 -5.23 25.30
N TYR B 670 -20.75 -4.91 24.68
CA TYR B 670 -20.77 -4.31 23.36
C TYR B 670 -20.42 -5.29 22.26
N THR B 671 -20.51 -6.60 22.52
CA THR B 671 -20.06 -7.60 21.56
C THR B 671 -20.89 -8.87 21.68
N ALA B 672 -20.89 -9.66 20.59
CA ALA B 672 -21.42 -11.02 20.53
C ALA B 672 -20.60 -11.80 19.50
N THR B 673 -20.55 -13.12 19.64
CA THR B 673 -19.83 -13.94 18.66
C THR B 673 -20.69 -15.11 18.18
N PHE B 674 -20.75 -15.26 16.86
CA PHE B 674 -21.47 -16.36 16.24
C PHE B 674 -20.47 -17.39 15.72
N GLU B 675 -20.79 -18.67 15.90
CA GLU B 675 -20.08 -19.75 15.24
C GLU B 675 -20.72 -19.95 13.87
N VAL B 676 -20.01 -19.56 12.82
CA VAL B 676 -20.59 -19.44 11.49
C VAL B 676 -20.20 -20.65 10.64
N PRO B 677 -21.14 -21.29 9.99
CA PRO B 677 -20.78 -22.40 9.09
C PRO B 677 -20.44 -21.91 7.70
N PHE B 678 -19.16 -21.97 7.31
CA PHE B 678 -18.74 -21.56 5.98
C PHE B 678 -18.74 -22.75 5.04
N SER B 679 -19.18 -22.51 3.81
CA SER B 679 -19.14 -23.53 2.79
C SER B 679 -18.78 -22.85 1.47
N ASN B 680 -19.67 -21.98 1.01
CA ASN B 680 -19.51 -21.30 -0.27
C ASN B 680 -18.27 -20.40 -0.27
N ARG B 681 -17.81 -20.07 -1.49
CA ARG B 681 -16.54 -19.35 -1.70
C ARG B 681 -16.64 -17.86 -1.40
N ASN B 682 -17.80 -17.26 -1.61
CA ASN B 682 -17.97 -15.82 -1.49
C ASN B 682 -19.20 -15.49 -0.63
N PRO B 683 -19.17 -15.88 0.66
CA PRO B 683 -20.37 -15.71 1.49
C PRO B 683 -20.68 -14.23 1.76
N PHE B 684 -21.98 -13.94 1.90
CA PHE B 684 -22.43 -12.61 2.29
C PHE B 684 -22.92 -12.64 3.75
N LEU B 685 -22.25 -11.86 4.63
CA LEU B 685 -22.63 -11.75 6.04
C LEU B 685 -23.51 -10.51 6.26
N PHE B 686 -24.56 -10.69 7.06
CA PHE B 686 -25.60 -9.67 7.25
C PHE B 686 -26.07 -9.65 8.70
N ALA B 687 -26.09 -8.46 9.30
CA ALA B 687 -26.44 -8.28 10.70
C ALA B 687 -27.62 -7.31 10.84
N GLN B 688 -28.45 -7.55 11.84
CA GLN B 688 -29.69 -6.80 12.02
C GLN B 688 -30.02 -6.68 13.50
N GLY B 689 -30.55 -5.51 13.88
CA GLY B 689 -30.98 -5.22 15.24
C GLY B 689 -31.83 -3.96 15.29
N ASN B 690 -32.34 -3.65 16.49
CA ASN B 690 -33.13 -2.44 16.71
C ASN B 690 -32.43 -1.51 17.70
N TYR B 691 -32.41 -0.23 17.37
CA TYR B 691 -31.82 0.79 18.23
C TYR B 691 -32.75 2.00 18.22
N GLN B 692 -33.22 2.42 19.40
CA GLN B 692 -34.17 3.53 19.52
C GLN B 692 -35.30 3.41 18.52
N GLY B 693 -35.95 2.24 18.50
CA GLY B 693 -37.10 2.01 17.63
C GLY B 693 -36.85 2.11 16.14
N LYS B 694 -35.66 1.74 15.67
CA LYS B 694 -35.39 1.69 14.23
C LYS B 694 -34.58 0.45 13.93
N THR B 695 -34.62 0.04 12.68
CA THR B 695 -33.83 -1.09 12.23
C THR B 695 -32.43 -0.63 11.85
N VAL B 696 -31.43 -1.33 12.39
CA VAL B 696 -30.03 -1.11 12.07
C VAL B 696 -29.50 -2.36 11.36
N GLN B 697 -28.68 -2.15 10.34
CA GLN B 697 -28.18 -3.25 9.53
C GLN B 697 -26.73 -3.01 9.10
N ASP B 698 -26.05 -4.13 8.83
CA ASP B 698 -24.68 -4.10 8.34
C ASP B 698 -24.45 -5.36 7.50
N GLY B 699 -23.47 -5.29 6.60
CA GLY B 699 -23.13 -6.44 5.78
C GLY B 699 -21.84 -6.35 4.96
N LEU B 700 -21.22 -7.48 4.67
CA LEU B 700 -20.12 -7.50 3.74
C LEU B 700 -19.95 -8.90 3.18
N ARG B 701 -19.27 -8.96 2.05
CA ARG B 701 -18.80 -10.20 1.46
C ARG B 701 -17.42 -10.49 1.98
N ILE B 702 -17.12 -11.76 2.20
CA ILE B 702 -15.75 -12.17 2.42
C ILE B 702 -15.47 -13.39 1.57
N ASN B 703 -14.26 -13.90 1.68
CA ASN B 703 -13.82 -15.07 0.94
C ASN B 703 -13.63 -16.23 1.90
N PHE B 704 -14.02 -17.42 1.45
CA PHE B 704 -13.79 -18.63 2.22
C PHE B 704 -13.21 -19.70 1.33
N THR B 705 -12.13 -20.31 1.79
CA THR B 705 -11.48 -21.39 1.05
C THR B 705 -11.41 -22.66 1.88
N PRO B 706 -12.13 -23.72 1.50
CA PRO B 706 -12.05 -25.00 2.22
C PRO B 706 -10.85 -25.84 1.81
N ILE B 707 -10.19 -26.41 2.81
CA ILE B 707 -9.02 -27.28 2.65
C ILE B 707 -9.39 -28.65 3.19
N PRO B 708 -9.28 -29.72 2.41
CA PRO B 708 -9.80 -31.02 2.88
C PRO B 708 -8.91 -31.67 3.94
N ALA B 709 -9.57 -32.26 4.94
CA ALA B 709 -8.84 -33.01 5.95
C ALA B 709 -8.34 -34.35 5.43
N CYS B 710 -9.00 -34.91 4.42
CA CYS B 710 -8.67 -36.22 3.88
C CYS B 710 -8.51 -36.09 2.37
N LEU B 711 -7.31 -36.38 1.88
CA LEU B 711 -6.96 -36.05 0.51
C LEU B 711 -7.26 -37.23 -0.40
N ASP B 712 -7.71 -36.93 -1.61
CA ASP B 712 -8.00 -37.96 -2.60
C ASP B 712 -7.79 -37.36 -3.98
N ALA B 713 -7.97 -38.19 -5.01
CA ALA B 713 -7.74 -37.71 -6.37
C ALA B 713 -8.67 -36.55 -6.69
N ASN B 714 -9.94 -36.65 -6.30
CA ASN B 714 -10.91 -35.60 -6.60
C ASN B 714 -10.47 -34.27 -6.01
N ASN B 715 -10.22 -34.26 -4.72
CA ASN B 715 -10.11 -32.98 -4.04
C ASN B 715 -8.71 -32.38 -4.13
N LEU B 716 -7.76 -33.08 -4.77
CA LEU B 716 -6.42 -32.53 -4.93
C LEU B 716 -6.30 -31.61 -6.13
N LYS B 717 -7.15 -31.78 -7.14
CA LYS B 717 -7.09 -30.90 -8.29
C LYS B 717 -7.28 -29.46 -7.83
N GLY B 718 -6.33 -28.60 -8.18
CA GLY B 718 -6.41 -27.21 -7.79
C GLY B 718 -6.05 -26.91 -6.36
N LEU B 719 -5.64 -27.92 -5.58
CA LEU B 719 -5.39 -27.73 -4.16
C LEU B 719 -3.96 -27.24 -3.92
N GLU B 720 -3.82 -26.20 -3.09
CA GLU B 720 -2.51 -25.74 -2.63
C GLU B 720 -2.59 -25.74 -1.11
N LEU B 721 -2.31 -26.90 -0.49
CA LEU B 721 -2.41 -27.07 0.96
C LEU B 721 -1.20 -26.44 1.66
N ALA B 722 -1.42 -25.30 2.32
CA ALA B 722 -0.38 -24.49 2.96
C ALA B 722 -0.61 -24.44 4.47
N VAL B 723 0.47 -24.59 5.26
CA VAL B 723 0.36 -24.77 6.71
C VAL B 723 1.36 -23.86 7.40
N ASN B 724 0.88 -23.02 8.31
CA ASN B 724 1.72 -22.24 9.21
C ASN B 724 2.29 -23.11 10.33
N VAL B 725 3.33 -23.88 10.00
CA VAL B 725 3.85 -24.89 10.93
C VAL B 725 4.29 -24.23 12.24
N GLY B 726 3.94 -24.86 13.37
CA GLY B 726 4.38 -24.36 14.65
C GLY B 726 3.55 -23.24 15.23
N SER B 727 2.41 -22.89 14.60
CA SER B 727 1.57 -21.78 15.02
C SER B 727 0.12 -22.24 15.13
N GLN B 728 -0.61 -21.63 16.05
CA GLN B 728 -2.06 -21.78 16.08
C GLN B 728 -2.80 -20.68 15.31
N CYS B 729 -2.08 -19.82 14.58
CA CYS B 729 -2.69 -18.72 13.82
C CYS B 729 -2.80 -19.04 12.34
N PHE B 730 -3.98 -18.75 11.76
CA PHE B 730 -4.05 -18.55 10.30
C PHE B 730 -3.17 -17.35 9.91
N PHE B 731 -2.35 -17.53 8.86
CA PHE B 731 -1.55 -16.44 8.31
C PHE B 731 -1.93 -16.22 6.86
N THR B 732 -2.48 -15.06 6.56
CA THR B 732 -2.82 -14.70 5.19
C THR B 732 -1.83 -13.67 4.69
N SER B 733 -1.04 -14.05 3.69
CA SER B 733 -0.06 -13.14 3.08
C SER B 733 -0.78 -11.96 2.46
N ASP B 734 -0.36 -10.75 2.81
CA ASP B 734 -0.88 -9.61 2.07
C ASP B 734 -0.14 -9.41 0.75
N GLU B 735 0.76 -10.32 0.42
CA GLU B 735 1.47 -10.27 -0.85
C GLU B 735 0.99 -11.33 -1.83
N SER B 736 0.78 -12.56 -1.37
CA SER B 736 0.26 -13.63 -2.23
C SER B 736 -1.24 -13.84 -2.10
N GLN B 737 -1.83 -13.46 -0.96
CA GLN B 737 -3.25 -13.60 -0.63
C GLN B 737 -3.56 -15.02 -0.18
N LEU B 738 -2.55 -15.90 -0.19
CA LEU B 738 -2.66 -17.28 0.25
C LEU B 738 -2.68 -17.35 1.79
N THR B 739 -3.66 -18.08 2.35
CA THR B 739 -3.76 -18.33 3.79
C THR B 739 -3.02 -19.61 4.15
N TRP B 740 -2.20 -19.56 5.18
CA TRP B 740 -1.48 -20.71 5.72
C TRP B 740 -2.15 -21.13 7.03
N LEU B 741 -2.54 -22.42 7.12
CA LEU B 741 -3.45 -22.87 8.18
C LEU B 741 -2.70 -23.13 9.48
N PRO B 742 -3.39 -23.10 10.61
CA PRO B 742 -2.74 -23.49 11.87
C PRO B 742 -2.26 -24.92 11.77
N ASP B 743 -1.11 -25.19 12.38
CA ASP B 743 -0.60 -26.54 12.43
C ASP B 743 -1.63 -27.48 13.07
N GLN B 744 -1.55 -28.76 12.73
CA GLN B 744 -2.38 -29.78 13.34
C GLN B 744 -1.61 -31.09 13.38
N PRO B 745 -1.82 -31.92 14.40
CA PRO B 745 -1.08 -33.19 14.48
C PRO B 745 -1.59 -34.21 13.47
N TYR B 746 -0.68 -35.05 12.98
CA TYR B 746 -1.06 -36.07 12.02
C TYR B 746 -2.07 -37.04 12.61
N ALA B 747 -3.09 -37.37 11.82
CA ALA B 747 -4.12 -38.31 12.20
C ALA B 747 -4.36 -39.24 11.02
N ALA B 748 -4.68 -40.51 11.33
CA ALA B 748 -4.86 -41.50 10.30
C ALA B 748 -5.87 -41.02 9.27
N GLY B 749 -5.48 -41.03 8.00
CA GLY B 749 -6.33 -40.55 6.91
C GLY B 749 -6.22 -39.05 6.61
N SER B 750 -5.51 -38.30 7.44
CA SER B 750 -5.42 -36.86 7.29
C SER B 750 -3.96 -36.47 7.07
N TRP B 751 -3.53 -35.38 7.69
CA TRP B 751 -2.19 -34.84 7.50
C TRP B 751 -1.88 -33.99 8.71
N GLY B 752 -0.59 -33.74 8.92
CA GLY B 752 -0.15 -32.98 10.06
C GLY B 752 1.23 -33.40 10.49
N TYR B 753 1.64 -32.87 11.64
CA TYR B 753 3.00 -33.02 12.11
C TYR B 753 3.16 -34.25 13.00
N ILE B 754 4.42 -34.56 13.32
CA ILE B 754 4.78 -35.59 14.27
C ILE B 754 5.94 -35.09 15.12
N GLY B 755 5.72 -34.94 16.41
CA GLY B 755 6.80 -34.60 17.33
C GLY B 755 7.05 -33.12 17.42
N GLY B 756 7.96 -32.78 18.33
CA GLY B 756 8.44 -31.42 18.48
C GLY B 756 7.48 -30.54 19.25
N LYS B 757 7.86 -29.28 19.39
CA LYS B 757 7.10 -28.32 20.18
C LYS B 757 7.13 -26.95 19.50
N GLU B 758 6.17 -26.10 19.87
CA GLU B 758 6.06 -24.78 19.25
C GLU B 758 7.21 -23.89 19.66
N GLY B 759 7.67 -23.04 18.73
CA GLY B 759 8.66 -22.04 19.03
C GLY B 759 8.30 -20.72 18.35
N THR B 760 8.83 -19.63 18.90
CA THR B 760 8.39 -18.29 18.49
C THR B 760 9.51 -17.28 18.66
N ALA B 761 9.85 -16.56 17.60
CA ALA B 761 10.78 -15.45 17.69
C ALA B 761 10.07 -14.11 17.44
N GLN B 762 10.69 -13.05 17.92
CA GLN B 762 10.23 -11.72 17.56
C GLN B 762 11.20 -10.97 16.65
N THR B 763 12.42 -11.48 16.48
CA THR B 763 13.39 -10.86 15.58
C THR B 763 12.86 -10.81 14.14
N GLU B 764 13.25 -9.75 13.45
CA GLU B 764 12.88 -9.59 12.05
C GLU B 764 13.48 -10.73 11.20
N ILE B 765 12.71 -11.18 10.22
CA ILE B 765 13.11 -12.29 9.36
C ILE B 765 13.51 -11.73 7.99
N GLN B 766 14.77 -11.92 7.60
CA GLN B 766 15.27 -11.45 6.31
C GLN B 766 14.60 -12.21 5.16
N ASN B 767 14.47 -11.52 4.01
CA ASN B 767 14.16 -12.16 2.71
C ASN B 767 12.76 -12.76 2.65
N THR B 768 11.81 -12.21 3.40
CA THR B 768 10.41 -12.53 3.16
C THR B 768 9.54 -11.32 3.49
N ALA B 769 8.47 -11.17 2.73
CA ALA B 769 7.42 -10.24 3.10
C ALA B 769 6.50 -10.84 4.16
N ASP B 770 6.59 -12.15 4.38
CA ASP B 770 5.69 -12.87 5.27
C ASP B 770 6.38 -13.27 6.56
N GLY B 771 7.02 -12.32 7.23
CA GLY B 771 7.72 -12.57 8.46
C GLY B 771 7.01 -13.48 9.43
N PRO B 772 5.80 -13.10 9.85
CA PRO B 772 5.09 -13.93 10.85
C PRO B 772 5.06 -15.41 10.54
N LEU B 773 5.04 -15.81 9.26
CA LEU B 773 5.05 -17.23 8.92
C LEU B 773 6.35 -17.89 9.33
N PHE B 774 7.46 -17.16 9.24
CA PHE B 774 8.77 -17.70 9.59
C PHE B 774 9.16 -17.45 11.05
N GLN B 775 8.48 -16.55 11.75
CA GLN B 775 8.79 -16.39 13.17
C GLN B 775 8.28 -17.55 14.03
N THR B 776 7.47 -18.46 13.49
CA THR B 776 7.00 -19.60 14.24
C THR B 776 7.42 -20.89 13.54
N LEU B 777 7.83 -21.88 14.33
CA LEU B 777 8.24 -23.17 13.80
C LEU B 777 7.91 -24.25 14.81
N ARG B 778 7.96 -25.50 14.31
CA ARG B 778 7.95 -26.67 15.18
C ARG B 778 9.40 -27.06 15.41
N ASN B 779 9.87 -26.89 16.64
CA ASN B 779 11.22 -27.27 17.00
C ASN B 779 11.27 -28.75 17.38
N GLU B 780 12.38 -29.39 17.06
CA GLU B 780 12.59 -30.83 17.29
C GLU B 780 11.56 -31.68 16.54
N ILE B 781 11.04 -31.15 15.43
CA ILE B 781 10.05 -31.91 14.67
C ILE B 781 10.66 -33.27 14.29
N GLU B 782 9.79 -34.27 14.17
CA GLU B 782 10.21 -35.59 13.74
C GLU B 782 9.71 -35.91 12.35
N GLY B 783 8.51 -35.45 12.02
CA GLY B 783 8.02 -35.74 10.69
C GLY B 783 6.85 -34.82 10.39
N TYR B 784 6.45 -34.87 9.13
CA TYR B 784 5.22 -34.28 8.65
C TYR B 784 4.69 -35.24 7.59
N ARG B 785 3.40 -35.56 7.66
CA ARG B 785 2.89 -36.62 6.81
C ARG B 785 1.55 -36.21 6.22
N PHE B 786 1.37 -36.49 4.93
CA PHE B 786 0.09 -36.40 4.27
C PHE B 786 -0.26 -37.79 3.73
N ASP B 787 -1.44 -38.26 4.05
CA ASP B 787 -1.95 -39.48 3.45
C ASP B 787 -2.58 -39.05 2.14
N ALA B 788 -2.03 -39.50 1.04
CA ALA B 788 -2.45 -38.99 -0.25
C ALA B 788 -2.22 -40.06 -1.29
N PRO B 789 -2.91 -40.00 -2.38
CA PRO B 789 -2.77 -41.05 -3.40
C PRO B 789 -1.41 -41.07 -4.09
N GLN B 790 -1.23 -42.01 -5.01
CA GLN B 790 0.04 -42.14 -5.71
C GLN B 790 0.13 -41.11 -6.82
N GLY B 791 1.26 -40.42 -6.91
CA GLY B 791 1.44 -39.48 -7.98
C GLY B 791 2.68 -38.65 -7.73
N VAL B 792 2.82 -37.58 -8.53
CA VAL B 792 3.95 -36.67 -8.41
C VAL B 792 3.48 -35.41 -7.69
N TYR B 793 4.19 -35.04 -6.63
CA TYR B 793 3.82 -33.92 -5.79
C TYR B 793 4.95 -32.91 -5.69
N GLU B 794 4.57 -31.64 -5.57
CA GLU B 794 5.49 -30.55 -5.28
C GLU B 794 5.40 -30.29 -3.78
N ILE B 795 6.52 -30.41 -3.09
CA ILE B 795 6.60 -30.15 -1.66
C ILE B 795 7.49 -28.95 -1.46
N GLU B 796 6.98 -27.93 -0.75
CA GLU B 796 7.76 -26.76 -0.36
C GLU B 796 7.93 -26.79 1.14
N LEU B 797 9.19 -26.67 1.59
CA LEU B 797 9.50 -26.55 3.00
C LEU B 797 10.02 -25.15 3.31
N LEU B 798 9.74 -24.68 4.52
CA LEU B 798 10.07 -23.33 4.95
C LEU B 798 10.93 -23.40 6.19
N PHE B 799 12.07 -22.69 6.17
CA PHE B 799 13.05 -22.75 7.25
C PHE B 799 13.51 -21.35 7.64
N THR B 800 13.67 -21.15 8.95
CA THR B 800 14.39 -20.02 9.54
C THR B 800 14.89 -20.50 10.89
N ASP B 801 16.20 -20.48 11.09
CA ASP B 801 16.76 -20.82 12.39
C ASP B 801 16.59 -19.61 13.31
N ILE B 802 15.76 -19.75 14.35
CA ILE B 802 15.53 -18.63 15.26
C ILE B 802 16.34 -18.74 16.54
N PHE B 803 17.19 -19.76 16.68
CA PHE B 803 17.96 -19.96 17.91
C PHE B 803 19.41 -19.54 17.71
N ARG B 804 19.61 -18.24 17.49
CA ARG B 804 20.95 -17.69 17.39
C ARG B 804 21.81 -18.04 18.60
N ARG B 805 21.16 -18.45 19.70
CA ARG B 805 21.88 -18.98 20.85
C ARG B 805 22.98 -19.94 20.41
N ASN B 806 22.61 -20.94 19.61
CA ASN B 806 23.55 -21.94 19.10
C ASN B 806 24.77 -21.25 18.48
N ARG B 822 24.68 -27.95 19.32
CA ARG B 822 25.35 -26.93 18.50
C ARG B 822 24.43 -26.42 17.39
N GLU B 823 25.02 -26.00 16.27
CA GLU B 823 24.25 -25.39 15.20
C GLU B 823 23.46 -26.44 14.43
N SER B 824 22.16 -26.20 14.30
CA SER B 824 21.26 -27.20 13.72
C SER B 824 21.66 -27.55 12.30
N THR B 825 21.77 -28.85 12.04
CA THR B 825 22.01 -29.43 10.73
C THR B 825 21.26 -30.76 10.71
N PHE B 826 20.60 -31.07 9.61
CA PHE B 826 19.83 -32.30 9.59
C PHE B 826 19.56 -32.73 8.16
N GLY B 827 19.26 -34.02 8.00
CA GLY B 827 18.85 -34.57 6.74
C GLY B 827 17.33 -34.67 6.68
N ILE B 828 16.82 -34.85 5.47
CA ILE B 828 15.38 -34.98 5.27
C ILE B 828 15.14 -36.05 4.23
N SER B 829 14.20 -36.94 4.51
CA SER B 829 13.82 -37.96 3.56
C SER B 829 12.33 -37.85 3.29
N ILE B 830 11.88 -38.41 2.18
CA ILE B 830 10.45 -38.44 1.92
C ILE B 830 10.11 -39.82 1.37
N ASN B 831 9.31 -40.57 2.12
CA ASN B 831 9.05 -41.99 1.86
C ASN B 831 10.36 -42.78 1.75
N GLY B 832 11.40 -42.32 2.43
CA GLY B 832 12.67 -43.02 2.44
C GLY B 832 13.65 -42.55 1.40
N GLU B 833 13.30 -41.54 0.60
CA GLU B 833 14.19 -40.98 -0.40
C GLU B 833 14.82 -39.72 0.16
N VAL B 834 16.13 -39.76 0.40
CA VAL B 834 16.83 -38.58 0.88
C VAL B 834 16.59 -37.42 -0.08
N VAL B 835 16.20 -36.26 0.46
CA VAL B 835 16.15 -35.03 -0.31
C VAL B 835 17.05 -33.95 0.26
N GLU B 836 17.60 -34.15 1.47
CA GLU B 836 18.62 -33.26 2.02
C GLU B 836 19.53 -34.11 2.90
N GLU B 837 20.82 -34.16 2.56
CA GLU B 837 21.80 -34.93 3.33
C GLU B 837 22.25 -34.19 4.59
N SER B 838 22.63 -32.92 4.46
CA SER B 838 22.97 -32.10 5.63
C SER B 838 22.52 -30.67 5.34
N LEU B 839 21.27 -30.37 5.67
CA LEU B 839 20.74 -29.03 5.56
C LEU B 839 21.03 -28.26 6.84
N SER B 840 21.67 -27.10 6.73
CA SER B 840 21.84 -26.18 7.86
C SER B 840 21.47 -24.76 7.44
N PRO B 841 20.23 -24.34 7.69
CA PRO B 841 19.82 -22.97 7.33
C PRO B 841 20.73 -21.88 7.85
N CYS B 842 21.28 -22.02 9.06
CA CYS B 842 22.09 -20.94 9.60
C CYS B 842 23.48 -20.91 8.99
N LYS B 843 24.00 -22.04 8.55
CA LYS B 843 25.27 -22.00 7.82
C LYS B 843 25.05 -21.54 6.40
N GLU B 844 24.05 -22.06 5.72
CA GLU B 844 23.83 -21.64 4.34
C GLU B 844 23.32 -20.20 4.25
N SER B 845 22.37 -19.82 5.11
CA SER B 845 21.77 -18.49 5.04
C SER B 845 22.04 -17.60 6.24
N GLY B 846 22.35 -18.16 7.40
CA GLY B 846 22.44 -17.37 8.61
C GLY B 846 21.18 -17.48 9.45
N TYR B 847 21.24 -16.91 10.64
CA TYR B 847 20.08 -16.89 11.51
C TYR B 847 19.05 -15.86 11.02
N PHE B 848 17.77 -16.13 11.35
CA PHE B 848 16.67 -15.17 11.13
C PHE B 848 16.55 -14.77 9.66
N ARG B 849 16.70 -15.74 8.77
CA ARG B 849 16.61 -15.50 7.35
C ARG B 849 15.80 -16.60 6.71
N ALA B 850 14.89 -16.21 5.82
CA ALA B 850 13.99 -17.16 5.17
C ALA B 850 14.73 -18.07 4.20
N LEU B 851 14.39 -19.37 4.25
CA LEU B 851 14.68 -20.32 3.17
C LEU B 851 13.37 -20.98 2.76
N ARG B 852 13.11 -21.01 1.45
CA ARG B 852 11.95 -21.69 0.90
C ARG B 852 12.46 -22.64 -0.19
N LYS B 853 12.34 -23.94 0.03
CA LYS B 853 12.91 -24.95 -0.85
C LYS B 853 11.81 -25.84 -1.39
N LYS B 854 11.77 -25.99 -2.70
CA LYS B 854 10.75 -26.82 -3.35
C LYS B 854 11.38 -28.11 -3.87
N TYR B 855 10.67 -29.22 -3.68
CA TYR B 855 11.10 -30.53 -4.15
C TYR B 855 9.99 -31.15 -4.98
N TYR B 856 10.37 -31.88 -6.02
CA TYR B 856 9.43 -32.72 -6.75
C TYR B 856 9.66 -34.15 -6.31
N ILE B 857 8.60 -34.84 -5.89
CA ILE B 857 8.74 -36.21 -5.44
C ILE B 857 7.64 -37.05 -6.05
N THR B 858 7.99 -38.28 -6.41
CA THR B 858 7.07 -39.27 -6.93
C THR B 858 6.66 -40.19 -5.79
N ASN B 859 5.36 -40.19 -5.47
CA ASN B 859 4.84 -40.99 -4.37
C ASN B 859 4.26 -42.27 -4.94
N ASP B 860 4.86 -43.41 -4.59
CA ASP B 860 4.29 -44.70 -4.97
C ASP B 860 3.64 -45.41 -3.80
N LYS B 861 3.39 -44.69 -2.69
CA LYS B 861 2.66 -45.19 -1.53
C LYS B 861 1.29 -44.51 -1.45
N GLU B 862 0.62 -44.70 -0.32
CA GLU B 862 -0.65 -44.03 -0.04
C GLU B 862 -0.48 -42.96 1.03
N TYR B 863 0.78 -42.59 1.29
CA TYR B 863 1.13 -41.55 2.22
C TYR B 863 2.38 -40.87 1.69
N ILE B 864 2.60 -39.64 2.14
CA ILE B 864 3.82 -38.87 1.88
C ILE B 864 4.45 -38.61 3.24
N ASP B 865 5.47 -39.36 3.59
CA ASP B 865 5.99 -39.34 4.94
C ASP B 865 7.33 -38.62 4.92
N ILE B 866 7.34 -37.39 5.43
CA ILE B 866 8.54 -36.58 5.53
C ILE B 866 9.14 -36.79 6.91
N ARG B 867 10.34 -37.35 6.97
CA ARG B 867 11.04 -37.56 8.24
C ARG B 867 12.28 -36.69 8.32
N PHE B 868 12.56 -36.21 9.53
CA PHE B 868 13.73 -35.41 9.83
C PHE B 868 14.72 -36.26 10.62
N HIS B 869 16.01 -36.03 10.35
CA HIS B 869 17.09 -36.89 10.83
C HIS B 869 18.19 -36.00 11.40
N SER B 870 18.25 -35.87 12.72
CA SER B 870 19.15 -34.90 13.32
C SER B 870 20.61 -35.22 13.01
N THR B 871 21.44 -34.18 13.08
CA THR B 871 22.89 -34.31 12.91
C THR B 871 23.61 -33.46 13.96
N SER B 872 23.11 -32.24 14.17
CA SER B 872 23.48 -31.39 15.30
C SER B 872 22.39 -30.35 15.50
N GLY B 873 22.38 -29.71 16.67
CA GLY B 873 21.26 -28.88 17.03
C GLY B 873 19.95 -29.66 16.93
N THR B 874 18.91 -28.98 16.45
CA THR B 874 17.58 -29.56 16.39
C THR B 874 17.04 -29.55 14.97
N CYS B 875 16.11 -30.45 14.70
CA CYS B 875 15.30 -30.36 13.51
C CYS B 875 14.17 -29.36 13.75
N PHE B 876 13.83 -28.59 12.73
CA PHE B 876 12.71 -27.66 12.83
C PHE B 876 12.16 -27.41 11.44
N LEU B 877 10.94 -26.88 11.39
CA LEU B 877 10.22 -26.62 10.15
C LEU B 877 9.23 -25.49 10.42
N ASN B 878 9.30 -24.41 9.64
CA ASN B 878 8.48 -23.23 9.89
C ASN B 878 7.26 -23.15 8.99
N GLY B 879 7.26 -23.88 7.87
CA GLY B 879 6.13 -23.98 6.97
C GLY B 879 6.21 -25.12 5.98
N ILE B 880 5.06 -25.62 5.56
CA ILE B 880 5.01 -26.66 4.55
C ILE B 880 3.85 -26.35 3.63
N LYS B 881 4.02 -26.65 2.33
CA LYS B 881 2.97 -26.44 1.36
C LYS B 881 3.03 -27.52 0.28
N LEU B 882 1.90 -28.16 0.01
CA LEU B 882 1.82 -29.32 -0.88
C LEU B 882 0.88 -29.07 -2.04
N ARG B 883 1.30 -29.44 -3.24
CA ARG B 883 0.44 -29.47 -4.42
C ARG B 883 0.65 -30.79 -5.13
N ASN B 884 -0.41 -31.25 -5.79
CA ASN B 884 -0.28 -32.40 -6.66
C ASN B 884 0.02 -31.95 -8.07
N ILE B 885 1.06 -32.53 -8.66
CA ILE B 885 1.48 -32.24 -10.02
C ILE B 885 0.91 -33.27 -10.99
N TYR B 886 1.26 -34.55 -10.79
CA TYR B 886 0.71 -35.61 -11.62
C TYR B 886 -0.04 -36.67 -10.83
#